data_6B5V
#
_entry.id   6B5V
#
_cell.length_a   1
_cell.length_b   1
_cell.length_c   1
_cell.angle_alpha   90.00
_cell.angle_beta   90.00
_cell.angle_gamma   90.00
#
_symmetry.space_group_name_H-M   'P 1'
#
loop_
_entity.id
_entity.type
_entity.pdbx_description
1 polymer 'Transient receptor potential cation channel subfamily V member 5'
2 non-polymer 1-[(2R)-2-[(4-chlorobenzyl)oxy]-2-(2,4-dichlorophenyl)ethyl]-1H-imidazole
3 non-polymer 'CALCIUM ION'
#
_entity_poly.entity_id   1
_entity_poly.type   'polypeptide(L)'
_entity_poly.pdbx_seq_one_letter_code
;MGACPPKAKGPWAQLQKLLISWPVGEQDWEQYRDRVNMLQQERIRDSPLLQAAKENDLRLLKILLLNQSCDFQQRGAVGE
TALHVAALYDNLEAATLLMEAAPELAKEPALCEPFVGQTALHIAVMNQNLNLVRALLARGASVSARATGAAFRRSPHNLI
YYGEHPLSFAACVGSEEIVRLLIEHGADIRAQDSLGNTVLHILILQPNKTFACQMYNLLLSYDEHSDHLQSLELVPNHQG
LTPFKLAGVEGNTVMFQHLMQKRKHVQWTCGPLTSTLYDLTEIDSWGEELSFLELVVSSKKREARQILEQTPVKELVSFK
WKKYGRPYFCVLASLYILYMICFTTCCIYRPLKLRDDNRTDPRDITILQQKLLQEAYVTHQDNIRLVGELVTVTGAVIIL
LLEIPDIFRVGASRYFGQTILGGPFHVIIITYASLVLLTMVMRLTNMNGEVVPLSFALVLGWCSVMYFARGFQMLGPFTI
MIQKMIFGDLMRFCWLMAVVILGFASAFHITFQTEDPNNLGEFSDYPTALFSTFELFLTIIDGPANYSVDLPFMYCITYA
AFAIIATLLMLNLFIAMMGDTHWRVAQERDELWRAQVVATTVMLERKMPRFLWPRSGICGYEYGLGDRWFLRVENHHDQN
PLRVLRYVEAFKCSDKEDGQEQLSEKRPSTVESGMLSRASVAFQTPSLSRTTSQSSNSHRGWEILRRNTLGHLNLGLDLG
EGDGEEVYHF
;
_entity_poly.pdbx_strand_id   A,B,D,C
#
loop_
_chem_comp.id
_chem_comp.type
_chem_comp.name
_chem_comp.formula
CA non-polymer 'CALCIUM ION' 'Ca 2'
ECL non-polymer 1-[(2R)-2-[(4-chlorobenzyl)oxy]-2-(2,4-dichlorophenyl)ethyl]-1H-imidazole 'C18 H15 Cl3 N2 O'
#
# COMPACT_ATOMS: atom_id res chain seq x y z
N TRP A 29 -39.76 -17.54 0.37
CA TRP A 29 -40.31 -18.61 -0.45
C TRP A 29 -40.39 -18.21 -1.92
N GLU A 30 -39.22 -18.04 -2.54
CA GLU A 30 -39.19 -17.70 -3.96
C GLU A 30 -39.59 -18.87 -4.83
N GLN A 31 -39.28 -20.10 -4.38
CA GLN A 31 -39.70 -21.30 -5.10
C GLN A 31 -41.21 -21.51 -5.03
N TYR A 32 -41.90 -20.92 -4.06
CA TYR A 32 -43.36 -20.96 -4.04
C TYR A 32 -43.94 -20.11 -5.17
N ARG A 33 -43.30 -18.97 -5.47
CA ARG A 33 -43.63 -18.23 -6.68
C ARG A 33 -43.23 -19.01 -7.92
N ASP A 34 -42.13 -19.76 -7.86
CA ASP A 34 -41.67 -20.55 -8.99
C ASP A 34 -42.51 -21.81 -9.22
N ARG A 35 -43.53 -22.07 -8.39
CA ARG A 35 -44.40 -23.21 -8.63
C ARG A 35 -45.32 -22.99 -9.82
N VAL A 36 -45.75 -21.75 -10.04
CA VAL A 36 -46.87 -21.46 -10.94
C VAL A 36 -46.45 -20.73 -12.21
N ASN A 37 -45.17 -20.47 -12.41
CA ASN A 37 -44.76 -19.64 -13.55
C ASN A 37 -44.66 -20.46 -14.84
N MET A 38 -44.07 -21.65 -14.78
CA MET A 38 -43.92 -22.43 -16.00
C MET A 38 -45.17 -23.22 -16.36
N LEU A 39 -46.25 -23.10 -15.57
CA LEU A 39 -47.49 -23.79 -15.89
C LEU A 39 -48.14 -23.21 -17.14
N GLN A 40 -48.00 -21.90 -17.36
CA GLN A 40 -48.73 -21.23 -18.44
C GLN A 40 -48.07 -21.46 -19.79
N GLN A 41 -46.73 -21.50 -19.82
CA GLN A 41 -45.96 -21.49 -21.06
C GLN A 41 -46.09 -22.77 -21.86
N GLU A 42 -46.55 -23.86 -21.24
CA GLU A 42 -46.93 -25.04 -22.01
C GLU A 42 -48.38 -25.45 -21.83
N ARG A 43 -49.14 -24.75 -20.97
CA ARG A 43 -50.60 -24.90 -21.06
C ARG A 43 -51.14 -24.21 -22.30
N ILE A 44 -50.49 -23.11 -22.73
CA ILE A 44 -50.83 -22.55 -24.03
C ILE A 44 -50.39 -23.49 -25.16
N ARG A 45 -49.35 -24.25 -24.88
CA ARG A 45 -48.87 -25.28 -25.79
C ARG A 45 -49.87 -26.45 -25.92
N ASP A 46 -50.51 -26.81 -24.80
CA ASP A 46 -51.41 -27.96 -24.76
C ASP A 46 -52.65 -27.73 -25.62
N SER A 47 -53.45 -26.72 -25.26
CA SER A 47 -54.66 -26.39 -26.01
C SER A 47 -54.28 -25.64 -27.27
N PRO A 48 -54.52 -26.21 -28.47
CA PRO A 48 -53.96 -25.62 -29.70
C PRO A 48 -54.79 -24.50 -30.30
N LEU A 49 -55.71 -23.93 -29.54
CA LEU A 49 -56.68 -22.98 -30.11
C LEU A 49 -56.44 -21.53 -29.69
N LEU A 50 -55.41 -21.23 -28.91
CA LEU A 50 -55.25 -19.87 -28.41
C LEU A 50 -53.82 -19.32 -28.51
N GLN A 51 -52.82 -20.20 -28.61
CA GLN A 51 -51.44 -19.75 -28.54
C GLN A 51 -50.90 -19.21 -29.85
N ALA A 52 -51.69 -19.25 -30.93
CA ALA A 52 -51.20 -18.89 -32.26
C ALA A 52 -50.86 -17.41 -32.40
N ALA A 53 -51.33 -16.57 -31.48
CA ALA A 53 -50.90 -15.17 -31.49
C ALA A 53 -49.48 -15.03 -30.97
N LYS A 54 -49.02 -15.96 -30.14
CA LYS A 54 -47.68 -15.86 -29.56
C LYS A 54 -46.60 -16.18 -30.60
N GLU A 55 -46.90 -17.04 -31.56
CA GLU A 55 -45.96 -17.42 -32.62
C GLU A 55 -46.46 -16.95 -33.98
N ASN A 56 -46.86 -15.67 -34.04
CA ASN A 56 -47.18 -14.82 -35.20
C ASN A 56 -47.89 -15.49 -36.36
N ASP A 57 -48.88 -16.33 -36.05
CA ASP A 57 -49.67 -16.99 -37.08
C ASP A 57 -50.65 -15.99 -37.69
N LEU A 58 -50.83 -16.07 -39.00
CA LEU A 58 -51.70 -15.15 -39.72
C LEU A 58 -52.86 -15.84 -40.40
N ARG A 59 -52.60 -16.83 -41.25
CA ARG A 59 -53.65 -17.38 -42.10
C ARG A 59 -54.53 -18.36 -41.33
N LEU A 60 -53.92 -19.26 -40.55
CA LEU A 60 -54.69 -20.15 -39.69
C LEU A 60 -55.26 -19.43 -38.48
N LEU A 61 -54.75 -18.24 -38.15
CA LEU A 61 -55.31 -17.46 -37.06
C LEU A 61 -56.63 -16.84 -37.47
N LYS A 62 -56.79 -16.56 -38.77
CA LYS A 62 -58.03 -16.01 -39.30
C LYS A 62 -59.11 -17.06 -39.54
N ILE A 63 -58.83 -18.32 -39.26
CA ILE A 63 -59.80 -19.38 -39.50
C ILE A 63 -60.56 -19.76 -38.24
N LEU A 64 -59.85 -19.89 -37.11
CA LEU A 64 -60.42 -20.49 -35.92
C LEU A 64 -61.42 -19.60 -35.19
N LEU A 65 -61.45 -18.30 -35.49
CA LEU A 65 -62.32 -17.40 -34.74
C LEU A 65 -63.75 -17.34 -35.28
N LEU A 66 -63.97 -17.72 -36.54
CA LEU A 66 -65.30 -17.60 -37.12
C LEU A 66 -66.09 -18.90 -37.03
N ASN A 67 -65.41 -20.05 -37.10
CA ASN A 67 -66.11 -21.33 -37.10
C ASN A 67 -66.65 -21.72 -35.74
N GLN A 68 -66.09 -21.17 -34.66
CA GLN A 68 -66.49 -21.52 -33.31
C GLN A 68 -66.81 -20.27 -32.51
N SER A 69 -67.61 -20.45 -31.45
CA SER A 69 -67.85 -19.39 -30.46
C SER A 69 -66.89 -19.56 -29.29
N CYS A 70 -65.61 -19.51 -29.60
CA CYS A 70 -64.53 -19.83 -28.67
C CYS A 70 -63.48 -18.72 -28.67
N ASP A 71 -63.94 -17.48 -28.50
CA ASP A 71 -63.04 -16.33 -28.46
C ASP A 71 -62.70 -15.92 -27.03
N PHE A 72 -63.72 -15.75 -26.19
CA PHE A 72 -63.51 -15.30 -24.82
C PHE A 72 -63.30 -16.45 -23.83
N GLN A 73 -63.71 -17.66 -24.20
CA GLN A 73 -63.81 -18.77 -23.25
C GLN A 73 -62.46 -19.37 -22.86
N GLN A 74 -61.36 -18.93 -23.47
CA GLN A 74 -60.04 -19.45 -23.12
C GLN A 74 -59.46 -18.64 -21.97
N ARG A 75 -59.38 -19.27 -20.80
CA ARG A 75 -58.80 -18.64 -19.61
C ARG A 75 -57.82 -19.61 -18.98
N GLY A 76 -56.62 -19.11 -18.67
CA GLY A 76 -55.61 -19.92 -18.02
C GLY A 76 -55.76 -19.94 -16.51
N ALA A 77 -54.74 -20.48 -15.85
CA ALA A 77 -54.72 -20.50 -14.39
C ALA A 77 -54.53 -19.11 -13.80
N VAL A 78 -53.85 -18.22 -14.54
CA VAL A 78 -53.73 -16.83 -14.11
C VAL A 78 -55.04 -16.09 -14.29
N GLY A 79 -55.83 -16.52 -15.28
CA GLY A 79 -56.83 -15.69 -15.88
C GLY A 79 -56.39 -15.14 -17.22
N GLU A 80 -55.53 -15.87 -17.92
CA GLU A 80 -54.85 -15.40 -19.12
C GLU A 80 -55.82 -15.32 -20.29
N THR A 81 -55.64 -14.30 -21.12
CA THR A 81 -56.43 -14.08 -22.32
C THR A 81 -55.48 -13.84 -23.49
N ALA A 82 -56.04 -13.52 -24.65
CA ALA A 82 -55.27 -13.50 -25.89
C ALA A 82 -54.50 -12.21 -26.10
N LEU A 83 -54.79 -11.15 -25.34
CA LEU A 83 -54.11 -9.88 -25.53
C LEU A 83 -52.84 -9.74 -24.71
N HIS A 84 -52.72 -10.46 -23.59
CA HIS A 84 -51.52 -10.30 -22.76
C HIS A 84 -50.30 -10.93 -23.43
N VAL A 85 -50.47 -12.09 -24.08
CA VAL A 85 -49.38 -12.68 -24.85
C VAL A 85 -49.13 -11.91 -26.14
N ALA A 86 -50.17 -11.23 -26.66
CA ALA A 86 -50.00 -10.39 -27.83
C ALA A 86 -49.28 -9.09 -27.51
N ALA A 87 -49.27 -8.71 -26.23
CA ALA A 87 -48.46 -7.59 -25.74
C ALA A 87 -47.26 -8.05 -24.92
N LEU A 88 -46.97 -9.36 -24.88
CA LEU A 88 -45.73 -9.85 -24.27
C LEU A 88 -44.53 -9.31 -25.03
N TYR A 89 -44.38 -9.70 -26.29
CA TYR A 89 -43.74 -8.88 -27.30
C TYR A 89 -44.84 -8.36 -28.19
N ASP A 90 -44.50 -7.41 -29.05
CA ASP A 90 -45.54 -6.77 -29.80
C ASP A 90 -46.03 -7.56 -30.98
N ASN A 91 -47.21 -8.13 -30.80
CA ASN A 91 -47.90 -8.81 -31.90
C ASN A 91 -48.86 -7.80 -32.52
N LEU A 92 -48.38 -7.14 -33.58
CA LEU A 92 -49.16 -6.06 -34.19
C LEU A 92 -50.31 -6.62 -35.00
N GLU A 93 -50.09 -7.74 -35.69
CA GLU A 93 -51.15 -8.34 -36.51
C GLU A 93 -52.16 -9.11 -35.68
N ALA A 94 -51.82 -9.48 -34.45
CA ALA A 94 -52.76 -10.24 -33.62
C ALA A 94 -53.82 -9.32 -33.03
N ALA A 95 -53.43 -8.14 -32.57
CA ALA A 95 -54.35 -7.18 -31.96
C ALA A 95 -55.05 -6.30 -33.00
N THR A 96 -55.09 -6.73 -34.25
CA THR A 96 -55.74 -5.99 -35.33
C THR A 96 -57.18 -6.46 -35.56
N LEU A 97 -57.40 -7.77 -35.57
CA LEU A 97 -58.66 -8.33 -36.04
C LEU A 97 -59.54 -8.89 -34.93
N LEU A 98 -59.06 -8.96 -33.68
CA LEU A 98 -59.89 -9.54 -32.63
C LEU A 98 -60.92 -8.55 -32.09
N MET A 99 -60.80 -7.26 -32.42
CA MET A 99 -61.85 -6.31 -32.05
C MET A 99 -63.11 -6.51 -32.88
N GLU A 100 -63.01 -7.14 -34.04
CA GLU A 100 -64.19 -7.50 -34.81
C GLU A 100 -64.98 -8.63 -34.14
N ALA A 101 -64.29 -9.48 -33.38
CA ALA A 101 -64.94 -10.59 -32.69
C ALA A 101 -65.36 -10.21 -31.28
N ALA A 102 -64.50 -9.53 -30.53
CA ALA A 102 -64.79 -9.14 -29.15
C ALA A 102 -64.01 -7.90 -28.82
N PRO A 103 -64.59 -6.70 -28.96
CA PRO A 103 -63.88 -5.47 -28.60
C PRO A 103 -63.77 -5.26 -27.10
N GLU A 104 -64.61 -5.92 -26.30
CA GLU A 104 -64.57 -5.79 -24.85
C GLU A 104 -63.60 -6.76 -24.20
N LEU A 105 -62.78 -7.46 -24.98
CA LEU A 105 -61.89 -8.49 -24.47
C LEU A 105 -60.72 -7.92 -23.69
N ALA A 106 -60.44 -6.62 -23.81
CA ALA A 106 -59.31 -6.03 -23.11
C ALA A 106 -59.63 -5.70 -21.65
N LYS A 107 -60.90 -5.40 -21.34
CA LYS A 107 -61.25 -4.86 -20.03
C LYS A 107 -61.73 -5.96 -19.08
N GLU A 108 -60.82 -6.93 -18.83
CA GLU A 108 -61.03 -7.96 -17.83
C GLU A 108 -59.70 -8.18 -17.11
N PRO A 109 -59.68 -8.06 -15.78
CA PRO A 109 -58.44 -8.29 -15.03
C PRO A 109 -58.19 -9.78 -14.83
N ALA A 110 -57.05 -10.08 -14.22
CA ALA A 110 -56.68 -11.45 -13.91
C ALA A 110 -57.24 -11.87 -12.56
N LEU A 111 -57.30 -13.20 -12.35
CA LEU A 111 -58.02 -13.74 -11.22
C LEU A 111 -57.20 -14.62 -10.27
N CYS A 112 -55.95 -14.98 -10.61
CA CYS A 112 -55.19 -15.83 -9.71
C CYS A 112 -54.61 -15.02 -8.57
N GLU A 113 -54.18 -15.74 -7.52
CA GLU A 113 -53.74 -15.10 -6.29
C GLU A 113 -52.46 -14.25 -6.43
N PRO A 114 -51.38 -14.69 -7.10
CA PRO A 114 -50.24 -13.77 -7.24
C PRO A 114 -50.43 -12.64 -8.24
N PHE A 115 -51.51 -12.64 -9.02
CA PHE A 115 -51.77 -11.56 -9.98
C PHE A 115 -53.23 -11.12 -9.90
N VAL A 116 -53.71 -10.85 -8.69
CA VAL A 116 -55.07 -10.35 -8.46
C VAL A 116 -55.20 -8.95 -9.05
N GLY A 117 -56.09 -8.80 -10.03
CA GLY A 117 -56.51 -7.50 -10.53
C GLY A 117 -55.52 -6.76 -11.42
N GLN A 118 -55.19 -7.33 -12.57
CA GLN A 118 -54.21 -6.74 -13.47
C GLN A 118 -54.63 -7.04 -14.90
N THR A 119 -54.72 -6.01 -15.73
CA THR A 119 -55.46 -6.04 -16.99
C THR A 119 -54.51 -5.95 -18.18
N ALA A 120 -55.09 -5.64 -19.35
CA ALA A 120 -54.42 -5.81 -20.63
C ALA A 120 -53.24 -4.85 -20.83
N LEU A 121 -53.45 -3.56 -20.66
CA LEU A 121 -52.38 -2.58 -20.90
C LEU A 121 -51.19 -2.65 -19.96
N HIS A 122 -51.41 -3.21 -18.77
CA HIS A 122 -50.43 -3.19 -17.69
C HIS A 122 -49.10 -3.80 -18.11
N ILE A 123 -49.10 -4.67 -19.12
CA ILE A 123 -47.86 -5.12 -19.72
C ILE A 123 -47.54 -4.32 -20.98
N ALA A 124 -48.51 -3.60 -21.54
CA ALA A 124 -48.34 -2.89 -22.79
C ALA A 124 -47.91 -1.44 -22.60
N VAL A 125 -47.37 -1.11 -21.44
CA VAL A 125 -46.81 0.20 -21.19
C VAL A 125 -45.29 0.13 -21.03
N MET A 126 -44.81 -0.95 -20.44
CA MET A 126 -43.40 -1.22 -20.21
C MET A 126 -42.71 -1.74 -21.47
N ASN A 127 -43.47 -1.98 -22.55
CA ASN A 127 -42.88 -2.35 -23.82
C ASN A 127 -42.41 -1.13 -24.62
N GLN A 128 -42.81 0.07 -24.18
CA GLN A 128 -42.69 1.38 -24.84
C GLN A 128 -42.94 1.36 -26.36
N ASN A 129 -43.92 0.56 -26.77
CA ASN A 129 -44.31 0.46 -28.19
C ASN A 129 -45.44 1.46 -28.43
N LEU A 130 -45.10 2.59 -29.06
CA LEU A 130 -46.08 3.66 -29.28
C LEU A 130 -47.02 3.34 -30.43
N ASN A 131 -46.70 2.33 -31.26
CA ASN A 131 -47.62 1.92 -32.31
C ASN A 131 -48.74 1.05 -31.75
N LEU A 132 -48.56 0.52 -30.53
CA LEU A 132 -49.56 -0.37 -29.95
C LEU A 132 -50.67 0.42 -29.26
N VAL A 133 -50.38 1.62 -28.76
CA VAL A 133 -51.33 2.33 -27.92
C VAL A 133 -52.45 2.99 -28.71
N ARG A 134 -52.36 3.06 -30.04
CA ARG A 134 -53.44 3.65 -30.82
C ARG A 134 -54.65 2.73 -30.91
N ALA A 135 -54.47 1.44 -30.67
CA ALA A 135 -55.55 0.48 -30.90
C ALA A 135 -56.46 0.37 -29.69
N LEU A 136 -55.92 -0.01 -28.53
CA LEU A 136 -56.74 -0.40 -27.40
C LEU A 136 -57.27 0.78 -26.59
N LEU A 137 -56.85 2.00 -26.89
CA LEU A 137 -57.35 3.15 -26.14
C LEU A 137 -58.69 3.64 -26.69
N ALA A 138 -58.76 3.89 -28.00
CA ALA A 138 -59.97 4.41 -28.60
C ALA A 138 -61.07 3.36 -28.73
N ARG A 139 -60.72 2.08 -28.68
CA ARG A 139 -61.68 0.99 -28.83
C ARG A 139 -62.21 0.49 -27.49
N GLY A 140 -62.09 1.30 -26.43
CA GLY A 140 -62.56 0.91 -25.12
C GLY A 140 -61.41 0.72 -24.14
N ALA A 141 -61.27 1.67 -23.20
CA ALA A 141 -60.18 1.61 -22.23
C ALA A 141 -60.64 2.22 -20.92
N SER A 142 -59.87 1.94 -19.86
CA SER A 142 -60.16 2.46 -18.54
C SER A 142 -58.84 2.57 -17.78
N VAL A 143 -58.38 3.80 -17.56
CA VAL A 143 -57.08 4.01 -16.92
C VAL A 143 -57.18 3.89 -15.39
N SER A 144 -58.39 3.96 -14.84
CA SER A 144 -58.56 3.92 -13.39
C SER A 144 -58.38 2.54 -12.79
N ALA A 145 -58.23 1.49 -13.60
CA ALA A 145 -58.00 0.15 -13.09
C ALA A 145 -56.58 0.04 -12.56
N ARG A 146 -56.45 -0.05 -11.24
CA ARG A 146 -55.15 -0.17 -10.60
C ARG A 146 -54.66 -1.62 -10.68
N ALA A 147 -53.37 -1.81 -10.39
CA ALA A 147 -52.73 -3.12 -10.47
C ALA A 147 -52.36 -3.57 -9.07
N THR A 148 -53.18 -4.44 -8.48
CA THR A 148 -53.01 -4.92 -7.11
C THR A 148 -52.34 -6.28 -7.07
N GLY A 149 -51.38 -6.55 -7.94
CA GLY A 149 -50.74 -7.84 -7.97
C GLY A 149 -49.86 -8.09 -6.76
N ALA A 150 -49.76 -9.36 -6.37
CA ALA A 150 -49.00 -9.73 -5.19
C ALA A 150 -47.50 -9.67 -5.43
N ALA A 151 -47.07 -9.76 -6.69
CA ALA A 151 -45.68 -9.60 -7.06
C ALA A 151 -45.32 -8.14 -7.36
N PHE A 152 -46.15 -7.20 -6.92
CA PHE A 152 -45.93 -5.78 -7.17
C PHE A 152 -45.62 -4.97 -5.92
N ARG A 153 -45.74 -5.56 -4.73
CA ARG A 153 -45.46 -4.82 -3.50
C ARG A 153 -43.95 -4.68 -3.29
N ARG A 154 -43.60 -3.77 -2.37
CA ARG A 154 -42.21 -3.62 -1.98
C ARG A 154 -41.81 -4.74 -1.04
N SER A 155 -40.80 -5.52 -1.43
CA SER A 155 -40.42 -6.71 -0.68
C SER A 155 -38.97 -7.05 -0.99
N PRO A 156 -38.23 -7.61 -0.02
CA PRO A 156 -36.84 -7.98 -0.30
C PRO A 156 -36.70 -9.14 -1.26
N HIS A 157 -37.66 -10.06 -1.32
CA HIS A 157 -37.61 -11.20 -2.23
C HIS A 157 -38.31 -10.92 -3.55
N ASN A 158 -38.58 -9.65 -3.84
CA ASN A 158 -39.07 -9.22 -5.14
C ASN A 158 -38.16 -8.13 -5.67
N LEU A 159 -37.83 -8.21 -6.95
CA LEU A 159 -36.74 -7.38 -7.48
C LEU A 159 -37.22 -5.95 -7.74
N ILE A 160 -38.25 -5.78 -8.56
CA ILE A 160 -38.68 -4.47 -9.00
C ILE A 160 -39.86 -3.98 -8.18
N TYR A 161 -39.93 -2.66 -8.00
CA TYR A 161 -41.08 -1.99 -7.42
C TYR A 161 -41.41 -0.78 -8.28
N TYR A 162 -42.38 -0.91 -9.17
CA TYR A 162 -42.67 0.11 -10.16
C TYR A 162 -43.97 0.87 -9.91
N GLY A 163 -44.68 0.59 -8.82
CA GLY A 163 -45.85 1.38 -8.49
C GLY A 163 -47.18 0.65 -8.62
N GLU A 164 -48.26 1.41 -8.76
CA GLU A 164 -49.61 0.87 -8.74
C GLU A 164 -50.35 1.10 -10.05
N HIS A 165 -50.44 2.32 -10.51
CA HIS A 165 -51.16 2.83 -11.66
C HIS A 165 -50.25 2.85 -12.88
N PRO A 166 -50.78 2.67 -14.09
CA PRO A 166 -49.92 2.64 -15.30
C PRO A 166 -49.25 3.98 -15.62
N LEU A 167 -49.71 5.08 -15.01
CA LEU A 167 -48.94 6.32 -15.07
C LEU A 167 -47.58 6.16 -14.40
N SER A 168 -47.54 5.44 -13.26
CA SER A 168 -46.27 5.18 -12.61
C SER A 168 -45.42 4.21 -13.42
N PHE A 169 -46.05 3.23 -14.07
CA PHE A 169 -45.32 2.31 -14.94
C PHE A 169 -44.79 3.01 -16.18
N ALA A 170 -45.45 4.10 -16.60
CA ALA A 170 -44.89 4.92 -17.66
C ALA A 170 -43.74 5.79 -17.15
N ALA A 171 -43.84 6.26 -15.91
CA ALA A 171 -42.79 7.10 -15.34
C ALA A 171 -41.52 6.30 -15.03
N CYS A 172 -41.64 5.01 -14.74
CA CYS A 172 -40.47 4.21 -14.39
C CYS A 172 -39.59 3.92 -15.61
N VAL A 173 -40.21 3.73 -16.77
CA VAL A 173 -39.40 3.38 -17.94
C VAL A 173 -38.74 4.62 -18.54
N GLY A 174 -39.28 5.80 -18.27
CA GLY A 174 -38.68 7.03 -18.74
C GLY A 174 -38.89 7.30 -20.21
N SER A 175 -40.15 7.31 -20.65
CA SER A 175 -40.50 7.68 -22.01
C SER A 175 -41.33 8.96 -21.96
N GLU A 176 -41.09 9.85 -22.91
CA GLU A 176 -41.50 11.25 -22.75
C GLU A 176 -42.88 11.53 -23.34
N GLU A 177 -43.31 10.78 -24.35
CA GLU A 177 -44.52 11.17 -25.07
C GLU A 177 -45.66 10.17 -24.96
N ILE A 178 -45.40 8.89 -24.66
CA ILE A 178 -46.50 7.98 -24.40
C ILE A 178 -47.20 8.34 -23.09
N VAL A 179 -46.44 8.88 -22.12
CA VAL A 179 -47.03 9.49 -20.94
C VAL A 179 -47.83 10.75 -21.29
N ARG A 180 -47.59 11.33 -22.45
CA ARG A 180 -48.45 12.37 -23.00
C ARG A 180 -49.86 11.86 -23.25
N LEU A 181 -50.00 10.58 -23.63
CA LEU A 181 -51.25 10.10 -24.20
C LEU A 181 -52.31 9.88 -23.12
N LEU A 182 -51.99 9.08 -22.09
CA LEU A 182 -53.00 8.65 -21.13
C LEU A 182 -53.46 9.77 -20.20
N ILE A 183 -52.69 10.87 -20.13
CA ILE A 183 -53.17 12.06 -19.41
C ILE A 183 -54.34 12.68 -20.14
N GLU A 184 -54.36 12.59 -21.48
CA GLU A 184 -55.37 13.25 -22.31
C GLU A 184 -56.72 12.51 -22.33
N HIS A 185 -56.96 11.58 -21.41
CA HIS A 185 -58.24 10.88 -21.32
C HIS A 185 -58.71 10.84 -19.87
N GLY A 186 -58.45 11.90 -19.12
CA GLY A 186 -58.92 11.99 -17.74
C GLY A 186 -58.15 11.15 -16.75
N ALA A 187 -56.83 11.28 -16.71
CA ALA A 187 -56.02 10.51 -15.78
C ALA A 187 -55.94 11.21 -14.43
N ASP A 188 -56.05 10.43 -13.36
CA ASP A 188 -55.91 10.98 -12.02
C ASP A 188 -54.43 10.95 -11.60
N ILE A 189 -54.08 11.90 -10.73
CA ILE A 189 -52.73 12.02 -10.20
C ILE A 189 -52.67 11.68 -8.72
N ARG A 190 -53.68 12.11 -7.95
CA ARG A 190 -53.68 11.98 -6.50
C ARG A 190 -54.02 10.58 -6.00
N ALA A 191 -54.17 9.59 -6.87
CA ALA A 191 -54.49 8.24 -6.42
C ALA A 191 -53.22 7.52 -5.97
N GLN A 192 -53.37 6.72 -4.91
CA GLN A 192 -52.27 5.94 -4.35
C GLN A 192 -52.62 4.47 -4.35
N ASP A 193 -51.71 3.67 -3.82
CA ASP A 193 -51.93 2.24 -3.66
C ASP A 193 -52.52 1.94 -2.28
N SER A 194 -52.53 0.67 -1.90
CA SER A 194 -53.03 0.27 -0.59
C SER A 194 -52.09 0.67 0.54
N LEU A 195 -50.82 0.93 0.26
CA LEU A 195 -49.86 1.40 1.27
C LEU A 195 -49.44 2.84 1.03
N GLY A 196 -50.23 3.62 0.30
CA GLY A 196 -50.05 5.05 0.20
C GLY A 196 -48.83 5.50 -0.57
N ASN A 197 -48.80 5.27 -1.88
CA ASN A 197 -47.69 5.70 -2.73
C ASN A 197 -48.26 6.39 -3.95
N THR A 198 -47.95 7.68 -4.10
CA THR A 198 -48.39 8.45 -5.25
C THR A 198 -47.38 8.31 -6.39
N VAL A 199 -47.61 9.05 -7.47
CA VAL A 199 -46.79 8.92 -8.67
C VAL A 199 -45.40 9.53 -8.50
N LEU A 200 -45.21 10.40 -7.50
CA LEU A 200 -44.00 11.21 -7.47
C LEU A 200 -42.82 10.46 -6.87
N HIS A 201 -42.97 9.95 -5.64
CA HIS A 201 -41.83 9.45 -4.88
C HIS A 201 -41.48 8.00 -5.18
N ILE A 202 -41.93 7.45 -6.31
CA ILE A 202 -41.45 6.14 -6.71
C ILE A 202 -40.21 6.27 -7.59
N LEU A 203 -39.86 7.49 -7.96
CA LEU A 203 -38.66 7.74 -8.74
C LEU A 203 -37.38 7.65 -7.93
N ILE A 204 -37.45 7.99 -6.64
CA ILE A 204 -36.23 8.16 -5.84
C ILE A 204 -35.68 6.83 -5.33
N LEU A 205 -36.45 5.75 -5.42
CA LEU A 205 -35.92 4.43 -5.11
C LEU A 205 -35.12 3.84 -6.27
N GLN A 206 -35.35 4.33 -7.49
CA GLN A 206 -34.72 3.76 -8.67
C GLN A 206 -33.42 4.53 -8.98
N PRO A 207 -32.30 3.83 -9.18
CA PRO A 207 -30.99 4.50 -9.16
C PRO A 207 -30.64 5.33 -10.38
N ASN A 208 -31.43 5.33 -11.45
CA ASN A 208 -31.03 6.06 -12.65
C ASN A 208 -31.24 7.56 -12.47
N LYS A 209 -30.42 8.34 -13.18
CA LYS A 209 -30.40 9.79 -13.06
C LYS A 209 -30.80 10.50 -14.34
N THR A 210 -30.34 10.00 -15.50
CA THR A 210 -30.40 10.79 -16.74
C THR A 210 -31.80 10.91 -17.31
N PHE A 211 -32.76 10.09 -16.86
CA PHE A 211 -34.14 10.26 -17.27
C PHE A 211 -35.00 10.86 -16.17
N ALA A 212 -34.60 10.72 -14.91
CA ALA A 212 -35.38 11.28 -13.82
C ALA A 212 -35.13 12.78 -13.67
N CYS A 213 -34.06 13.29 -14.27
CA CYS A 213 -33.74 14.71 -14.13
C CYS A 213 -34.63 15.57 -15.02
N GLN A 214 -34.95 15.08 -16.22
CA GLN A 214 -35.71 15.85 -17.20
C GLN A 214 -37.21 15.63 -17.06
N MET A 215 -37.61 14.41 -16.67
CA MET A 215 -39.04 14.08 -16.62
C MET A 215 -39.72 14.74 -15.42
N TYR A 216 -38.93 15.13 -14.40
CA TYR A 216 -39.48 15.72 -13.19
C TYR A 216 -40.06 17.12 -13.42
N ASN A 217 -39.57 17.86 -14.42
CA ASN A 217 -39.97 19.25 -14.58
C ASN A 217 -41.34 19.35 -15.26
N LEU A 218 -41.49 18.75 -16.43
CA LEU A 218 -42.72 18.89 -17.20
C LEU A 218 -43.88 18.12 -16.58
N LEU A 219 -43.58 17.11 -15.75
CA LEU A 219 -44.66 16.42 -15.03
C LEU A 219 -45.12 17.23 -13.82
N LEU A 220 -44.22 17.98 -13.19
CA LEU A 220 -44.62 18.91 -12.14
C LEU A 220 -45.26 20.17 -12.70
N SER A 221 -45.08 20.45 -13.99
CA SER A 221 -45.79 21.55 -14.61
C SER A 221 -47.28 21.25 -14.76
N TYR A 222 -47.66 19.97 -14.78
CA TYR A 222 -49.05 19.57 -14.94
C TYR A 222 -49.68 19.34 -13.57
N ASP A 223 -49.82 20.44 -12.84
CA ASP A 223 -50.36 20.41 -11.48
C ASP A 223 -51.86 20.65 -11.50
N GLU A 224 -52.44 20.90 -10.33
CA GLU A 224 -53.85 21.24 -10.21
C GLU A 224 -54.12 22.66 -10.70
N HIS A 225 -53.06 23.49 -10.77
CA HIS A 225 -53.00 24.93 -11.06
C HIS A 225 -53.58 25.76 -9.92
N SER A 226 -53.92 25.10 -8.82
CA SER A 226 -54.12 25.70 -7.50
C SER A 226 -53.25 24.85 -6.58
N ASP A 227 -51.96 25.19 -6.50
CA ASP A 227 -50.94 24.24 -6.08
C ASP A 227 -50.63 24.25 -4.59
N HIS A 228 -50.74 25.39 -3.91
CA HIS A 228 -50.33 25.43 -2.51
C HIS A 228 -51.37 24.79 -1.60
N LEU A 229 -52.66 24.96 -1.91
CA LEU A 229 -53.71 24.26 -1.20
C LEU A 229 -53.87 22.87 -1.81
N GLN A 230 -54.07 21.88 -0.93
CA GLN A 230 -53.97 20.44 -1.18
C GLN A 230 -52.78 20.09 -2.10
N SER A 231 -51.59 20.42 -1.59
CA SER A 231 -50.36 20.33 -2.38
C SER A 231 -49.99 18.88 -2.64
N LEU A 232 -49.60 18.59 -3.89
CA LEU A 232 -49.30 17.22 -4.28
C LEU A 232 -47.94 16.74 -3.78
N GLU A 233 -47.04 17.65 -3.43
CA GLU A 233 -45.76 17.28 -2.84
C GLU A 233 -45.75 17.46 -1.33
N LEU A 234 -46.89 17.80 -0.73
CA LEU A 234 -47.03 17.85 0.71
C LEU A 234 -48.04 16.85 1.25
N VAL A 235 -48.68 16.07 0.39
CA VAL A 235 -49.63 15.05 0.86
C VAL A 235 -48.85 13.89 1.46
N PRO A 236 -49.19 13.43 2.66
CA PRO A 236 -48.42 12.37 3.30
C PRO A 236 -48.78 11.00 2.75
N ASN A 237 -47.93 10.02 3.08
CA ASN A 237 -48.15 8.64 2.69
C ASN A 237 -49.02 7.93 3.73
N HIS A 238 -49.09 6.60 3.65
CA HIS A 238 -49.84 5.83 4.64
C HIS A 238 -49.16 5.86 6.00
N GLN A 239 -47.83 5.97 6.02
CA GLN A 239 -47.12 6.18 7.28
C GLN A 239 -47.31 7.62 7.76
N GLY A 240 -47.54 8.56 6.84
CA GLY A 240 -47.74 9.94 7.19
C GLY A 240 -46.50 10.79 7.02
N LEU A 241 -45.81 10.65 5.89
CA LEU A 241 -44.54 11.32 5.69
C LEU A 241 -44.59 12.09 4.38
N THR A 242 -44.06 13.30 4.40
CA THR A 242 -44.01 14.15 3.21
C THR A 242 -43.00 13.57 2.22
N PRO A 243 -43.40 13.30 0.97
CA PRO A 243 -42.59 12.42 0.09
C PRO A 243 -41.26 12.99 -0.38
N PHE A 244 -40.96 14.27 -0.10
CA PHE A 244 -39.64 14.79 -0.46
C PHE A 244 -38.54 14.23 0.43
N LYS A 245 -38.87 13.93 1.68
CA LYS A 245 -37.84 13.51 2.64
C LYS A 245 -37.44 12.04 2.51
N LEU A 246 -38.21 11.30 1.71
CA LEU A 246 -37.86 9.91 1.38
C LEU A 246 -36.58 10.00 0.56
N ALA A 247 -36.53 10.96 -0.39
CA ALA A 247 -35.34 11.23 -1.17
C ALA A 247 -34.20 11.75 -0.28
N GLY A 248 -34.53 12.32 0.87
CA GLY A 248 -33.49 12.79 1.77
C GLY A 248 -32.79 11.65 2.50
N VAL A 249 -33.57 10.70 3.04
CA VAL A 249 -32.97 9.67 3.87
C VAL A 249 -32.57 8.44 3.05
N GLU A 250 -33.25 8.16 1.94
CA GLU A 250 -32.67 7.22 1.00
C GLU A 250 -31.57 7.85 0.15
N GLY A 251 -31.47 9.17 0.13
CA GLY A 251 -30.28 9.87 -0.36
C GLY A 251 -29.97 9.79 -1.84
N ASN A 252 -30.98 9.81 -2.70
CA ASN A 252 -30.71 10.04 -4.12
C ASN A 252 -30.50 11.54 -4.28
N THR A 253 -29.23 11.94 -4.31
CA THR A 253 -28.85 13.34 -4.09
C THR A 253 -29.20 14.25 -5.26
N VAL A 254 -29.51 13.69 -6.42
CA VAL A 254 -29.76 14.54 -7.59
C VAL A 254 -31.14 15.16 -7.53
N MET A 255 -32.08 14.54 -6.79
CA MET A 255 -33.34 15.20 -6.52
C MET A 255 -33.17 16.31 -5.50
N PHE A 256 -32.31 16.06 -4.50
CA PHE A 256 -31.94 17.06 -3.51
C PHE A 256 -31.19 18.21 -4.17
N GLN A 257 -30.49 17.95 -5.28
CA GLN A 257 -29.92 19.05 -6.05
C GLN A 257 -31.00 19.76 -6.86
N HIS A 258 -31.86 19.00 -7.55
CA HIS A 258 -32.71 19.58 -8.58
C HIS A 258 -33.86 20.39 -8.01
N LEU A 259 -34.36 20.05 -6.83
CA LEU A 259 -35.45 20.86 -6.28
C LEU A 259 -34.94 22.17 -5.70
N MET A 260 -33.63 22.31 -5.49
CA MET A 260 -33.09 23.55 -4.94
C MET A 260 -32.94 24.65 -5.99
N GLN A 261 -33.18 24.36 -7.26
CA GLN A 261 -33.20 25.48 -8.22
C GLN A 261 -34.57 26.13 -8.35
N LYS A 262 -35.64 25.55 -7.80
CA LYS A 262 -36.93 26.22 -7.78
C LYS A 262 -37.01 27.23 -6.65
N ARG A 263 -36.23 27.04 -5.61
CA ARG A 263 -36.24 27.96 -4.50
C ARG A 263 -35.11 29.00 -4.59
N LYS A 264 -34.41 29.06 -5.72
CA LYS A 264 -33.28 29.98 -5.73
C LYS A 264 -33.65 31.37 -6.25
N HIS A 265 -33.04 32.39 -5.64
CA HIS A 265 -33.24 33.79 -5.99
C HIS A 265 -31.90 34.50 -5.83
N VAL A 266 -31.35 35.01 -6.93
CA VAL A 266 -30.06 35.71 -6.89
C VAL A 266 -30.26 37.10 -6.31
N GLN A 267 -29.20 37.64 -5.72
CA GLN A 267 -29.22 38.98 -5.17
C GLN A 267 -28.19 39.90 -5.81
N TRP A 268 -26.92 39.51 -5.80
CA TRP A 268 -25.86 40.29 -6.44
C TRP A 268 -24.70 39.37 -6.77
N THR A 269 -24.14 39.55 -7.96
CA THR A 269 -22.97 38.79 -8.41
C THR A 269 -21.94 39.77 -8.94
N CYS A 270 -20.75 39.76 -8.36
CA CYS A 270 -19.68 40.71 -8.70
C CYS A 270 -18.39 39.93 -8.93
N GLY A 271 -18.09 39.66 -10.20
CA GLY A 271 -16.88 38.96 -10.58
C GLY A 271 -16.92 37.50 -10.16
N PRO A 272 -15.91 37.07 -9.39
CA PRO A 272 -15.93 35.69 -8.87
C PRO A 272 -16.68 35.55 -7.56
N LEU A 273 -17.44 36.59 -7.19
CA LEU A 273 -18.18 36.60 -5.93
C LEU A 273 -19.67 36.66 -6.24
N THR A 274 -20.45 35.94 -5.44
CA THR A 274 -21.90 35.92 -5.60
C THR A 274 -22.55 35.68 -4.24
N SER A 275 -23.85 35.98 -4.17
CA SER A 275 -24.63 35.78 -2.97
C SER A 275 -25.83 34.89 -3.26
N THR A 276 -26.34 34.27 -2.20
CA THR A 276 -27.45 33.33 -2.29
C THR A 276 -28.17 33.28 -0.95
N LEU A 277 -29.45 32.93 -0.98
CA LEU A 277 -30.25 32.85 0.23
C LEU A 277 -30.90 31.48 0.36
N TYR A 278 -31.16 31.11 1.61
CA TYR A 278 -31.48 29.75 2.02
C TYR A 278 -32.83 29.77 2.72
N ASP A 279 -33.82 29.12 2.10
CA ASP A 279 -35.15 28.98 2.69
C ASP A 279 -35.25 27.65 3.41
N LEU A 280 -35.61 27.70 4.69
CA LEU A 280 -35.63 26.53 5.55
C LEU A 280 -36.92 26.45 6.36
N THR A 281 -38.06 26.65 5.70
CA THR A 281 -39.34 26.40 6.33
C THR A 281 -39.64 24.90 6.50
N GLU A 282 -38.97 24.03 5.73
CA GLU A 282 -39.01 22.61 6.00
C GLU A 282 -37.79 22.12 6.78
N ILE A 283 -36.65 22.80 6.65
CA ILE A 283 -35.45 22.42 7.40
C ILE A 283 -35.55 23.18 8.72
N ASP A 284 -36.24 22.57 9.68
CA ASP A 284 -36.48 23.17 10.98
C ASP A 284 -36.82 22.05 11.97
N SER A 285 -37.29 22.45 13.14
CA SER A 285 -37.86 21.56 14.15
C SER A 285 -39.31 21.96 14.40
N TRP A 286 -39.90 21.35 15.44
CA TRP A 286 -41.32 21.37 15.82
C TRP A 286 -42.28 21.15 14.65
N GLY A 287 -41.89 20.35 13.66
CA GLY A 287 -42.77 20.00 12.58
C GLY A 287 -43.59 18.77 12.92
N GLU A 288 -44.57 18.94 13.82
CA GLU A 288 -45.39 17.90 14.46
C GLU A 288 -44.57 16.68 14.92
N GLU A 289 -43.37 16.96 15.45
CA GLU A 289 -42.43 15.96 15.97
C GLU A 289 -42.09 14.88 14.93
N LEU A 290 -41.96 15.30 13.68
CA LEU A 290 -41.60 14.38 12.60
C LEU A 290 -40.61 15.06 11.64
N SER A 291 -39.60 15.72 12.20
CA SER A 291 -38.58 16.37 11.39
C SER A 291 -37.58 15.34 10.87
N PHE A 292 -36.91 15.69 9.76
CA PHE A 292 -35.94 14.77 9.18
C PHE A 292 -34.62 14.75 9.93
N LEU A 293 -34.37 15.73 10.79
CA LEU A 293 -33.19 15.68 11.65
C LEU A 293 -33.26 14.52 12.63
N GLU A 294 -34.47 14.10 13.01
CA GLU A 294 -34.67 12.91 13.81
C GLU A 294 -34.26 11.65 13.06
N LEU A 295 -34.38 11.65 11.73
CA LEU A 295 -34.47 10.42 10.96
C LEU A 295 -33.29 10.22 10.00
N VAL A 296 -32.47 11.24 9.77
CA VAL A 296 -31.27 11.05 8.93
C VAL A 296 -30.23 10.19 9.64
N VAL A 297 -30.30 10.09 10.96
CA VAL A 297 -29.35 9.25 11.70
C VAL A 297 -30.01 7.93 12.08
N SER A 298 -31.23 7.71 11.60
CA SER A 298 -31.97 6.50 11.94
C SER A 298 -31.85 5.40 10.89
N SER A 299 -31.39 5.73 9.68
CA SER A 299 -31.36 4.76 8.61
C SER A 299 -30.22 3.76 8.82
N LYS A 300 -30.42 2.56 8.25
CA LYS A 300 -29.46 1.48 8.32
C LYS A 300 -28.79 1.22 6.98
N LYS A 301 -28.79 2.21 6.10
CA LYS A 301 -28.31 2.06 4.73
C LYS A 301 -27.01 2.84 4.58
N ARG A 302 -26.10 2.31 3.76
CA ARG A 302 -24.72 2.79 3.76
C ARG A 302 -24.54 4.06 2.94
N GLU A 303 -25.33 4.25 1.88
CA GLU A 303 -25.23 5.46 1.07
C GLU A 303 -25.73 6.68 1.81
N ALA A 304 -26.63 6.49 2.78
CA ALA A 304 -27.31 7.58 3.49
C ALA A 304 -26.42 8.38 4.44
N ARG A 305 -25.14 8.04 4.60
CA ARG A 305 -24.29 8.78 5.51
C ARG A 305 -23.81 10.09 4.91
N GLN A 306 -23.71 10.18 3.59
CA GLN A 306 -23.16 11.35 2.92
C GLN A 306 -24.23 12.35 2.50
N ILE A 307 -25.34 12.44 3.25
CA ILE A 307 -26.33 13.47 3.00
C ILE A 307 -25.92 14.83 3.54
N LEU A 308 -24.75 14.92 4.19
CA LEU A 308 -24.18 16.16 4.68
C LEU A 308 -23.32 16.86 3.63
N GLU A 309 -23.58 16.60 2.36
CA GLU A 309 -22.69 16.98 1.26
C GLU A 309 -22.89 18.41 0.78
N GLN A 310 -24.10 18.93 0.80
CA GLN A 310 -24.39 20.18 0.12
C GLN A 310 -24.62 21.29 1.16
N THR A 311 -24.44 22.52 0.72
CA THR A 311 -24.44 23.74 1.54
C THR A 311 -25.70 24.13 2.34
N PRO A 312 -26.94 23.69 2.02
CA PRO A 312 -28.03 23.95 2.99
C PRO A 312 -27.90 23.24 4.33
N VAL A 313 -27.05 22.22 4.44
CA VAL A 313 -26.97 21.42 5.65
C VAL A 313 -25.65 21.63 6.39
N LYS A 314 -24.52 21.58 5.66
CA LYS A 314 -23.21 21.46 6.30
C LYS A 314 -22.79 22.74 6.99
N GLU A 315 -22.89 23.89 6.31
CA GLU A 315 -22.59 25.16 6.96
C GLU A 315 -23.64 25.57 7.99
N LEU A 316 -24.84 24.98 7.92
CA LEU A 316 -25.83 25.19 8.97
C LEU A 316 -25.42 24.48 10.25
N VAL A 317 -25.10 23.19 10.15
CA VAL A 317 -24.74 22.43 11.34
C VAL A 317 -23.36 22.79 11.86
N SER A 318 -22.46 23.29 10.99
CA SER A 318 -21.16 23.75 11.46
C SER A 318 -21.27 25.03 12.25
N PHE A 319 -22.26 25.87 11.93
CA PHE A 319 -22.52 27.05 12.76
C PHE A 319 -23.25 26.66 14.04
N LYS A 320 -24.15 25.69 13.97
CA LYS A 320 -24.88 25.26 15.17
C LYS A 320 -23.98 24.56 16.18
N TRP A 321 -22.95 23.85 15.71
CA TRP A 321 -22.03 23.21 16.65
C TRP A 321 -20.99 24.19 17.17
N LYS A 322 -20.58 25.17 16.38
CA LYS A 322 -19.58 26.13 16.84
C LYS A 322 -20.17 27.17 17.78
N LYS A 323 -21.41 27.60 17.54
CA LYS A 323 -21.98 28.66 18.36
C LYS A 323 -22.52 28.15 19.69
N TYR A 324 -23.24 27.03 19.70
CA TYR A 324 -23.89 26.58 20.93
C TYR A 324 -23.42 25.20 21.38
N GLY A 325 -22.87 24.43 20.44
CA GLY A 325 -22.54 23.04 20.72
C GLY A 325 -21.36 22.82 21.66
N ARG A 326 -20.19 23.30 21.26
CA ARG A 326 -18.99 23.16 22.09
C ARG A 326 -19.01 23.89 23.44
N PRO A 327 -19.50 25.14 23.60
CA PRO A 327 -19.50 25.73 24.95
C PRO A 327 -20.54 25.16 25.91
N TYR A 328 -21.41 24.24 25.46
CA TYR A 328 -22.32 23.55 26.36
C TYR A 328 -22.03 22.07 26.49
N PHE A 329 -21.36 21.46 25.51
CA PHE A 329 -21.10 20.02 25.53
C PHE A 329 -20.06 19.63 26.57
N CYS A 330 -19.29 20.59 27.09
CA CYS A 330 -18.22 20.29 28.03
C CYS A 330 -18.64 20.42 29.49
N VAL A 331 -19.66 21.24 29.78
CA VAL A 331 -19.98 21.52 31.18
C VAL A 331 -20.67 20.34 31.84
N LEU A 332 -21.51 19.60 31.10
CA LEU A 332 -22.10 18.40 31.66
C LEU A 332 -21.09 17.27 31.78
N ALA A 333 -20.07 17.26 30.90
CA ALA A 333 -18.97 16.33 31.07
C ALA A 333 -18.15 16.64 32.31
N SER A 334 -18.01 17.93 32.63
CA SER A 334 -17.32 18.32 33.87
C SER A 334 -18.13 17.91 35.09
N LEU A 335 -19.42 18.22 35.10
CA LEU A 335 -20.31 17.85 36.20
C LEU A 335 -20.57 16.34 36.27
N TYR A 336 -20.20 15.57 35.25
CA TYR A 336 -20.20 14.12 35.28
C TYR A 336 -18.89 13.54 35.78
N ILE A 337 -17.76 14.14 35.40
CA ILE A 337 -16.46 13.62 35.82
C ILE A 337 -16.18 14.01 37.26
N LEU A 338 -16.81 15.06 37.79
CA LEU A 338 -16.69 15.33 39.22
C LEU A 338 -17.76 14.60 40.03
N TYR A 339 -18.86 14.22 39.39
CA TYR A 339 -19.84 13.31 39.98
C TYR A 339 -19.21 11.95 40.28
N MET A 340 -18.57 11.36 39.28
CA MET A 340 -18.14 9.98 39.46
C MET A 340 -16.82 9.86 40.22
N ILE A 341 -15.95 10.89 40.24
CA ILE A 341 -14.80 10.80 41.13
C ILE A 341 -15.24 10.90 42.57
N CYS A 342 -16.31 11.65 42.85
CA CYS A 342 -16.87 11.69 44.19
C CYS A 342 -17.47 10.35 44.59
N PHE A 343 -18.22 9.72 43.67
CA PHE A 343 -18.78 8.40 43.98
C PHE A 343 -17.69 7.33 44.06
N THR A 344 -16.58 7.52 43.35
CA THR A 344 -15.48 6.58 43.42
C THR A 344 -14.73 6.71 44.75
N THR A 345 -14.44 7.95 45.11
CA THR A 345 -13.74 8.26 46.34
C THR A 345 -14.52 7.84 47.58
N CYS A 346 -15.84 8.01 47.54
CA CYS A 346 -16.62 7.68 48.74
C CYS A 346 -16.77 6.19 48.96
N CYS A 347 -16.50 5.38 47.94
CA CYS A 347 -16.63 3.93 48.03
C CYS A 347 -15.33 3.22 48.36
N ILE A 348 -14.32 3.92 48.86
CA ILE A 348 -13.08 3.28 49.28
C ILE A 348 -13.10 3.15 50.80
N TYR A 349 -14.28 3.35 51.40
CA TYR A 349 -14.43 3.28 52.85
C TYR A 349 -15.54 2.34 53.31
N ARG A 350 -16.29 1.73 52.39
CA ARG A 350 -17.56 1.12 52.77
C ARG A 350 -17.44 -0.22 53.50
N PRO A 351 -16.51 -1.13 53.18
CA PRO A 351 -16.27 -2.24 54.11
C PRO A 351 -15.63 -1.72 55.40
N LEU A 352 -16.33 -1.93 56.52
CA LEU A 352 -15.91 -1.34 57.78
C LEU A 352 -15.92 -2.36 58.91
N LYS A 353 -16.74 -3.41 58.78
CA LYS A 353 -16.91 -4.36 59.87
C LYS A 353 -16.97 -5.81 59.41
N LEU A 354 -16.59 -6.11 58.17
CA LEU A 354 -16.70 -7.46 57.63
C LEU A 354 -15.49 -8.34 57.96
N ARG A 355 -14.60 -7.87 58.83
CA ARG A 355 -13.48 -8.69 59.27
C ARG A 355 -13.30 -8.59 60.79
N ALA A 376 -25.84 0.28 61.57
CA ALA A 376 -25.47 0.71 62.92
C ALA A 376 -24.11 1.42 62.89
N TYR A 377 -24.14 2.74 62.74
CA TYR A 377 -22.92 3.53 62.66
C TYR A 377 -23.22 4.96 63.11
N VAL A 378 -22.64 5.36 64.24
CA VAL A 378 -22.72 6.74 64.72
C VAL A 378 -21.32 7.19 65.13
N THR A 379 -20.61 7.85 64.22
CA THR A 379 -19.35 8.54 64.51
C THR A 379 -19.38 9.90 63.84
N HIS A 380 -18.22 10.57 63.79
CA HIS A 380 -18.16 11.89 63.17
C HIS A 380 -18.02 11.79 61.65
N GLN A 381 -17.34 10.76 61.15
CA GLN A 381 -17.13 10.58 59.72
C GLN A 381 -18.38 10.01 59.03
N ASP A 382 -19.34 9.50 59.81
CA ASP A 382 -20.54 8.90 59.27
C ASP A 382 -21.46 9.90 58.57
N ASN A 383 -21.35 11.19 58.86
CA ASN A 383 -22.15 12.19 58.16
C ASN A 383 -21.74 12.32 56.69
N ILE A 384 -20.44 12.48 56.43
CA ILE A 384 -19.99 12.54 55.04
C ILE A 384 -20.07 11.17 54.39
N ARG A 385 -19.91 10.10 55.18
CA ARG A 385 -20.13 8.73 54.69
C ARG A 385 -21.56 8.51 54.24
N LEU A 386 -22.52 9.18 54.89
CA LEU A 386 -23.93 9.07 54.51
C LEU A 386 -24.23 9.93 53.29
N VAL A 387 -23.77 11.19 53.28
CA VAL A 387 -24.11 12.07 52.17
C VAL A 387 -23.36 11.74 50.90
N GLY A 388 -22.25 10.99 50.99
CA GLY A 388 -21.53 10.53 49.81
C GLY A 388 -22.32 9.64 48.89
N GLU A 389 -23.28 8.89 49.44
CA GLU A 389 -24.19 8.13 48.61
C GLU A 389 -25.60 8.72 48.59
N LEU A 390 -25.92 9.62 49.53
CA LEU A 390 -27.17 10.37 49.41
C LEU A 390 -27.13 11.36 48.24
N VAL A 391 -25.94 11.77 47.81
CA VAL A 391 -25.84 12.49 46.54
C VAL A 391 -26.10 11.56 45.36
N THR A 392 -25.48 10.38 45.37
CA THR A 392 -25.52 9.54 44.18
C THR A 392 -26.85 8.81 44.01
N VAL A 393 -27.70 8.73 45.05
CA VAL A 393 -29.01 8.11 44.80
C VAL A 393 -29.89 9.02 43.94
N THR A 394 -29.96 10.32 44.23
CA THR A 394 -30.67 11.25 43.37
C THR A 394 -29.88 11.62 42.13
N GLY A 395 -28.58 11.29 42.09
CA GLY A 395 -27.86 11.35 40.83
C GLY A 395 -27.99 10.10 39.98
N ALA A 396 -28.47 9.00 40.54
CA ALA A 396 -28.58 7.75 39.80
C ALA A 396 -30.00 7.47 39.38
N VAL A 397 -30.99 8.11 40.00
CA VAL A 397 -32.35 8.01 39.46
C VAL A 397 -32.49 8.74 38.13
N ILE A 398 -31.67 9.77 37.88
CA ILE A 398 -31.85 10.60 36.69
C ILE A 398 -31.34 9.87 35.45
N ILE A 399 -30.45 8.88 35.61
CA ILE A 399 -29.88 8.19 34.46
C ILE A 399 -30.87 7.19 33.86
N LEU A 400 -31.93 6.86 34.60
CA LEU A 400 -33.04 6.13 34.00
C LEU A 400 -34.21 7.06 33.70
N LEU A 401 -34.36 8.14 34.48
CA LEU A 401 -35.42 9.11 34.26
C LEU A 401 -35.26 9.86 32.93
N LEU A 402 -34.04 9.97 32.42
CA LEU A 402 -33.81 10.56 31.10
C LEU A 402 -33.60 9.51 30.01
N GLU A 403 -33.58 8.22 30.34
CA GLU A 403 -33.21 7.23 29.34
C GLU A 403 -34.22 6.11 29.16
N ILE A 404 -35.34 6.15 29.87
CA ILE A 404 -36.53 5.39 29.43
C ILE A 404 -37.36 6.05 28.30
N PRO A 405 -37.54 7.40 28.19
CA PRO A 405 -38.43 7.88 27.11
C PRO A 405 -37.86 7.72 25.72
N ASP A 406 -36.55 7.77 25.54
CA ASP A 406 -36.01 7.48 24.22
C ASP A 406 -36.04 5.99 23.91
N ILE A 407 -36.21 5.15 24.94
CA ILE A 407 -36.48 3.73 24.67
C ILE A 407 -37.89 3.56 24.14
N PHE A 408 -38.92 4.07 24.84
CA PHE A 408 -40.25 3.80 24.30
C PHE A 408 -40.67 4.82 23.24
N ARG A 409 -39.79 5.76 22.87
CA ARG A 409 -39.99 6.51 21.64
C ARG A 409 -39.68 5.63 20.43
N VAL A 410 -38.61 4.85 20.50
CA VAL A 410 -38.27 3.91 19.44
C VAL A 410 -39.25 2.75 19.44
N GLY A 411 -39.50 2.18 20.61
CA GLY A 411 -40.45 1.10 20.77
C GLY A 411 -39.83 -0.25 21.09
N ALA A 412 -38.58 -0.48 20.71
CA ALA A 412 -37.95 -1.77 20.93
C ALA A 412 -36.44 -1.59 21.01
N SER A 413 -35.77 -2.54 21.65
CA SER A 413 -34.31 -2.49 21.72
C SER A 413 -33.67 -2.85 20.39
N ARG A 414 -34.41 -3.56 19.52
CA ARG A 414 -33.88 -4.01 18.24
C ARG A 414 -33.65 -2.85 17.27
N TYR A 415 -34.30 -1.71 17.48
CA TYR A 415 -34.05 -0.54 16.67
C TYR A 415 -33.35 0.57 17.47
N PHE A 416 -33.02 0.33 18.74
CA PHE A 416 -32.21 1.25 19.52
C PHE A 416 -30.75 0.81 19.56
N GLY A 417 -30.50 -0.41 20.05
CA GLY A 417 -29.17 -0.86 20.39
C GLY A 417 -28.35 -1.53 19.30
N GLN A 418 -28.48 -1.11 18.04
CA GLN A 418 -27.69 -1.69 16.96
C GLN A 418 -26.87 -0.66 16.19
N THR A 419 -27.17 0.63 16.37
CA THR A 419 -26.56 1.66 15.54
C THR A 419 -25.14 1.95 15.97
N ILE A 420 -24.22 1.98 15.00
CA ILE A 420 -22.84 2.35 15.27
C ILE A 420 -22.74 3.87 15.44
N LEU A 421 -23.48 4.61 14.63
CA LEU A 421 -23.40 6.06 14.65
C LEU A 421 -24.15 6.64 15.85
N GLY A 422 -25.28 6.03 16.23
CA GLY A 422 -25.98 6.47 17.42
C GLY A 422 -25.26 6.09 18.70
N GLY A 423 -24.56 4.96 18.68
CA GLY A 423 -23.73 4.56 19.79
C GLY A 423 -24.26 3.37 20.56
N PRO A 424 -23.52 2.25 20.54
CA PRO A 424 -23.88 1.10 21.39
C PRO A 424 -23.44 1.23 22.84
N PHE A 425 -23.03 2.42 23.25
CA PHE A 425 -22.57 2.64 24.62
C PHE A 425 -23.66 2.68 25.68
N HIS A 426 -24.92 2.58 25.26
CA HIS A 426 -26.00 2.67 26.24
C HIS A 426 -26.12 1.40 27.08
N VAL A 427 -25.42 0.34 26.69
CA VAL A 427 -25.53 -0.95 27.38
C VAL A 427 -24.84 -0.90 28.74
N ILE A 428 -23.87 0.02 28.92
CA ILE A 428 -23.30 0.25 30.24
C ILE A 428 -24.05 1.34 30.99
N ILE A 429 -24.72 2.26 30.28
CA ILE A 429 -25.57 3.26 30.92
C ILE A 429 -26.75 2.60 31.60
N ILE A 430 -27.32 1.55 30.99
CA ILE A 430 -28.48 0.90 31.58
C ILE A 430 -28.08 0.03 32.78
N THR A 431 -26.86 -0.51 32.77
CA THR A 431 -26.46 -1.35 33.90
C THR A 431 -25.79 -0.56 35.01
N TYR A 432 -25.43 0.71 34.77
CA TYR A 432 -25.04 1.57 35.88
C TYR A 432 -26.24 1.94 36.75
N ALA A 433 -27.44 1.92 36.18
CA ALA A 433 -28.63 2.38 36.88
C ALA A 433 -29.13 1.38 37.94
N SER A 434 -28.86 0.10 37.73
CA SER A 434 -29.35 -0.93 38.63
C SER A 434 -28.48 -1.28 39.82
N LEU A 435 -27.19 -0.99 39.73
CA LEU A 435 -26.32 -1.35 40.84
C LEU A 435 -26.69 -0.62 42.12
N VAL A 436 -27.05 0.65 42.01
CA VAL A 436 -27.40 1.42 43.19
C VAL A 436 -28.61 0.84 43.90
N LEU A 437 -29.60 0.42 43.12
CA LEU A 437 -30.79 -0.17 43.73
C LEU A 437 -30.41 -1.47 44.44
N LEU A 438 -29.55 -2.26 43.80
CA LEU A 438 -29.11 -3.53 44.37
C LEU A 438 -28.34 -3.28 45.67
N THR A 439 -27.51 -2.25 45.67
CA THR A 439 -26.73 -1.89 46.84
C THR A 439 -27.69 -1.68 47.99
N MET A 440 -28.94 -1.34 47.67
CA MET A 440 -29.93 -1.09 48.69
C MET A 440 -30.75 -2.32 49.08
N VAL A 441 -30.69 -3.38 48.28
CA VAL A 441 -31.39 -4.61 48.62
C VAL A 441 -30.67 -5.33 49.76
N MET A 442 -29.38 -5.04 49.93
CA MET A 442 -28.60 -5.64 51.00
C MET A 442 -29.03 -5.16 52.38
N ARG A 443 -29.50 -3.93 52.51
CA ARG A 443 -29.71 -3.33 53.82
C ARG A 443 -31.17 -3.40 54.27
N LEU A 444 -31.90 -4.39 53.79
CA LEU A 444 -33.20 -4.76 54.36
C LEU A 444 -33.16 -6.12 55.02
N THR A 445 -32.24 -7.00 54.62
CA THR A 445 -32.10 -8.31 55.22
C THR A 445 -30.73 -8.56 55.85
N ASN A 446 -29.76 -7.65 55.64
CA ASN A 446 -28.42 -7.68 56.24
C ASN A 446 -27.66 -8.96 55.90
N MET A 447 -27.37 -9.11 54.61
CA MET A 447 -26.56 -10.23 54.15
C MET A 447 -25.09 -9.83 54.14
N ASN A 448 -24.22 -10.80 54.34
CA ASN A 448 -22.78 -10.53 54.42
C ASN A 448 -22.20 -10.23 53.04
N GLY A 449 -21.32 -9.24 53.00
CA GLY A 449 -20.61 -8.90 51.77
C GLY A 449 -21.30 -7.77 51.01
N GLU A 450 -21.70 -8.05 49.76
CA GLU A 450 -22.31 -7.11 48.82
C GLU A 450 -21.44 -5.88 48.56
N VAL A 451 -20.12 -6.06 48.61
CA VAL A 451 -19.18 -5.14 47.98
C VAL A 451 -18.53 -5.73 46.76
N VAL A 452 -18.76 -7.01 46.50
CA VAL A 452 -18.25 -7.73 45.33
C VAL A 452 -19.09 -7.46 44.07
N PRO A 453 -20.45 -7.36 44.10
CA PRO A 453 -21.13 -6.77 42.95
C PRO A 453 -20.77 -5.31 42.71
N LEU A 454 -20.47 -4.55 43.78
CA LEU A 454 -19.93 -3.20 43.60
C LEU A 454 -18.56 -3.24 42.94
N SER A 455 -17.76 -4.26 43.25
CA SER A 455 -16.45 -4.44 42.63
C SER A 455 -16.59 -4.75 41.15
N PHE A 456 -17.61 -5.54 40.81
CA PHE A 456 -17.85 -5.92 39.44
C PHE A 456 -18.60 -4.84 38.64
N ALA A 457 -19.16 -3.86 39.34
CA ALA A 457 -19.90 -2.80 38.68
C ALA A 457 -19.12 -1.50 38.53
N LEU A 458 -18.24 -1.19 39.48
CA LEU A 458 -17.63 0.14 39.54
C LEU A 458 -16.66 0.37 38.40
N VAL A 459 -16.01 -0.68 37.89
CA VAL A 459 -15.07 -0.51 36.79
C VAL A 459 -15.79 -0.18 35.48
N LEU A 460 -16.86 -0.90 35.20
CA LEU A 460 -17.63 -0.63 34.01
C LEU A 460 -18.24 0.74 34.17
N GLY A 461 -18.74 1.04 35.36
CA GLY A 461 -19.35 2.35 35.58
C GLY A 461 -18.36 3.46 35.30
N TRP A 462 -17.12 3.31 35.76
CA TRP A 462 -16.07 4.29 35.52
C TRP A 462 -15.67 4.37 34.05
N CYS A 463 -15.85 3.29 33.30
CA CYS A 463 -15.52 3.28 31.88
C CYS A 463 -16.54 4.05 31.03
N SER A 464 -17.64 4.53 31.61
CA SER A 464 -18.74 5.12 30.85
C SER A 464 -18.43 6.52 30.32
N VAL A 465 -17.35 7.16 30.78
CA VAL A 465 -17.17 8.59 30.55
C VAL A 465 -16.75 8.91 29.11
N MET A 466 -16.33 7.92 28.33
CA MET A 466 -15.76 8.18 27.02
C MET A 466 -16.79 8.27 25.90
N TYR A 467 -18.08 8.48 26.20
CA TYR A 467 -19.04 8.66 25.11
C TYR A 467 -19.07 10.12 24.66
N PHE A 468 -18.75 11.04 25.57
CA PHE A 468 -18.53 12.44 25.24
C PHE A 468 -17.08 12.74 24.88
N ALA A 469 -16.28 11.71 24.57
CA ALA A 469 -14.90 11.93 24.14
C ALA A 469 -14.81 12.38 22.68
N ARG A 470 -15.93 12.44 21.97
CA ARG A 470 -15.91 12.86 20.57
C ARG A 470 -15.89 14.37 20.42
N GLY A 471 -16.34 15.13 21.41
CA GLY A 471 -16.41 16.56 21.23
C GLY A 471 -15.17 17.28 21.70
N PHE A 472 -14.26 17.50 20.76
CA PHE A 472 -13.00 18.20 20.97
C PHE A 472 -12.58 18.77 19.62
N GLN A 473 -11.31 19.20 19.55
CA GLN A 473 -10.70 19.42 18.25
C GLN A 473 -10.14 18.13 17.68
N MET A 474 -10.08 17.08 18.49
CA MET A 474 -9.39 15.85 18.12
C MET A 474 -10.04 14.69 18.88
N LEU A 475 -9.37 13.52 18.81
CA LEU A 475 -9.59 12.32 19.62
C LEU A 475 -10.90 11.60 19.26
N GLY A 476 -11.61 12.12 18.26
CA GLY A 476 -12.84 11.53 17.78
C GLY A 476 -12.68 10.18 17.12
N PRO A 477 -11.99 10.12 15.97
CA PRO A 477 -11.86 8.84 15.25
C PRO A 477 -11.01 7.79 15.93
N PHE A 478 -10.34 8.11 17.05
CA PHE A 478 -9.56 7.10 17.76
C PHE A 478 -10.47 6.10 18.48
N THR A 479 -11.61 6.55 19.01
CA THR A 479 -12.52 5.68 19.74
C THR A 479 -13.61 5.08 18.85
N ILE A 480 -13.60 5.37 17.56
CA ILE A 480 -14.59 4.84 16.63
C ILE A 480 -14.13 3.51 16.05
N MET A 481 -12.83 3.39 15.75
CA MET A 481 -12.29 2.17 15.15
C MET A 481 -12.36 0.99 16.11
N ILE A 482 -12.14 1.25 17.41
CA ILE A 482 -12.17 0.17 18.39
C ILE A 482 -13.58 -0.39 18.54
N GLN A 483 -14.59 0.47 18.58
CA GLN A 483 -15.97 0.02 18.65
C GLN A 483 -16.43 -0.56 17.32
N LYS A 484 -15.83 -0.12 16.22
CA LYS A 484 -16.11 -0.70 14.91
C LYS A 484 -15.63 -2.14 14.81
N MET A 485 -14.48 -2.46 15.41
CA MET A 485 -13.89 -3.77 15.16
C MET A 485 -13.85 -4.70 16.39
N ILE A 486 -14.39 -4.29 17.55
CA ILE A 486 -14.75 -5.28 18.58
C ILE A 486 -15.75 -6.28 18.02
N PHE A 487 -16.78 -5.78 17.34
CA PHE A 487 -17.72 -6.66 16.66
C PHE A 487 -17.11 -7.29 15.41
N GLY A 488 -16.08 -6.66 14.84
CA GLY A 488 -15.52 -7.15 13.60
C GLY A 488 -14.51 -8.28 13.72
N ASP A 489 -13.36 -8.04 14.37
CA ASP A 489 -12.30 -9.03 14.37
C ASP A 489 -11.78 -9.38 15.76
N LEU A 490 -12.36 -8.82 16.82
CA LEU A 490 -12.13 -9.40 18.14
C LEU A 490 -12.97 -10.66 18.33
N MET A 491 -14.06 -10.78 17.57
CA MET A 491 -14.94 -11.94 17.67
C MET A 491 -14.29 -13.22 17.16
N ARG A 492 -13.36 -13.11 16.20
CA ARG A 492 -12.75 -14.28 15.55
C ARG A 492 -11.96 -15.15 16.51
N PHE A 493 -10.93 -14.57 17.13
CA PHE A 493 -10.02 -15.38 17.94
C PHE A 493 -10.57 -15.68 19.31
N CYS A 494 -11.68 -15.06 19.72
CA CYS A 494 -12.32 -15.44 20.97
C CYS A 494 -13.06 -16.76 20.88
N TRP A 495 -13.36 -17.23 19.67
CA TRP A 495 -13.92 -18.56 19.46
C TRP A 495 -12.84 -19.61 19.20
N LEU A 496 -11.59 -19.20 19.01
CA LEU A 496 -10.51 -20.14 18.77
C LEU A 496 -9.48 -20.19 19.90
N MET A 497 -9.51 -19.23 20.82
CA MET A 497 -8.52 -19.21 21.89
C MET A 497 -8.99 -20.04 23.08
N ALA A 498 -10.30 -20.05 23.35
CA ALA A 498 -10.83 -20.87 24.44
C ALA A 498 -10.80 -22.35 24.07
N VAL A 499 -10.95 -22.66 22.78
CA VAL A 499 -11.00 -24.06 22.34
C VAL A 499 -9.61 -24.70 22.28
N VAL A 500 -8.53 -23.91 22.34
CA VAL A 500 -7.20 -24.48 22.21
C VAL A 500 -6.51 -24.62 23.56
N ILE A 501 -6.94 -23.86 24.57
CA ILE A 501 -6.20 -23.81 25.83
C ILE A 501 -6.54 -24.97 26.75
N LEU A 502 -7.76 -25.52 26.68
CA LEU A 502 -8.14 -26.52 27.66
C LEU A 502 -7.54 -27.89 27.36
N GLY A 503 -7.20 -28.17 26.09
CA GLY A 503 -6.44 -29.38 25.81
C GLY A 503 -5.03 -29.31 26.35
N PHE A 504 -4.39 -28.13 26.19
CA PHE A 504 -3.13 -27.82 26.86
C PHE A 504 -3.25 -28.00 28.37
N ALA A 505 -4.37 -27.55 28.94
CA ALA A 505 -4.59 -27.62 30.38
C ALA A 505 -4.75 -29.06 30.84
N SER A 506 -5.49 -29.88 30.08
CA SER A 506 -5.66 -31.27 30.44
C SER A 506 -4.37 -32.05 30.28
N ALA A 507 -3.58 -31.73 29.26
CA ALA A 507 -2.27 -32.38 29.09
C ALA A 507 -1.30 -31.97 30.20
N PHE A 508 -1.44 -30.75 30.71
CA PHE A 508 -0.59 -30.33 31.82
C PHE A 508 -1.07 -30.92 33.14
N HIS A 509 -2.39 -31.11 33.29
CA HIS A 509 -2.95 -31.63 34.53
C HIS A 509 -2.73 -33.13 34.67
N ILE A 510 -2.74 -33.86 33.56
CA ILE A 510 -2.60 -35.31 33.61
C ILE A 510 -1.16 -35.73 33.97
N THR A 511 -0.18 -34.84 33.80
CA THR A 511 1.21 -35.21 34.07
C THR A 511 1.59 -34.95 35.52
N PHE A 512 1.32 -33.73 36.01
CA PHE A 512 1.82 -33.33 37.32
C PHE A 512 1.05 -33.94 38.50
N GLN A 513 -0.03 -34.67 38.25
CA GLN A 513 -0.72 -35.31 39.36
C GLN A 513 -0.02 -36.57 39.83
N THR A 514 0.96 -37.07 39.08
CA THR A 514 1.78 -38.19 39.55
C THR A 514 2.80 -37.75 40.59
N GLU A 515 3.05 -36.45 40.71
CA GLU A 515 3.96 -35.89 41.69
C GLU A 515 3.18 -35.12 42.75
N ASP A 516 3.91 -34.50 43.67
CA ASP A 516 3.35 -33.78 44.80
C ASP A 516 2.98 -32.35 44.40
N PRO A 517 2.00 -31.74 45.09
CA PRO A 517 1.72 -30.31 44.87
C PRO A 517 2.63 -29.40 45.68
N ASN A 518 3.71 -29.93 46.25
CA ASN A 518 4.60 -29.17 47.12
C ASN A 518 5.85 -28.69 46.41
N ASN A 519 6.38 -29.48 45.46
CA ASN A 519 7.62 -29.09 44.79
C ASN A 519 7.41 -27.93 43.83
N LEU A 520 6.28 -27.92 43.11
CA LEU A 520 5.98 -26.83 42.17
C LEU A 520 4.75 -26.05 42.60
N GLY A 521 3.61 -26.72 42.79
CA GLY A 521 2.42 -26.06 43.28
C GLY A 521 1.72 -25.14 42.29
N GLU A 522 2.05 -25.22 41.01
CA GLU A 522 1.40 -24.36 40.03
C GLU A 522 0.17 -25.03 39.42
N PHE A 523 0.30 -26.30 39.06
CA PHE A 523 -0.78 -27.04 38.41
C PHE A 523 -1.35 -28.01 39.44
N SER A 524 -2.35 -27.54 40.19
CA SER A 524 -2.89 -28.32 41.30
C SER A 524 -4.18 -29.05 40.91
N ASP A 525 -5.18 -28.30 40.45
CA ASP A 525 -6.50 -28.87 40.23
C ASP A 525 -7.05 -28.25 38.96
N TYR A 526 -8.09 -28.87 38.41
CA TYR A 526 -8.81 -28.51 37.18
C TYR A 526 -9.24 -27.04 37.03
N PRO A 527 -9.81 -26.32 38.07
CA PRO A 527 -10.23 -24.94 37.80
C PRO A 527 -9.07 -23.96 37.62
N THR A 528 -7.99 -24.13 38.37
CA THR A 528 -6.87 -23.20 38.26
C THR A 528 -5.91 -23.56 37.13
N ALA A 529 -6.00 -24.78 36.57
CA ALA A 529 -5.09 -25.17 35.49
C ALA A 529 -5.46 -24.48 34.18
N LEU A 530 -6.75 -24.46 33.85
CA LEU A 530 -7.21 -23.77 32.65
C LEU A 530 -6.98 -22.27 32.75
N PHE A 531 -7.23 -21.69 33.93
CA PHE A 531 -6.93 -20.29 34.18
C PHE A 531 -5.45 -19.99 34.04
N SER A 532 -4.60 -20.88 34.57
CA SER A 532 -3.16 -20.68 34.54
C SER A 532 -2.62 -20.74 33.12
N THR A 533 -3.06 -21.73 32.34
CA THR A 533 -2.60 -21.76 30.95
C THR A 533 -3.25 -20.69 30.08
N PHE A 534 -4.45 -20.23 30.44
CA PHE A 534 -5.12 -19.16 29.70
C PHE A 534 -4.37 -17.84 29.86
N GLU A 535 -3.92 -17.55 31.08
CA GLU A 535 -3.14 -16.33 31.26
C GLU A 535 -1.65 -16.56 30.94
N LEU A 536 -1.21 -17.82 30.85
CA LEU A 536 0.17 -18.12 30.50
C LEU A 536 0.39 -18.05 28.99
N PHE A 537 -0.68 -18.17 28.20
CA PHE A 537 -0.56 -17.94 26.76
C PHE A 537 -0.20 -16.49 26.44
N LEU A 538 -0.58 -15.55 27.31
CA LEU A 538 -0.43 -14.12 27.03
C LEU A 538 0.91 -13.55 27.48
N THR A 539 1.92 -14.41 27.71
CA THR A 539 3.29 -14.10 28.21
C THR A 539 3.32 -13.04 29.31
N ILE A 540 2.34 -13.12 30.21
CA ILE A 540 2.25 -12.19 31.34
C ILE A 540 3.15 -12.59 32.48
N ILE A 541 3.04 -13.82 32.96
CA ILE A 541 3.88 -14.32 34.04
C ILE A 541 4.84 -15.36 33.45
N ASP A 542 6.00 -15.50 34.09
CA ASP A 542 7.00 -16.44 33.60
C ASP A 542 6.57 -17.87 33.91
N GLY A 543 7.00 -18.80 33.04
CA GLY A 543 6.70 -20.20 33.20
C GLY A 543 7.34 -20.80 34.43
N PRO A 544 6.70 -21.81 35.02
CA PRO A 544 7.19 -22.36 36.28
C PRO A 544 8.46 -23.18 36.08
N ALA A 545 9.32 -23.14 37.09
CA ALA A 545 10.61 -23.80 37.02
C ALA A 545 11.07 -24.15 38.42
N ASN A 546 11.74 -25.30 38.52
CA ASN A 546 12.31 -25.77 39.77
C ASN A 546 13.47 -26.69 39.42
N TYR A 547 14.46 -26.75 40.31
CA TYR A 547 15.68 -27.52 40.09
C TYR A 547 15.98 -28.33 41.35
N SER A 548 15.56 -29.59 41.34
CA SER A 548 15.72 -30.48 42.48
C SER A 548 15.89 -31.90 41.95
N VAL A 549 15.72 -32.89 42.83
CA VAL A 549 15.89 -34.28 42.43
C VAL A 549 14.71 -34.80 41.60
N ASP A 550 13.58 -34.11 41.62
CA ASP A 550 12.41 -34.50 40.84
C ASP A 550 12.29 -33.61 39.61
N LEU A 551 12.02 -34.22 38.46
CA LEU A 551 11.95 -33.50 37.20
C LEU A 551 11.06 -34.27 36.23
N PRO A 552 9.99 -33.66 35.72
CA PRO A 552 9.09 -34.36 34.81
C PRO A 552 9.67 -34.53 33.41
N PHE A 553 9.25 -35.62 32.77
CA PHE A 553 9.79 -36.04 31.48
C PHE A 553 9.10 -35.36 30.30
N MET A 554 7.76 -35.37 30.29
CA MET A 554 7.02 -34.98 29.10
C MET A 554 6.86 -33.48 28.97
N TYR A 555 7.08 -32.73 30.06
CA TYR A 555 6.69 -31.33 30.13
C TYR A 555 7.54 -30.44 29.22
N CYS A 556 8.79 -30.82 28.96
CA CYS A 556 9.72 -29.93 28.26
C CYS A 556 9.35 -29.77 26.78
N ILE A 557 9.13 -30.88 26.08
CA ILE A 557 8.88 -30.77 24.64
C ILE A 557 7.47 -30.26 24.37
N THR A 558 6.50 -30.55 25.25
CA THR A 558 5.18 -29.98 25.06
C THR A 558 5.16 -28.51 25.47
N TYR A 559 6.08 -28.08 26.35
CA TYR A 559 6.24 -26.66 26.63
C TYR A 559 6.85 -25.94 25.43
N ALA A 560 7.81 -26.60 24.75
CA ALA A 560 8.36 -26.04 23.52
C ALA A 560 7.33 -26.02 22.40
N ALA A 561 6.46 -27.02 22.35
CA ALA A 561 5.39 -27.05 21.36
C ALA A 561 4.31 -26.01 21.66
N PHE A 562 4.10 -25.69 22.93
CA PHE A 562 3.22 -24.57 23.27
C PHE A 562 3.87 -23.24 22.89
N ALA A 563 5.18 -23.12 23.08
CA ALA A 563 5.88 -21.88 22.74
C ALA A 563 5.95 -21.67 21.23
N ILE A 564 6.06 -22.74 20.45
CA ILE A 564 6.12 -22.60 19.00
C ILE A 564 4.76 -22.24 18.42
N ILE A 565 3.67 -22.43 19.18
CA ILE A 565 2.37 -21.92 18.78
C ILE A 565 2.12 -20.52 19.32
N ALA A 566 2.59 -20.21 20.53
CA ALA A 566 2.45 -18.89 21.13
C ALA A 566 3.32 -17.84 20.46
N THR A 567 4.35 -18.25 19.71
CA THR A 567 5.19 -17.32 18.99
C THR A 567 4.62 -16.92 17.63
N LEU A 568 3.55 -17.57 17.16
CA LEU A 568 3.01 -17.07 15.91
C LEU A 568 1.50 -16.82 15.97
N LEU A 569 0.76 -17.52 16.83
CA LEU A 569 -0.69 -17.41 16.79
C LEU A 569 -1.19 -16.12 17.40
N MET A 570 -0.58 -15.70 18.52
CA MET A 570 -0.85 -14.38 19.10
C MET A 570 -0.47 -13.24 18.17
N LEU A 571 0.50 -13.45 17.28
CA LEU A 571 0.87 -12.45 16.28
C LEU A 571 0.02 -12.52 15.02
N ASN A 572 -0.59 -13.67 14.73
CA ASN A 572 -1.61 -13.78 13.69
C ASN A 572 -2.94 -13.16 14.11
N LEU A 573 -3.11 -12.82 15.39
CA LEU A 573 -4.16 -11.88 15.76
C LEU A 573 -3.88 -10.48 15.22
N PHE A 574 -2.61 -10.04 15.26
CA PHE A 574 -2.19 -8.71 14.81
C PHE A 574 -2.34 -8.49 13.32
N ILE A 575 -2.28 -9.54 12.50
CA ILE A 575 -2.44 -9.32 11.07
C ILE A 575 -3.90 -9.14 10.68
N ALA A 576 -4.81 -9.92 11.28
CA ALA A 576 -6.23 -9.64 11.15
C ALA A 576 -6.60 -8.29 11.77
N MET A 577 -5.88 -7.88 12.82
CA MET A 577 -5.99 -6.52 13.34
C MET A 577 -5.55 -5.49 12.31
N MET A 578 -4.45 -5.74 11.61
CA MET A 578 -3.83 -4.71 10.78
C MET A 578 -4.54 -4.56 9.44
N GLY A 579 -5.13 -5.64 8.92
CA GLY A 579 -5.75 -5.63 7.60
C GLY A 579 -6.96 -4.72 7.45
N ASP A 580 -7.48 -4.16 8.54
CA ASP A 580 -8.67 -3.33 8.45
C ASP A 580 -8.31 -1.87 8.24
N THR A 581 -7.32 -1.37 8.96
CA THR A 581 -7.05 0.07 8.96
C THR A 581 -6.42 0.53 7.65
N HIS A 582 -5.66 -0.35 6.99
CA HIS A 582 -4.91 0.05 5.80
C HIS A 582 -5.82 0.37 4.63
N TRP A 583 -6.59 -0.61 4.17
CA TRP A 583 -7.52 -0.33 3.07
C TRP A 583 -8.99 -0.52 3.41
N ARG A 584 -9.29 -1.35 4.40
CA ARG A 584 -10.68 -1.66 4.76
C ARG A 584 -11.59 -0.56 5.32
N VAL A 585 -11.12 0.22 6.28
CA VAL A 585 -11.95 1.26 6.90
C VAL A 585 -11.29 2.62 7.03
N ALA A 586 -10.23 2.85 6.27
CA ALA A 586 -9.45 4.08 6.39
C ALA A 586 -10.29 5.31 6.07
N GLN A 587 -11.34 5.15 5.28
CA GLN A 587 -12.20 6.27 4.92
C GLN A 587 -13.38 6.39 5.88
N GLU A 588 -13.63 5.35 6.67
CA GLU A 588 -14.87 5.29 7.46
C GLU A 588 -14.82 6.16 8.71
N ARG A 589 -13.63 6.39 9.27
CA ARG A 589 -13.58 6.98 10.61
C ARG A 589 -13.70 8.50 10.61
N ASP A 590 -13.81 9.14 9.44
CA ASP A 590 -13.96 10.58 9.41
C ASP A 590 -15.38 11.02 9.07
N GLU A 591 -16.05 10.30 8.16
CA GLU A 591 -17.44 10.65 7.84
C GLU A 591 -18.37 10.30 9.00
N LEU A 592 -18.09 9.21 9.71
CA LEU A 592 -18.83 8.93 10.94
C LEU A 592 -18.54 9.97 12.00
N TRP A 593 -17.31 10.50 12.03
CA TRP A 593 -16.95 11.56 12.97
C TRP A 593 -17.71 12.85 12.69
N ARG A 594 -17.88 13.20 11.43
CA ARG A 594 -18.68 14.37 11.09
C ARG A 594 -20.18 14.07 11.03
N ALA A 595 -20.59 12.82 11.27
CA ALA A 595 -22.01 12.53 11.47
C ALA A 595 -22.42 12.43 12.94
N GLN A 596 -21.50 12.08 13.84
CA GLN A 596 -21.86 12.07 15.27
C GLN A 596 -22.15 13.47 15.80
N VAL A 597 -21.62 14.51 15.17
CA VAL A 597 -21.89 15.86 15.63
C VAL A 597 -23.34 16.26 15.37
N VAL A 598 -23.89 15.92 14.19
CA VAL A 598 -25.29 16.21 13.95
C VAL A 598 -26.18 15.27 14.75
N ALA A 599 -25.73 14.04 15.00
CA ALA A 599 -26.46 13.13 15.87
C ALA A 599 -26.59 13.68 17.29
N THR A 600 -25.47 14.10 17.88
CA THR A 600 -25.52 14.59 19.26
C THR A 600 -26.19 15.95 19.38
N THR A 601 -26.13 16.81 18.35
CA THR A 601 -26.84 18.08 18.50
C THR A 601 -28.34 17.94 18.28
N VAL A 602 -28.79 16.99 17.44
CA VAL A 602 -30.23 16.77 17.33
C VAL A 602 -30.74 16.03 18.57
N MET A 603 -29.91 15.19 19.20
CA MET A 603 -30.35 14.55 20.42
C MET A 603 -30.33 15.52 21.60
N LEU A 604 -29.45 16.53 21.56
CA LEU A 604 -29.33 17.45 22.67
C LEU A 604 -30.32 18.61 22.58
N GLU A 605 -30.77 18.94 21.37
CA GLU A 605 -31.71 20.05 21.21
C GLU A 605 -33.10 19.68 21.72
N ARG A 606 -33.49 18.41 21.59
CA ARG A 606 -34.84 17.97 21.92
C ARG A 606 -35.00 17.59 23.39
N LYS A 607 -34.01 17.85 24.23
CA LYS A 607 -34.09 17.59 25.67
C LYS A 607 -33.86 18.82 26.52
N MET A 608 -33.00 19.73 26.08
CA MET A 608 -32.71 20.93 26.83
C MET A 608 -33.83 21.96 26.66
N PRO A 609 -33.93 22.87 27.63
CA PRO A 609 -34.93 23.93 27.72
C PRO A 609 -34.79 24.92 26.57
N ARG A 610 -35.91 25.52 26.20
CA ARG A 610 -35.98 26.48 25.11
C ARG A 610 -35.15 27.75 25.34
N PHE A 611 -34.98 28.15 26.59
CA PHE A 611 -34.23 29.34 26.91
C PHE A 611 -32.82 29.21 26.35
N LEU A 612 -32.23 28.01 26.41
CA LEU A 612 -30.88 27.87 25.86
C LEU A 612 -30.78 27.65 24.34
N TRP A 613 -31.91 27.60 23.62
CA TRP A 613 -31.84 27.39 22.18
C TRP A 613 -32.78 28.31 21.40
N PRO A 614 -32.28 29.36 20.77
CA PRO A 614 -33.00 29.99 19.66
C PRO A 614 -32.61 29.29 18.36
N ARG A 615 -33.37 29.58 17.30
CA ARG A 615 -33.06 29.00 16.01
C ARG A 615 -32.17 29.94 15.20
N SER A 616 -31.26 29.36 14.43
CA SER A 616 -30.22 30.11 13.74
C SER A 616 -30.78 30.76 12.48
N GLY A 617 -29.93 31.54 11.81
CA GLY A 617 -30.33 32.29 10.64
C GLY A 617 -30.54 33.76 10.94
N ILE A 618 -31.39 34.41 10.13
CA ILE A 618 -31.78 35.80 10.37
C ILE A 618 -33.28 35.81 10.63
N CYS A 619 -33.77 36.98 11.07
CA CYS A 619 -35.16 37.08 11.54
C CYS A 619 -36.16 37.06 10.40
N GLY A 620 -35.97 37.89 9.39
CA GLY A 620 -36.95 37.99 8.32
C GLY A 620 -38.03 39.03 8.55
N TYR A 621 -38.49 39.15 9.79
CA TYR A 621 -39.45 40.20 10.13
C TYR A 621 -38.77 41.56 10.15
N GLU A 622 -39.61 42.60 10.17
CA GLU A 622 -39.43 44.03 9.81
C GLU A 622 -39.41 44.17 8.28
N TYR A 623 -39.39 43.06 7.55
CA TYR A 623 -39.32 43.02 6.09
C TYR A 623 -40.53 42.26 5.60
N GLY A 624 -41.15 42.76 4.52
CA GLY A 624 -42.36 42.14 4.00
C GLY A 624 -42.12 40.89 3.17
N LEU A 625 -41.48 39.88 3.77
CA LEU A 625 -41.15 38.66 3.06
C LEU A 625 -41.95 37.45 3.57
N GLY A 626 -42.59 37.57 4.72
CA GLY A 626 -43.31 36.46 5.31
C GLY A 626 -42.45 35.66 6.27
N ASP A 627 -43.07 34.66 6.88
CA ASP A 627 -42.41 33.80 7.86
C ASP A 627 -41.61 32.70 7.15
N ARG A 628 -40.44 33.10 6.61
CA ARG A 628 -39.61 32.17 5.87
C ARG A 628 -38.17 32.06 6.36
N TRP A 629 -37.61 33.08 7.02
CA TRP A 629 -36.43 32.98 7.89
C TRP A 629 -35.17 32.50 7.14
N PHE A 630 -34.71 33.34 6.21
CA PHE A 630 -33.66 32.98 5.25
C PHE A 630 -32.29 32.81 5.93
N LEU A 631 -31.30 32.40 5.15
CA LEU A 631 -29.94 32.22 5.65
C LEU A 631 -28.97 32.48 4.51
N ARG A 632 -27.80 33.02 4.81
CA ARG A 632 -26.80 33.25 3.77
C ARG A 632 -25.52 32.47 4.05
N VAL A 633 -25.00 31.81 3.01
CA VAL A 633 -23.58 31.46 2.92
C VAL A 633 -23.06 32.12 1.64
N GLU A 634 -21.76 32.39 1.61
CA GLU A 634 -21.13 33.07 0.48
C GLU A 634 -20.25 32.08 -0.25
N ASN A 635 -20.32 32.11 -1.59
CA ASN A 635 -19.64 31.16 -2.45
C ASN A 635 -18.61 31.87 -3.31
N HIS A 636 -17.54 31.16 -3.66
CA HIS A 636 -16.47 31.70 -4.47
C HIS A 636 -16.11 30.72 -5.58
N HIS A 637 -15.82 31.27 -6.77
CA HIS A 637 -15.41 30.45 -7.90
C HIS A 637 -13.91 30.55 -8.12
N TRP B 29 15.02 -35.55 -20.14
CA TRP B 29 16.14 -35.70 -21.07
C TRP B 29 15.87 -34.95 -22.37
N GLU B 30 15.84 -33.62 -22.27
CA GLU B 30 15.65 -32.80 -23.46
C GLU B 30 16.89 -32.80 -24.35
N GLN B 31 18.08 -32.90 -23.74
CA GLN B 31 19.31 -33.01 -24.50
C GLN B 31 19.44 -34.33 -25.24
N TYR B 32 18.70 -35.36 -24.83
CA TYR B 32 18.65 -36.60 -25.60
C TYR B 32 17.89 -36.40 -26.90
N ARG B 33 16.83 -35.59 -26.88
CA ARG B 33 16.20 -35.16 -28.11
C ARG B 33 17.12 -34.24 -28.90
N ASP B 34 17.93 -33.42 -28.21
CA ASP B 34 18.86 -32.51 -28.86
C ASP B 34 20.09 -33.24 -29.45
N ARG B 35 20.19 -34.56 -29.28
CA ARG B 35 21.31 -35.29 -29.89
C ARG B 35 21.15 -35.41 -31.40
N VAL B 36 19.93 -35.53 -31.89
CA VAL B 36 19.66 -35.95 -33.25
C VAL B 36 19.09 -34.85 -34.14
N ASN B 37 18.92 -33.63 -33.63
CA ASN B 37 18.26 -32.60 -34.42
C ASN B 37 19.20 -31.92 -35.41
N MET B 38 20.42 -31.58 -34.97
CA MET B 38 21.34 -30.89 -35.87
C MET B 38 22.09 -31.84 -36.80
N LEU B 39 21.81 -33.14 -36.72
CA LEU B 39 22.45 -34.09 -37.62
C LEU B 39 21.97 -33.91 -39.06
N GLN B 40 20.69 -33.54 -39.24
CA GLN B 40 20.11 -33.51 -40.59
C GLN B 40 20.52 -32.26 -41.36
N GLN B 41 20.63 -31.13 -40.65
CA GLN B 41 20.79 -29.82 -41.29
C GLN B 41 22.15 -29.64 -41.95
N GLU B 42 23.14 -30.47 -41.62
CA GLU B 42 24.36 -30.50 -42.40
C GLU B 42 24.66 -31.87 -43.00
N ARG B 43 23.84 -32.89 -42.74
CA ARG B 43 23.90 -34.09 -43.58
C ARG B 43 23.32 -33.80 -44.95
N ILE B 44 22.31 -32.91 -45.03
CA ILE B 44 21.87 -32.45 -46.34
C ILE B 44 22.95 -31.59 -46.99
N ARG B 45 23.74 -30.94 -46.15
CA ARG B 45 24.89 -30.16 -46.60
C ARG B 45 26.00 -31.07 -47.19
N ASP B 46 26.20 -32.24 -46.57
CA ASP B 46 27.29 -33.12 -46.95
C ASP B 46 27.08 -33.69 -48.36
N SER B 47 25.99 -34.45 -48.56
CA SER B 47 25.67 -35.03 -49.84
C SER B 47 25.07 -33.96 -50.75
N PRO B 48 25.74 -33.60 -51.85
CA PRO B 48 25.33 -32.41 -52.61
C PRO B 48 24.23 -32.66 -53.63
N LEU B 49 23.52 -33.78 -53.53
CA LEU B 49 22.58 -34.19 -54.57
C LEU B 49 21.12 -34.06 -54.18
N LEU B 50 20.80 -33.57 -52.97
CA LEU B 50 19.40 -33.56 -52.55
C LEU B 50 18.96 -32.26 -51.90
N GLN B 51 19.90 -31.45 -51.40
CA GLN B 51 19.52 -30.27 -50.61
C GLN B 51 19.17 -29.07 -51.46
N ALA B 52 19.26 -29.17 -52.79
CA ALA B 52 19.07 -28.02 -53.66
C ALA B 52 17.64 -27.50 -53.68
N ALA B 53 16.68 -28.29 -53.22
CA ALA B 53 15.32 -27.77 -53.07
C ALA B 53 15.20 -26.85 -51.87
N LYS B 54 16.08 -26.99 -50.87
CA LYS B 54 15.99 -26.16 -49.67
C LYS B 54 16.48 -24.74 -49.94
N GLU B 55 17.42 -24.57 -50.86
CA GLU B 55 17.96 -23.27 -51.23
C GLU B 55 17.61 -22.90 -52.67
N ASN B 56 16.32 -23.07 -53.02
CA ASN B 56 15.58 -22.63 -54.20
C ASN B 56 16.32 -22.69 -55.53
N ASP B 57 17.06 -23.78 -55.75
CA ASP B 57 17.78 -23.97 -57.00
C ASP B 57 16.80 -24.36 -58.10
N LEU B 58 17.00 -23.81 -59.30
CA LEU B 58 16.10 -24.08 -60.41
C LEU B 58 16.79 -24.77 -61.59
N ARG B 59 17.88 -24.19 -62.09
CA ARG B 59 18.46 -24.68 -63.35
C ARG B 59 19.29 -25.94 -63.12
N LEU B 60 20.14 -25.93 -62.09
CA LEU B 60 20.89 -27.13 -61.72
C LEU B 60 20.01 -28.18 -61.05
N LEU B 61 18.83 -27.81 -60.56
CA LEU B 61 17.91 -28.78 -59.99
C LEU B 61 17.25 -29.60 -61.09
N LYS B 62 17.11 -29.02 -62.28
CA LYS B 62 16.54 -29.72 -63.42
C LYS B 62 17.55 -30.60 -64.15
N ILE B 63 18.79 -30.65 -63.69
CA ILE B 63 19.82 -31.44 -64.36
C ILE B 63 20.01 -32.80 -63.68
N LEU B 64 20.05 -32.82 -62.34
CA LEU B 64 20.51 -33.99 -61.62
C LEU B 64 19.48 -35.12 -61.58
N LEU B 65 18.22 -34.86 -61.93
CA LEU B 65 17.19 -35.89 -61.82
C LEU B 65 17.11 -36.79 -63.04
N LEU B 66 17.60 -36.36 -64.19
CA LEU B 66 17.47 -37.16 -65.41
C LEU B 66 18.70 -38.00 -65.69
N ASN B 67 19.89 -37.52 -65.31
CA ASN B 67 21.12 -38.24 -65.62
C ASN B 67 21.32 -39.45 -64.73
N GLN B 68 20.69 -39.50 -63.56
CA GLN B 68 20.88 -40.59 -62.62
C GLN B 68 19.54 -41.16 -62.20
N SER B 69 19.57 -42.40 -61.72
CA SER B 69 18.40 -43.02 -61.09
C SER B 69 18.51 -42.86 -59.56
N CYS B 70 18.55 -41.60 -59.14
CA CYS B 70 18.85 -41.22 -57.77
C CYS B 70 17.81 -40.23 -57.26
N ASP B 71 16.53 -40.57 -57.44
CA ASP B 71 15.43 -39.71 -56.99
C ASP B 71 14.90 -40.14 -55.62
N PHE B 72 14.58 -41.43 -55.46
CA PHE B 72 14.01 -41.94 -54.22
C PHE B 72 15.06 -42.40 -53.23
N GLN B 73 16.27 -42.68 -53.69
CA GLN B 73 17.27 -43.38 -52.87
C GLN B 73 17.90 -42.51 -51.79
N GLN B 74 17.60 -41.22 -51.73
CA GLN B 74 18.16 -40.35 -50.70
C GLN B 74 17.26 -40.40 -49.46
N ARG B 75 17.77 -41.01 -48.40
CA ARG B 75 17.06 -41.08 -47.14
C ARG B 75 18.01 -40.69 -46.01
N GLY B 76 17.55 -39.80 -45.14
CA GLY B 76 18.34 -39.38 -44.00
C GLY B 76 18.20 -40.31 -42.82
N ALA B 77 18.74 -39.87 -41.68
CA ALA B 77 18.60 -40.63 -40.45
C ALA B 77 17.17 -40.63 -39.92
N VAL B 78 16.40 -39.58 -40.22
CA VAL B 78 14.99 -39.55 -39.87
C VAL B 78 14.20 -40.48 -40.78
N GLY B 79 14.68 -40.66 -42.01
CA GLY B 79 13.85 -41.10 -43.10
C GLY B 79 13.47 -39.96 -44.01
N GLU B 80 14.33 -38.95 -44.11
CA GLU B 80 14.03 -37.69 -44.77
C GLU B 80 14.01 -37.87 -46.29
N THR B 81 13.10 -37.17 -46.94
CA THR B 81 12.95 -37.17 -48.38
C THR B 81 12.90 -35.73 -48.87
N ALA B 82 12.67 -35.55 -50.18
CA ALA B 82 12.82 -34.24 -50.80
C ALA B 82 11.60 -33.34 -50.63
N LEU B 83 10.46 -33.87 -50.22
CA LEU B 83 9.25 -33.07 -50.08
C LEU B 83 9.11 -32.42 -48.70
N HIS B 84 9.71 -32.99 -47.66
CA HIS B 84 9.55 -32.41 -46.33
C HIS B 84 10.31 -31.09 -46.20
N VAL B 85 11.51 -31.02 -46.77
CA VAL B 85 12.24 -29.76 -46.79
C VAL B 85 11.63 -28.78 -47.80
N ALA B 86 10.95 -29.31 -48.83
CA ALA B 86 10.24 -28.46 -49.78
C ALA B 86 8.97 -27.88 -49.18
N ALA B 87 8.45 -28.51 -48.13
CA ALA B 87 7.35 -27.96 -47.35
C ALA B 87 7.79 -27.46 -45.98
N LEU B 88 9.09 -27.36 -45.73
CA LEU B 88 9.59 -26.70 -44.52
C LEU B 88 9.20 -25.22 -44.53
N TYR B 89 9.73 -24.48 -45.49
CA TYR B 89 9.06 -23.31 -46.04
C TYR B 89 8.58 -23.71 -47.42
N ASP B 90 7.75 -22.87 -48.00
CA ASP B 90 7.13 -23.28 -49.24
C ASP B 90 8.00 -23.14 -50.45
N ASN B 91 8.47 -24.29 -50.90
CA ASN B 91 9.23 -24.35 -52.16
C ASN B 91 8.24 -24.73 -53.25
N LEU B 92 7.70 -23.70 -53.91
CA LEU B 92 6.66 -23.91 -54.90
C LEU B 92 7.23 -24.51 -56.19
N GLU B 93 8.43 -24.08 -56.58
CA GLU B 93 9.04 -24.59 -57.80
C GLU B 93 9.66 -25.97 -57.61
N ALA B 94 9.93 -26.37 -56.37
CA ALA B 94 10.53 -27.68 -56.14
C ALA B 94 9.51 -28.80 -56.25
N ALA B 95 8.30 -28.58 -55.72
CA ALA B 95 7.23 -29.57 -55.77
C ALA B 95 6.43 -29.52 -57.06
N THR B 96 6.98 -28.94 -58.12
CA THR B 96 6.32 -28.84 -59.41
C THR B 96 6.73 -29.97 -60.35
N LEU B 97 8.01 -30.29 -60.40
CA LEU B 97 8.55 -31.16 -61.44
C LEU B 97 8.93 -32.56 -60.96
N LEU B 98 8.90 -32.81 -59.65
CA LEU B 98 9.31 -34.13 -59.17
C LEU B 98 8.21 -35.18 -59.32
N MET B 99 6.98 -34.77 -59.61
CA MET B 99 5.93 -35.74 -59.92
C MET B 99 6.13 -36.39 -61.28
N GLU B 100 6.90 -35.75 -62.17
CA GLU B 100 7.26 -36.38 -63.44
C GLU B 100 8.27 -37.51 -63.23
N ALA B 101 9.08 -37.43 -62.18
CA ALA B 101 10.06 -38.45 -61.88
C ALA B 101 9.51 -39.53 -60.94
N ALA B 102 8.81 -39.12 -59.89
CA ALA B 102 8.26 -40.05 -58.91
C ALA B 102 7.04 -39.44 -58.28
N PRO B 103 5.83 -39.73 -58.79
CA PRO B 103 4.62 -39.19 -58.17
C PRO B 103 4.25 -39.88 -56.85
N GLU B 104 4.78 -41.07 -56.60
CA GLU B 104 4.51 -41.80 -55.37
C GLU B 104 5.47 -41.43 -54.23
N LEU B 105 6.28 -40.39 -54.41
CA LEU B 105 7.30 -40.03 -53.45
C LEU B 105 6.72 -39.39 -52.19
N ALA B 106 5.46 -38.96 -52.21
CA ALA B 106 4.86 -38.33 -51.05
C ALA B 106 4.38 -39.33 -50.01
N LYS B 107 3.97 -40.52 -50.46
CA LYS B 107 3.28 -41.47 -49.57
C LYS B 107 4.24 -42.48 -48.97
N GLU B 108 5.23 -41.96 -48.22
CA GLU B 108 6.14 -42.77 -47.43
C GLU B 108 6.35 -42.07 -46.10
N PRO B 109 6.10 -42.74 -44.98
CA PRO B 109 6.32 -42.12 -43.66
C PRO B 109 7.80 -42.17 -43.28
N ALA B 110 8.10 -41.57 -42.13
CA ALA B 110 9.45 -41.56 -41.60
C ALA B 110 9.70 -42.79 -40.74
N LEU B 111 10.99 -43.09 -40.51
CA LEU B 111 11.38 -44.37 -39.92
C LEU B 111 12.19 -44.26 -38.63
N CYS B 112 12.65 -43.08 -38.24
CA CYS B 112 13.46 -43.01 -37.03
C CYS B 112 12.56 -43.04 -35.79
N GLU B 113 13.20 -43.31 -34.63
CA GLU B 113 12.45 -43.52 -33.40
C GLU B 113 11.70 -42.29 -32.88
N PRO B 114 12.28 -41.06 -32.83
CA PRO B 114 11.44 -39.93 -32.38
C PRO B 114 10.41 -39.45 -33.40
N PHE B 115 10.42 -39.94 -34.64
CA PHE B 115 9.44 -39.54 -35.64
C PHE B 115 8.92 -40.76 -36.39
N VAL B 116 8.49 -41.78 -35.64
CA VAL B 116 7.89 -42.98 -36.20
C VAL B 116 6.55 -42.63 -36.85
N GLY B 117 6.45 -42.85 -38.17
CA GLY B 117 5.18 -42.79 -38.88
C GLY B 117 4.60 -41.42 -39.14
N GLN B 118 5.31 -40.58 -39.89
CA GLN B 118 4.87 -39.21 -40.16
C GLN B 118 5.30 -38.84 -41.57
N THR B 119 4.35 -38.37 -42.37
CA THR B 119 4.47 -38.33 -43.83
C THR B 119 4.56 -36.89 -44.33
N ALA B 120 4.34 -36.72 -45.64
CA ALA B 120 4.68 -35.50 -46.35
C ALA B 120 3.83 -34.30 -45.94
N LEU B 121 2.51 -34.43 -45.98
CA LEU B 121 1.63 -33.30 -45.66
C LEU B 121 1.67 -32.81 -44.22
N HIS B 122 2.09 -33.68 -43.32
CA HIS B 122 2.02 -33.43 -41.88
C HIS B 122 2.75 -32.15 -41.48
N ILE B 123 3.71 -31.71 -42.28
CA ILE B 123 4.30 -30.40 -42.09
C ILE B 123 3.66 -29.36 -43.04
N ALA B 124 2.94 -29.82 -44.06
CA ALA B 124 2.37 -28.94 -45.07
C ALA B 124 0.93 -28.53 -44.76
N VAL B 125 0.52 -28.65 -43.50
CA VAL B 125 -0.78 -28.17 -43.07
C VAL B 125 -0.63 -26.99 -42.11
N MET B 126 0.41 -27.00 -41.29
CA MET B 126 0.74 -25.97 -40.33
C MET B 126 1.43 -24.77 -40.98
N ASN B 127 1.73 -24.87 -42.28
CA ASN B 127 2.27 -23.74 -43.03
C ASN B 127 1.17 -22.79 -43.50
N GLN B 128 -0.10 -23.23 -43.42
CA GLN B 128 -1.32 -22.65 -43.99
C GLN B 128 -1.15 -22.06 -45.40
N ASN B 129 -0.37 -22.74 -46.24
CA ASN B 129 -0.16 -22.33 -47.62
C ASN B 129 -1.19 -23.04 -48.50
N LEU B 130 -2.22 -22.31 -48.90
CA LEU B 130 -3.31 -22.90 -49.67
C LEU B 130 -2.94 -23.11 -51.13
N ASN B 131 -1.84 -22.50 -51.59
CA ASN B 131 -1.37 -22.77 -52.95
C ASN B 131 -0.62 -24.10 -53.03
N LEU B 132 -0.22 -24.65 -51.89
CA LEU B 132 0.54 -25.89 -51.89
C LEU B 132 -0.37 -27.11 -51.94
N VAL B 133 -1.61 -27.00 -51.43
CA VAL B 133 -2.45 -28.18 -51.28
C VAL B 133 -3.10 -28.63 -52.59
N ARG B 134 -3.01 -27.83 -53.66
CA ARG B 134 -3.59 -28.27 -54.93
C ARG B 134 -2.74 -29.34 -55.60
N ALA B 135 -1.46 -29.46 -55.23
CA ALA B 135 -0.56 -30.34 -55.95
C ALA B 135 -0.62 -31.77 -55.42
N LEU B 136 -0.34 -31.95 -54.13
CA LEU B 136 -0.11 -33.29 -53.58
C LEU B 136 -1.39 -34.04 -53.25
N LEU B 137 -2.56 -33.40 -53.37
CA LEU B 137 -3.81 -34.09 -53.07
C LEU B 137 -4.32 -34.87 -54.27
N ALA B 138 -4.43 -34.21 -55.43
CA ALA B 138 -4.96 -34.86 -56.62
C ALA B 138 -3.97 -35.82 -57.26
N ARG B 139 -2.68 -35.69 -56.96
CA ARG B 139 -1.65 -36.54 -57.53
C ARG B 139 -1.32 -37.75 -56.67
N GLY B 140 -2.22 -38.13 -55.76
CA GLY B 140 -1.99 -39.25 -54.87
C GLY B 140 -1.85 -38.83 -53.42
N ALA B 141 -2.87 -39.11 -52.62
CA ALA B 141 -2.86 -38.71 -51.22
C ALA B 141 -3.62 -39.73 -50.39
N SER B 142 -3.41 -39.67 -49.08
CA SER B 142 -4.09 -40.57 -48.14
C SER B 142 -4.19 -39.85 -46.80
N VAL B 143 -5.41 -39.45 -46.43
CA VAL B 143 -5.61 -38.68 -45.21
C VAL B 143 -5.65 -39.58 -43.98
N SER B 144 -5.85 -40.89 -44.16
CA SER B 144 -5.97 -41.80 -43.03
C SER B 144 -4.65 -42.12 -42.35
N ALA B 145 -3.53 -41.66 -42.90
CA ALA B 145 -2.23 -41.89 -42.27
C ALA B 145 -2.08 -40.98 -41.05
N ARG B 146 -2.13 -41.59 -39.86
CA ARG B 146 -2.00 -40.84 -38.62
C ARG B 146 -0.53 -40.53 -38.35
N ALA B 147 -0.29 -39.63 -37.40
CA ALA B 147 1.06 -39.18 -37.05
C ALA B 147 1.38 -39.67 -35.64
N THR B 148 2.14 -40.76 -35.55
CA THR B 148 2.47 -41.40 -34.28
C THR B 148 3.86 -41.01 -33.79
N GLY B 149 4.28 -39.75 -34.00
CA GLY B 149 5.61 -39.34 -33.61
C GLY B 149 5.77 -39.27 -32.10
N ALA B 150 7.01 -39.52 -31.66
CA ALA B 150 7.28 -39.55 -30.22
C ALA B 150 7.34 -38.15 -29.63
N ALA B 151 7.59 -37.14 -30.45
CA ALA B 151 7.55 -35.75 -30.02
C ALA B 151 6.15 -35.14 -30.15
N PHE B 152 5.12 -35.97 -30.29
CA PHE B 152 3.76 -35.50 -30.46
C PHE B 152 2.84 -35.82 -29.29
N ARG B 153 3.29 -36.62 -28.33
CA ARG B 153 2.45 -36.95 -27.18
C ARG B 153 2.38 -35.79 -26.20
N ARG B 154 1.41 -35.87 -25.29
CA ARG B 154 1.29 -34.89 -24.22
C ARG B 154 2.33 -35.18 -23.15
N SER B 155 3.20 -34.21 -22.89
CA SER B 155 4.32 -34.41 -21.99
C SER B 155 4.78 -33.07 -21.45
N PRO B 156 5.28 -33.01 -20.20
CA PRO B 156 5.77 -31.73 -19.67
C PRO B 156 7.03 -31.23 -20.35
N HIS B 157 7.89 -32.11 -20.87
CA HIS B 157 9.11 -31.69 -21.53
C HIS B 157 8.93 -31.56 -23.04
N ASN B 158 7.68 -31.50 -23.49
CA ASN B 158 7.37 -31.18 -24.88
C ASN B 158 6.38 -30.02 -24.88
N LEU B 159 6.62 -29.05 -25.78
CA LEU B 159 5.92 -27.77 -25.70
C LEU B 159 4.50 -27.89 -26.24
N ILE B 160 4.36 -28.30 -27.50
CA ILE B 160 3.07 -28.29 -28.19
C ILE B 160 2.44 -29.67 -28.15
N TYR B 161 1.11 -29.69 -28.12
CA TYR B 161 0.30 -30.90 -28.28
C TYR B 161 -0.83 -30.57 -29.25
N TYR B 162 -0.65 -30.94 -30.51
CA TYR B 162 -1.59 -30.55 -31.55
C TYR B 162 -2.44 -31.69 -32.09
N GLY B 163 -2.32 -32.90 -31.54
CA GLY B 163 -3.21 -33.98 -31.94
C GLY B 163 -2.55 -35.10 -32.72
N GLU B 164 -3.36 -35.86 -33.45
CA GLU B 164 -2.90 -37.07 -34.14
C GLU B 164 -3.03 -36.97 -35.65
N HIS B 165 -4.21 -36.67 -36.15
CA HIS B 165 -4.63 -36.60 -37.54
C HIS B 165 -4.47 -35.19 -38.07
N PRO B 166 -4.20 -35.01 -39.38
CA PRO B 166 -4.00 -33.65 -39.92
C PRO B 166 -5.25 -32.78 -39.92
N LEU B 167 -6.43 -33.36 -39.70
CA LEU B 167 -7.62 -32.56 -39.40
C LEU B 167 -7.43 -31.79 -38.11
N SER B 168 -6.85 -32.43 -37.09
CA SER B 168 -6.57 -31.74 -35.83
C SER B 168 -5.48 -30.69 -35.99
N PHE B 169 -4.47 -30.99 -36.83
CA PHE B 169 -3.43 -30.01 -37.11
C PHE B 169 -3.96 -28.83 -37.91
N ALA B 170 -5.03 -29.04 -38.69
CA ALA B 170 -5.71 -27.92 -39.32
C ALA B 170 -6.57 -27.15 -38.34
N ALA B 171 -7.16 -27.83 -37.37
CA ALA B 171 -7.98 -27.16 -36.36
C ALA B 171 -7.16 -26.35 -35.39
N CYS B 172 -5.91 -26.74 -35.14
CA CYS B 172 -5.08 -26.03 -34.16
C CYS B 172 -4.62 -24.67 -34.69
N VAL B 173 -4.34 -24.59 -36.00
CA VAL B 173 -3.82 -23.33 -36.53
C VAL B 173 -4.95 -22.32 -36.74
N GLY B 174 -6.19 -22.80 -36.88
CA GLY B 174 -7.33 -21.91 -37.02
C GLY B 174 -7.45 -21.28 -38.39
N SER B 175 -7.49 -22.10 -39.43
CA SER B 175 -7.74 -21.64 -40.78
C SER B 175 -9.07 -22.23 -41.25
N GLU B 176 -9.84 -21.42 -41.99
CA GLU B 176 -11.26 -21.71 -42.15
C GLU B 176 -11.57 -22.53 -43.40
N GLU B 177 -10.74 -22.42 -44.44
CA GLU B 177 -11.11 -23.02 -45.72
C GLU B 177 -10.20 -24.15 -46.18
N ILE B 178 -8.96 -24.21 -45.71
CA ILE B 178 -8.14 -25.38 -46.04
C ILE B 178 -8.67 -26.62 -45.32
N VAL B 179 -9.27 -26.44 -44.15
CA VAL B 179 -10.03 -27.51 -43.49
C VAL B 179 -11.28 -27.86 -44.29
N ARG B 180 -11.74 -26.97 -45.18
CA ARG B 180 -12.76 -27.30 -46.15
C ARG B 180 -12.31 -28.41 -47.09
N LEU B 181 -11.01 -28.45 -47.41
CA LEU B 181 -10.55 -29.26 -48.54
C LEU B 181 -10.50 -30.75 -48.20
N LEU B 182 -9.80 -31.10 -47.12
CA LEU B 182 -9.53 -32.52 -46.83
C LEU B 182 -10.77 -33.27 -46.35
N ILE B 183 -11.82 -32.56 -45.93
CA ILE B 183 -13.10 -33.20 -45.66
C ILE B 183 -13.72 -33.74 -46.94
N GLU B 184 -13.49 -33.05 -48.07
CA GLU B 184 -14.12 -33.39 -49.34
C GLU B 184 -13.46 -34.59 -50.05
N HIS B 185 -12.65 -35.38 -49.35
CA HIS B 185 -12.04 -36.58 -49.92
C HIS B 185 -12.17 -37.75 -48.95
N GLY B 186 -13.29 -37.82 -48.24
CA GLY B 186 -13.56 -38.93 -47.34
C GLY B 186 -12.77 -38.90 -46.05
N ALA B 187 -12.84 -37.79 -45.31
CA ALA B 187 -12.12 -37.68 -44.04
C ALA B 187 -12.95 -38.26 -42.91
N ASP B 188 -12.30 -39.00 -42.02
CA ASP B 188 -12.96 -39.55 -40.85
C ASP B 188 -12.90 -38.54 -39.71
N ILE B 189 -13.91 -38.60 -38.83
CA ILE B 189 -14.00 -37.72 -37.67
C ILE B 189 -13.82 -38.50 -36.38
N ARG B 190 -14.38 -39.70 -36.29
CA ARG B 190 -14.40 -40.50 -35.06
C ARG B 190 -13.09 -41.20 -34.76
N ALA B 191 -12.02 -40.96 -35.51
CA ALA B 191 -10.75 -41.61 -35.23
C ALA B 191 -10.00 -40.87 -34.13
N GLN B 192 -9.33 -41.64 -33.26
CA GLN B 192 -8.56 -41.10 -32.16
C GLN B 192 -7.11 -41.55 -32.28
N ASP B 193 -6.31 -41.15 -31.29
CA ASP B 193 -4.92 -41.55 -31.19
C ASP B 193 -4.81 -42.82 -30.33
N SER B 194 -3.59 -43.17 -29.94
CA SER B 194 -3.36 -44.32 -29.08
C SER B 194 -3.82 -44.10 -27.65
N LEU B 195 -3.98 -42.85 -27.22
CA LEU B 195 -4.48 -42.54 -25.89
C LEU B 195 -5.86 -41.89 -25.94
N GLY B 196 -6.61 -42.09 -27.02
CA GLY B 196 -8.01 -41.72 -27.09
C GLY B 196 -8.30 -40.24 -27.10
N ASN B 197 -7.94 -39.55 -28.18
CA ASN B 197 -8.20 -38.13 -28.32
C ASN B 197 -8.79 -37.88 -29.69
N THR B 198 -10.04 -37.40 -29.73
CA THR B 198 -10.71 -37.09 -30.97
C THR B 198 -10.40 -35.65 -31.38
N VAL B 199 -11.04 -35.19 -32.45
CA VAL B 199 -10.74 -33.88 -33.01
C VAL B 199 -11.28 -32.73 -32.17
N LEU B 200 -12.23 -33.00 -31.27
CA LEU B 200 -12.96 -31.92 -30.64
C LEU B 200 -12.21 -31.33 -29.45
N HIS B 201 -11.84 -32.16 -28.47
CA HIS B 201 -11.36 -31.65 -27.19
C HIS B 201 -9.87 -31.35 -27.17
N ILE B 202 -9.23 -31.19 -28.32
CA ILE B 202 -7.85 -30.72 -28.34
C ILE B 202 -7.82 -29.20 -28.42
N LEU B 203 -8.98 -28.57 -28.61
CA LEU B 203 -9.07 -27.11 -28.64
C LEU B 203 -8.98 -26.49 -27.25
N ILE B 204 -9.48 -27.19 -26.23
CA ILE B 204 -9.64 -26.57 -24.92
C ILE B 204 -8.35 -26.53 -24.11
N LEU B 205 -7.31 -27.23 -24.54
CA LEU B 205 -6.01 -27.10 -23.92
C LEU B 205 -5.25 -25.87 -24.44
N GLN B 206 -5.62 -25.37 -25.61
CA GLN B 206 -4.90 -24.27 -26.23
C GLN B 206 -5.55 -22.93 -25.83
N PRO B 207 -4.76 -21.96 -25.37
CA PRO B 207 -5.35 -20.79 -24.68
C PRO B 207 -6.04 -19.76 -25.57
N ASN B 208 -5.97 -19.86 -26.89
CA ASN B 208 -6.53 -18.81 -27.73
C ASN B 208 -8.06 -18.92 -27.77
N LYS B 209 -8.72 -17.78 -27.98
CA LYS B 209 -10.17 -17.67 -27.95
C LYS B 209 -10.75 -17.25 -29.28
N THR B 210 -10.12 -16.30 -29.97
CA THR B 210 -10.77 -15.62 -31.09
C THR B 210 -10.92 -16.47 -32.34
N PHE B 211 -10.21 -17.60 -32.42
CA PHE B 211 -10.42 -18.53 -33.52
C PHE B 211 -11.18 -19.77 -33.10
N ALA B 212 -11.14 -20.12 -31.81
CA ALA B 212 -11.87 -21.29 -31.35
C ALA B 212 -13.34 -21.01 -31.17
N CYS B 213 -13.74 -19.73 -31.13
CA CYS B 213 -15.14 -19.39 -30.91
C CYS B 213 -15.95 -19.57 -32.20
N GLN B 214 -15.36 -19.25 -33.34
CA GLN B 214 -16.07 -19.29 -34.61
C GLN B 214 -15.94 -20.65 -35.30
N MET B 215 -14.80 -21.33 -35.13
CA MET B 215 -14.57 -22.59 -35.82
C MET B 215 -15.39 -23.73 -35.21
N TYR B 216 -15.83 -23.56 -33.96
CA TYR B 216 -16.58 -24.60 -33.27
C TYR B 216 -17.97 -24.83 -33.86
N ASN B 217 -18.58 -23.80 -34.46
CA ASN B 217 -19.97 -23.91 -34.90
C ASN B 217 -20.08 -24.70 -36.20
N LEU B 218 -19.37 -24.25 -37.24
CA LEU B 218 -19.50 -24.87 -38.56
C LEU B 218 -18.87 -26.25 -38.62
N LEU B 219 -17.93 -26.55 -37.70
CA LEU B 219 -17.39 -27.91 -37.64
C LEU B 219 -18.34 -28.86 -36.92
N LEU B 220 -19.10 -28.34 -35.95
CA LEU B 220 -20.15 -29.15 -35.33
C LEU B 220 -21.39 -29.26 -36.21
N SER B 221 -21.51 -28.39 -37.21
CA SER B 221 -22.59 -28.54 -38.19
C SER B 221 -22.37 -29.76 -39.09
N TYR B 222 -21.12 -30.19 -39.24
CA TYR B 222 -20.79 -31.33 -40.11
C TYR B 222 -20.74 -32.60 -39.27
N ASP B 223 -21.91 -32.99 -38.80
CA ASP B 223 -22.06 -34.15 -37.95
C ASP B 223 -22.38 -35.39 -38.79
N GLU B 224 -22.79 -36.48 -38.12
CA GLU B 224 -23.22 -37.68 -38.81
C GLU B 224 -24.60 -37.50 -39.44
N HIS B 225 -25.34 -36.48 -38.97
CA HIS B 225 -26.74 -36.13 -39.26
C HIS B 225 -27.73 -37.13 -38.66
N SER B 226 -27.20 -38.08 -37.89
CA SER B 226 -27.95 -38.87 -36.91
C SER B 226 -27.15 -38.73 -35.63
N ASP B 227 -27.42 -37.65 -34.89
CA ASP B 227 -26.46 -37.12 -33.93
C ASP B 227 -26.61 -37.63 -32.51
N HIS B 228 -27.82 -37.98 -32.06
CA HIS B 228 -27.97 -38.36 -30.66
C HIS B 228 -27.50 -39.80 -30.43
N LEU B 229 -27.72 -40.69 -31.38
CA LEU B 229 -27.15 -42.03 -31.32
C LEU B 229 -25.72 -41.99 -31.83
N GLN B 230 -24.84 -42.73 -31.14
CA GLN B 230 -23.37 -42.66 -31.22
C GLN B 230 -22.87 -41.21 -31.34
N SER B 231 -23.18 -40.45 -30.29
CA SER B 231 -22.93 -39.01 -30.29
C SER B 231 -21.43 -38.71 -30.22
N LEU B 232 -21.00 -37.75 -31.04
CA LEU B 232 -19.58 -37.43 -31.14
C LEU B 232 -19.07 -36.60 -29.97
N GLU B 233 -19.97 -35.94 -29.23
CA GLU B 233 -19.58 -35.22 -28.03
C GLU B 233 -19.91 -35.98 -26.75
N LEU B 234 -20.38 -37.23 -26.89
CA LEU B 234 -20.59 -38.11 -25.75
C LEU B 234 -19.71 -39.35 -25.78
N VAL B 235 -18.88 -39.51 -26.81
CA VAL B 235 -17.97 -40.66 -26.87
C VAL B 235 -16.85 -40.45 -25.87
N PRO B 236 -16.54 -41.43 -25.02
CA PRO B 236 -15.50 -41.23 -24.01
C PRO B 236 -14.11 -41.38 -24.59
N ASN B 237 -13.12 -40.96 -23.81
CA ASN B 237 -11.72 -41.07 -24.18
C ASN B 237 -11.17 -42.43 -23.73
N HIS B 238 -9.86 -42.59 -23.76
CA HIS B 238 -9.24 -43.83 -23.29
C HIS B 238 -9.37 -43.98 -21.78
N GLN B 239 -9.39 -42.85 -21.05
CA GLN B 239 -9.70 -42.90 -19.62
C GLN B 239 -11.18 -43.17 -19.39
N GLY B 240 -12.03 -42.77 -20.34
CA GLY B 240 -13.46 -42.98 -20.23
C GLY B 240 -14.21 -41.76 -19.77
N LEU B 241 -13.91 -40.60 -20.34
CA LEU B 241 -14.48 -39.34 -19.86
C LEU B 241 -15.12 -38.62 -21.04
N THR B 242 -16.29 -38.05 -20.80
CA THR B 242 -17.00 -37.28 -21.82
C THR B 242 -16.26 -35.98 -22.08
N PRO B 243 -15.88 -35.67 -23.33
CA PRO B 243 -14.87 -34.62 -23.57
C PRO B 243 -15.32 -33.19 -23.30
N PHE B 244 -16.59 -32.95 -22.97
CA PHE B 244 -16.99 -31.60 -22.60
C PHE B 244 -16.47 -31.21 -21.22
N LYS B 245 -16.31 -32.17 -20.32
CA LYS B 245 -15.94 -31.86 -18.95
C LYS B 245 -14.45 -31.61 -18.76
N LEU B 246 -13.66 -31.92 -19.80
CA LEU B 246 -12.24 -31.59 -19.81
C LEU B 246 -12.17 -30.07 -19.82
N ALA B 247 -13.01 -29.43 -20.64
CA ALA B 247 -13.12 -27.97 -20.67
C ALA B 247 -13.67 -27.44 -19.35
N GLY B 248 -14.37 -28.26 -18.58
CA GLY B 248 -14.87 -27.82 -17.29
C GLY B 248 -13.78 -27.74 -16.25
N VAL B 249 -12.94 -28.78 -16.16
CA VAL B 249 -11.96 -28.81 -15.08
C VAL B 249 -10.64 -28.18 -15.48
N GLU B 250 -10.28 -28.20 -16.76
CA GLU B 250 -9.21 -27.30 -17.19
C GLU B 250 -9.68 -25.86 -17.34
N GLY B 251 -10.99 -25.63 -17.38
CA GLY B 251 -11.56 -24.30 -17.19
C GLY B 251 -11.32 -23.26 -18.26
N ASN B 252 -11.31 -23.65 -19.54
CA ASN B 252 -11.37 -22.65 -20.60
C ASN B 252 -12.83 -22.22 -20.70
N THR B 253 -13.15 -21.10 -20.07
CA THR B 253 -14.54 -20.76 -19.76
C THR B 253 -15.33 -20.32 -20.98
N VAL B 254 -14.68 -20.02 -22.10
CA VAL B 254 -15.41 -19.52 -23.27
C VAL B 254 -16.12 -20.66 -24.00
N MET B 255 -15.64 -21.90 -23.85
CA MET B 255 -16.40 -23.04 -24.33
C MET B 255 -17.59 -23.33 -23.44
N PHE B 256 -17.39 -23.15 -22.12
CA PHE B 256 -18.47 -23.26 -21.15
C PHE B 256 -19.51 -22.16 -21.35
N GLN B 257 -19.09 -21.01 -21.90
CA GLN B 257 -20.06 -20.01 -22.31
C GLN B 257 -20.75 -20.40 -23.61
N HIS B 258 -19.97 -20.85 -24.61
CA HIS B 258 -20.48 -20.95 -25.97
C HIS B 258 -21.42 -22.12 -26.16
N LEU B 259 -21.24 -23.22 -25.41
CA LEU B 259 -22.16 -24.33 -25.58
C LEU B 259 -23.50 -24.08 -24.89
N MET B 260 -23.58 -23.08 -24.02
CA MET B 260 -24.83 -22.78 -23.32
C MET B 260 -25.81 -21.99 -24.19
N GLN B 261 -25.41 -21.54 -25.38
CA GLN B 261 -26.41 -20.93 -26.26
C GLN B 261 -27.13 -21.94 -27.14
N LYS B 262 -26.66 -23.19 -27.22
CA LYS B 262 -27.40 -24.22 -27.93
C LYS B 262 -28.55 -24.78 -27.09
N ARG B 263 -28.41 -24.71 -25.78
CA ARG B 263 -29.46 -25.20 -24.90
C ARG B 263 -30.40 -24.08 -24.44
N LYS B 264 -30.30 -22.89 -25.01
CA LYS B 264 -31.14 -21.84 -24.46
C LYS B 264 -32.48 -21.72 -25.18
N HIS B 265 -33.53 -21.43 -24.40
CA HIS B 265 -34.90 -21.26 -24.87
C HIS B 265 -35.54 -20.14 -24.05
N VAL B 266 -35.90 -19.04 -24.70
CA VAL B 266 -36.53 -17.91 -24.04
C VAL B 266 -37.98 -18.24 -23.72
N GLN B 267 -38.51 -17.60 -22.69
CA GLN B 267 -39.91 -17.77 -22.31
C GLN B 267 -40.68 -16.46 -22.35
N TRP B 268 -40.22 -15.44 -21.63
CA TRP B 268 -40.86 -14.13 -21.65
C TRP B 268 -39.85 -13.08 -21.24
N THR B 269 -39.87 -11.96 -21.96
CA THR B 269 -39.01 -10.82 -21.67
C THR B 269 -39.87 -9.56 -21.62
N CYS B 270 -39.84 -8.86 -20.48
CA CYS B 270 -40.68 -7.69 -20.24
C CYS B 270 -39.81 -6.57 -19.70
N GLY B 271 -39.39 -5.67 -20.60
CA GLY B 271 -38.58 -4.54 -20.22
C GLY B 271 -37.18 -4.93 -19.82
N PRO B 272 -36.77 -4.55 -18.60
CA PRO B 272 -35.46 -4.97 -18.10
C PRO B 272 -35.50 -6.32 -17.39
N LEU B 273 -36.61 -7.05 -17.55
CA LEU B 273 -36.81 -8.33 -16.89
C LEU B 273 -36.91 -9.42 -17.94
N THR B 274 -36.34 -10.58 -17.65
CA THR B 274 -36.39 -11.71 -18.56
C THR B 274 -36.34 -13.00 -17.76
N SER B 275 -36.71 -14.10 -18.41
CA SER B 275 -36.69 -15.42 -17.81
C SER B 275 -35.83 -16.36 -18.65
N THR B 276 -35.36 -17.43 -18.00
CA THR B 276 -34.48 -18.41 -18.62
C THR B 276 -34.62 -19.73 -17.87
N LEU B 277 -34.34 -20.83 -18.57
CA LEU B 277 -34.44 -22.15 -17.97
C LEU B 277 -33.13 -22.92 -18.14
N TYR B 278 -32.91 -23.84 -17.21
CA TYR B 278 -31.62 -24.47 -16.96
C TYR B 278 -31.79 -25.97 -17.09
N ASP B 279 -31.14 -26.54 -18.12
CA ASP B 279 -31.14 -27.98 -18.33
C ASP B 279 -29.90 -28.60 -17.70
N LEU B 280 -30.12 -29.57 -16.82
CA LEU B 280 -29.03 -30.16 -16.04
C LEU B 280 -29.12 -31.68 -16.05
N THR B 281 -29.31 -32.27 -17.23
CA THR B 281 -29.20 -33.72 -17.37
C THR B 281 -27.76 -34.21 -17.31
N GLU B 282 -26.78 -33.34 -17.55
CA GLU B 282 -25.39 -33.66 -17.26
C GLU B 282 -24.91 -33.10 -15.93
N ILE B 283 -25.51 -32.01 -15.46
CA ILE B 283 -25.14 -31.44 -14.15
C ILE B 283 -26.04 -32.13 -13.14
N ASP B 284 -25.57 -33.30 -12.68
CA ASP B 284 -26.32 -34.11 -11.73
C ASP B 284 -25.34 -35.05 -11.03
N SER B 285 -25.88 -36.03 -10.32
CA SER B 285 -25.13 -37.12 -9.73
C SER B 285 -25.64 -38.43 -10.31
N TRP B 286 -25.18 -39.55 -9.73
CA TRP B 286 -25.31 -40.94 -10.18
C TRP B 286 -25.04 -41.16 -11.67
N GLY B 287 -24.12 -40.38 -12.23
CA GLY B 287 -23.71 -40.60 -13.60
C GLY B 287 -22.56 -41.59 -13.69
N GLU B 288 -22.90 -42.87 -13.46
CA GLU B 288 -21.97 -44.02 -13.31
C GLU B 288 -20.76 -43.71 -12.41
N GLU B 289 -21.02 -42.94 -11.33
CA GLU B 289 -20.03 -42.53 -10.33
C GLU B 289 -18.83 -41.81 -10.97
N LEU B 290 -19.10 -40.98 -11.98
CA LEU B 290 -18.07 -40.21 -12.64
C LEU B 290 -18.57 -38.80 -12.95
N SER B 291 -19.23 -38.18 -11.98
CA SER B 291 -19.73 -36.82 -12.14
C SER B 291 -18.60 -35.81 -11.99
N PHE B 292 -18.79 -34.63 -12.57
CA PHE B 292 -17.76 -33.60 -12.50
C PHE B 292 -17.73 -32.88 -11.15
N LEU B 293 -18.78 -33.04 -10.34
CA LEU B 293 -18.76 -32.51 -8.98
C LEU B 293 -17.71 -33.20 -8.13
N GLU B 294 -17.41 -34.47 -8.45
CA GLU B 294 -16.32 -35.19 -7.80
C GLU B 294 -14.96 -34.58 -8.16
N LEU B 295 -14.84 -33.97 -9.34
CA LEU B 295 -13.55 -33.76 -9.96
C LEU B 295 -13.16 -32.30 -10.11
N VAL B 296 -14.10 -31.36 -9.94
CA VAL B 296 -13.76 -29.94 -9.98
C VAL B 296 -12.92 -29.53 -8.78
N VAL B 297 -12.96 -30.29 -7.69
CA VAL B 297 -12.16 -29.98 -6.52
C VAL B 297 -10.92 -30.88 -6.47
N SER B 298 -10.72 -31.67 -7.53
CA SER B 298 -9.60 -32.59 -7.57
C SER B 298 -8.39 -32.05 -8.33
N SER B 299 -8.57 -30.99 -9.11
CA SER B 299 -7.49 -30.50 -9.94
C SER B 299 -6.45 -29.76 -9.11
N LYS B 300 -5.21 -29.76 -9.62
CA LYS B 300 -4.08 -29.10 -8.97
C LYS B 300 -3.65 -27.86 -9.74
N LYS B 301 -4.55 -27.28 -10.54
CA LYS B 301 -4.23 -26.17 -11.42
C LYS B 301 -4.90 -24.91 -10.89
N ARG B 302 -4.24 -23.77 -11.05
CA ARG B 302 -4.64 -22.55 -10.34
C ARG B 302 -5.80 -21.83 -11.01
N GLU B 303 -5.93 -21.92 -12.34
CA GLU B 303 -7.03 -21.28 -13.04
C GLU B 303 -8.36 -21.96 -12.75
N ALA B 304 -8.33 -23.25 -12.40
CA ALA B 304 -9.51 -24.08 -12.24
C ALA B 304 -10.35 -23.75 -11.01
N ARG B 305 -9.96 -22.80 -10.16
CA ARG B 305 -10.75 -22.49 -8.98
C ARG B 305 -11.96 -21.63 -9.30
N GLN B 306 -11.89 -20.83 -10.37
CA GLN B 306 -12.95 -19.89 -10.70
C GLN B 306 -13.97 -20.46 -11.69
N ILE B 307 -14.20 -21.78 -11.65
CA ILE B 307 -15.26 -22.37 -12.46
C ILE B 307 -16.64 -22.17 -11.85
N LEU B 308 -16.71 -21.53 -10.69
CA LEU B 308 -17.97 -21.17 -10.03
C LEU B 308 -18.51 -19.83 -10.49
N GLU B 309 -18.14 -19.39 -11.69
CA GLU B 309 -18.34 -18.02 -12.15
C GLU B 309 -19.72 -17.77 -12.75
N GLN B 310 -20.31 -18.76 -13.41
CA GLN B 310 -21.51 -18.52 -14.20
C GLN B 310 -22.71 -19.13 -13.51
N THR B 311 -23.89 -18.62 -13.87
CA THR B 311 -25.18 -18.92 -13.24
C THR B 311 -25.72 -20.36 -13.26
N PRO B 312 -25.33 -21.28 -14.17
CA PRO B 312 -25.76 -22.69 -13.97
C PRO B 312 -25.18 -23.36 -12.73
N VAL B 313 -24.13 -22.82 -12.12
CA VAL B 313 -23.45 -23.47 -11.01
C VAL B 313 -23.67 -22.74 -9.69
N LYS B 314 -23.47 -21.41 -9.69
CA LYS B 314 -23.34 -20.66 -8.45
C LYS B 314 -24.67 -20.54 -7.70
N GLU B 315 -25.74 -20.14 -8.40
CA GLU B 315 -27.05 -20.09 -7.77
C GLU B 315 -27.62 -21.48 -7.49
N LEU B 316 -27.11 -22.52 -8.16
CA LEU B 316 -27.49 -23.88 -7.82
C LEU B 316 -26.89 -24.29 -6.47
N VAL B 317 -25.57 -24.10 -6.32
CA VAL B 317 -24.93 -24.53 -5.08
C VAL B 317 -25.26 -23.59 -3.92
N SER B 318 -25.60 -22.33 -4.20
CA SER B 318 -26.02 -21.43 -3.13
C SER B 318 -27.40 -21.80 -2.60
N PHE B 319 -28.26 -22.37 -3.45
CA PHE B 319 -29.52 -22.91 -2.95
C PHE B 319 -29.32 -24.25 -2.24
N LYS B 320 -28.39 -25.08 -2.74
CA LYS B 320 -28.14 -26.36 -2.10
C LYS B 320 -27.50 -26.21 -0.73
N TRP B 321 -26.68 -25.17 -0.52
CA TRP B 321 -26.09 -24.97 0.80
C TRP B 321 -27.05 -24.26 1.75
N LYS B 322 -27.93 -23.41 1.24
CA LYS B 322 -28.86 -22.70 2.10
C LYS B 322 -30.03 -23.59 2.53
N LYS B 323 -30.50 -24.45 1.64
CA LYS B 323 -31.68 -25.25 1.96
C LYS B 323 -31.35 -26.47 2.82
N TYR B 324 -30.28 -27.20 2.50
CA TYR B 324 -30.00 -28.44 3.22
C TYR B 324 -28.64 -28.43 3.91
N GLY B 325 -27.73 -27.56 3.46
CA GLY B 325 -26.36 -27.57 3.96
C GLY B 325 -26.19 -27.11 5.38
N ARG B 326 -26.55 -25.86 5.66
CA ARG B 326 -26.43 -25.31 7.01
C ARG B 326 -27.29 -25.97 8.10
N PRO B 327 -28.58 -26.33 7.89
CA PRO B 327 -29.31 -26.98 9.01
C PRO B 327 -28.90 -28.42 9.28
N TYR B 328 -28.00 -29.02 8.49
CA TYR B 328 -27.46 -30.33 8.79
C TYR B 328 -25.98 -30.31 9.14
N PHE B 329 -25.23 -29.29 8.71
CA PHE B 329 -23.79 -29.23 8.95
C PHE B 329 -23.45 -28.95 10.41
N CYS B 330 -24.42 -28.48 11.20
CA CYS B 330 -24.15 -28.11 12.59
C CYS B 330 -24.46 -29.23 13.57
N VAL B 331 -25.36 -30.15 13.23
CA VAL B 331 -25.82 -31.13 14.22
C VAL B 331 -24.74 -32.20 14.47
N LEU B 332 -23.99 -32.58 13.43
CA LEU B 332 -22.88 -33.51 13.66
C LEU B 332 -21.72 -32.84 14.37
N ALA B 333 -21.55 -31.52 14.17
CA ALA B 333 -20.58 -30.77 14.95
C ALA B 333 -20.98 -30.71 16.42
N SER B 334 -22.27 -30.62 16.71
CA SER B 334 -22.75 -30.66 18.08
C SER B 334 -22.53 -32.04 18.71
N LEU B 335 -22.91 -33.09 17.99
CA LEU B 335 -22.70 -34.46 18.46
C LEU B 335 -21.23 -34.89 18.48
N TYR B 336 -20.34 -34.11 17.87
CA TYR B 336 -18.89 -34.28 17.96
C TYR B 336 -18.29 -33.51 19.13
N ILE B 337 -18.78 -32.28 19.37
CA ILE B 337 -18.24 -31.47 20.45
C ILE B 337 -18.76 -31.96 21.81
N LEU B 338 -19.90 -32.66 21.85
CA LEU B 338 -20.30 -33.28 23.11
C LEU B 338 -19.73 -34.69 23.25
N TYR B 339 -19.35 -35.32 22.14
CA TYR B 339 -18.56 -36.55 22.16
C TYR B 339 -17.21 -36.33 22.82
N MET B 340 -16.47 -35.32 22.36
CA MET B 340 -15.10 -35.20 22.82
C MET B 340 -14.98 -34.50 24.17
N ILE B 341 -15.96 -33.68 24.59
CA ILE B 341 -15.89 -33.19 25.97
C ILE B 341 -16.17 -34.32 26.95
N CYS B 342 -17.01 -35.28 26.56
CA CYS B 342 -17.22 -36.46 27.39
C CYS B 342 -15.97 -37.32 27.47
N PHE B 343 -15.29 -37.53 26.33
CA PHE B 343 -14.05 -38.30 26.37
C PHE B 343 -12.93 -37.55 27.08
N THR B 344 -12.97 -36.21 27.07
CA THR B 344 -11.98 -35.42 27.78
C THR B 344 -12.21 -35.49 29.29
N THR B 345 -13.46 -35.30 29.67
CA THR B 345 -13.85 -35.33 31.07
C THR B 345 -13.61 -36.69 31.71
N CYS B 346 -13.85 -37.78 30.97
CA CYS B 346 -13.71 -39.09 31.57
C CYS B 346 -12.25 -39.49 31.76
N CYS B 347 -11.32 -38.81 31.09
CA CYS B 347 -9.90 -39.12 31.18
C CYS B 347 -9.15 -38.27 32.20
N ILE B 348 -9.85 -37.62 33.12
CA ILE B 348 -9.19 -36.87 34.18
C ILE B 348 -9.22 -37.71 35.46
N TYR B 349 -9.53 -38.99 35.32
CA TYR B 349 -9.63 -39.90 36.45
C TYR B 349 -8.81 -41.17 36.30
N ARG B 350 -8.15 -41.39 35.16
CA ARG B 350 -7.66 -42.73 34.83
C ARG B 350 -6.39 -43.15 35.59
N PRO B 351 -5.41 -42.29 35.86
CA PRO B 351 -4.39 -42.69 36.84
C PRO B 351 -5.00 -42.78 38.24
N LEU B 352 -4.96 -43.99 38.80
CA LEU B 352 -5.64 -44.24 40.07
C LEU B 352 -4.74 -44.96 41.07
N LYS B 353 -3.73 -45.70 40.58
CA LYS B 353 -2.92 -46.52 41.46
C LYS B 353 -1.43 -46.47 41.13
N LEU B 354 -0.99 -45.54 40.29
CA LEU B 354 0.40 -45.48 39.86
C LEU B 354 1.31 -44.74 40.84
N ARG B 355 0.81 -44.39 42.02
CA ARG B 355 1.64 -43.77 43.05
C ARG B 355 1.40 -44.41 44.41
N ALA B 376 -8.24 -54.45 37.83
CA ALA B 376 -8.79 -54.79 39.13
C ALA B 376 -9.41 -53.57 39.80
N TYR B 377 -10.70 -53.37 39.59
CA TYR B 377 -11.40 -52.21 40.13
C TYR B 377 -12.88 -52.55 40.26
N VAL B 378 -13.38 -52.63 41.51
CA VAL B 378 -14.80 -52.80 41.78
C VAL B 378 -15.19 -51.79 42.86
N THR B 379 -15.72 -50.64 42.44
CA THR B 379 -16.36 -49.66 43.32
C THR B 379 -17.65 -49.19 42.66
N HIS B 380 -18.23 -48.12 43.21
CA HIS B 380 -19.46 -47.60 42.64
C HIS B 380 -19.21 -46.68 41.45
N GLN B 381 -18.08 -45.95 41.46
CA GLN B 381 -17.75 -45.05 40.37
C GLN B 381 -17.19 -45.79 39.16
N ASP B 382 -16.82 -47.06 39.32
CA ASP B 382 -16.24 -47.85 38.25
C ASP B 382 -17.20 -48.14 37.11
N ASN B 383 -18.52 -48.07 37.35
CA ASN B 383 -19.49 -48.26 36.27
C ASN B 383 -19.44 -47.13 35.25
N ILE B 384 -19.49 -45.87 35.72
CA ILE B 384 -19.38 -44.76 34.79
C ILE B 384 -17.96 -44.63 34.27
N ARG B 385 -16.95 -45.01 35.09
CA ARG B 385 -15.57 -45.08 34.63
C ARG B 385 -15.40 -46.08 33.49
N LEU B 386 -16.18 -47.16 33.49
CA LEU B 386 -16.11 -48.14 32.42
C LEU B 386 -16.86 -47.67 31.18
N VAL B 387 -18.07 -47.14 31.35
CA VAL B 387 -18.86 -46.75 30.19
C VAL B 387 -18.36 -45.47 29.54
N GLY B 388 -17.56 -44.67 30.25
CA GLY B 388 -16.93 -43.48 29.68
C GLY B 388 -15.99 -43.76 28.52
N GLU B 389 -15.36 -44.93 28.52
CA GLU B 389 -14.58 -45.34 27.36
C GLU B 389 -15.25 -46.46 26.56
N LEU B 390 -16.25 -47.13 27.13
CA LEU B 390 -17.07 -48.03 26.32
C LEU B 390 -17.93 -47.27 25.30
N VAL B 391 -18.21 -46.00 25.55
CA VAL B 391 -18.79 -45.17 24.49
C VAL B 391 -17.76 -44.86 23.42
N THR B 392 -16.55 -44.46 23.82
CA THR B 392 -15.59 -43.96 22.85
C THR B 392 -14.92 -45.07 22.04
N VAL B 393 -15.01 -46.33 22.45
CA VAL B 393 -14.46 -47.37 21.58
C VAL B 393 -15.31 -47.57 20.32
N THR B 394 -16.64 -47.64 20.46
CA THR B 394 -17.52 -47.69 19.30
C THR B 394 -17.70 -46.32 18.66
N GLY B 395 -17.30 -45.24 19.34
CA GLY B 395 -17.18 -43.96 18.67
C GLY B 395 -15.86 -43.74 17.94
N ALA B 396 -14.85 -44.57 18.23
CA ALA B 396 -13.54 -44.39 17.63
C ALA B 396 -13.30 -45.40 16.50
N VAL B 397 -14.08 -46.49 16.46
CA VAL B 397 -13.98 -47.36 15.29
C VAL B 397 -14.59 -46.69 14.05
N ILE B 398 -15.53 -45.77 14.23
CA ILE B 398 -16.24 -45.20 13.09
C ILE B 398 -15.36 -44.19 12.35
N ILE B 399 -14.35 -43.63 13.02
CA ILE B 399 -13.50 -42.61 12.40
C ILE B 399 -12.51 -43.24 11.43
N LEU B 400 -12.32 -44.55 11.49
CA LEU B 400 -11.59 -45.24 10.42
C LEU B 400 -12.55 -45.97 9.49
N LEU B 401 -13.72 -46.40 10.01
CA LEU B 401 -14.72 -47.07 9.20
C LEU B 401 -15.31 -46.15 8.13
N LEU B 402 -15.30 -44.83 8.35
CA LEU B 402 -15.72 -43.88 7.33
C LEU B 402 -14.57 -43.24 6.58
N GLU B 403 -13.32 -43.53 6.95
CA GLU B 403 -12.21 -42.79 6.36
C GLU B 403 -11.14 -43.67 5.73
N ILE B 404 -11.33 -44.99 5.72
CA ILE B 404 -10.60 -45.82 4.75
C ILE B 404 -11.18 -45.85 3.32
N PRO B 405 -12.52 -45.81 3.06
CA PRO B 405 -12.94 -45.94 1.65
C PRO B 405 -12.60 -44.74 0.78
N ASP B 406 -12.55 -43.52 1.34
CA ASP B 406 -12.09 -42.40 0.53
C ASP B 406 -10.58 -42.43 0.34
N ILE B 407 -9.86 -43.20 1.16
CA ILE B 407 -8.45 -43.44 0.87
C ILE B 407 -8.30 -44.37 -0.32
N PHE B 408 -8.94 -45.55 -0.31
CA PHE B 408 -8.70 -46.40 -1.48
C PHE B 408 -9.62 -46.09 -2.65
N ARG B 409 -10.47 -45.05 -2.54
CA ARG B 409 -11.09 -44.49 -3.73
C ARG B 409 -10.08 -43.69 -4.53
N VAL B 410 -9.25 -42.90 -3.85
CA VAL B 410 -8.19 -42.16 -4.51
C VAL B 410 -7.08 -43.10 -4.97
N GLY B 411 -6.65 -44.00 -4.09
CA GLY B 411 -5.65 -44.99 -4.40
C GLY B 411 -4.32 -44.79 -3.72
N ALA B 412 -3.98 -43.56 -3.36
CA ALA B 412 -2.68 -43.28 -2.76
C ALA B 412 -2.78 -42.04 -1.89
N SER B 413 -1.85 -41.90 -0.94
CA SER B 413 -1.84 -40.72 -0.10
C SER B 413 -1.28 -39.51 -0.85
N ARG B 414 -0.55 -39.74 -1.93
CA ARG B 414 0.06 -38.66 -2.71
C ARG B 414 -0.96 -37.83 -3.46
N TYR B 415 -2.16 -38.37 -3.71
CA TYR B 415 -3.23 -37.60 -4.32
C TYR B 415 -4.37 -37.33 -3.34
N PHE B 416 -4.24 -37.74 -2.08
CA PHE B 416 -5.19 -37.38 -1.03
C PHE B 416 -4.67 -36.22 -0.18
N GLY B 417 -3.50 -36.40 0.44
CA GLY B 417 -3.00 -35.50 1.46
C GLY B 417 -2.18 -34.31 1.02
N GLN B 418 -2.46 -33.71 -0.13
CA GLN B 418 -1.73 -32.53 -0.58
C GLN B 418 -2.63 -31.33 -0.85
N THR B 419 -3.95 -31.54 -0.93
CA THR B 419 -4.85 -30.48 -1.37
C THR B 419 -5.10 -29.47 -0.24
N ILE B 420 -4.96 -28.19 -0.57
CA ILE B 420 -5.29 -27.13 0.38
C ILE B 420 -6.80 -26.98 0.49
N LEU B 421 -7.50 -27.09 -0.64
CA LEU B 421 -8.93 -26.88 -0.66
C LEU B 421 -9.68 -28.08 -0.08
N GLY B 422 -9.19 -29.29 -0.33
CA GLY B 422 -9.79 -30.47 0.27
C GLY B 422 -9.50 -30.58 1.75
N GLY B 423 -8.33 -30.12 2.18
CA GLY B 423 -8.00 -30.04 3.58
C GLY B 423 -6.93 -31.02 4.00
N PRO B 424 -5.78 -30.52 4.45
CA PRO B 424 -4.75 -31.37 5.03
C PRO B 424 -4.99 -31.77 6.48
N PHE B 425 -6.19 -31.50 6.98
CA PHE B 425 -6.54 -31.82 8.37
C PHE B 425 -6.75 -33.31 8.66
N HIS B 426 -6.68 -34.16 7.65
CA HIS B 426 -6.94 -35.58 7.89
C HIS B 426 -5.77 -36.25 8.59
N VAL B 427 -4.63 -35.57 8.71
CA VAL B 427 -3.44 -36.17 9.29
C VAL B 427 -3.59 -36.30 10.81
N ILE B 428 -4.45 -35.49 11.42
CA ILE B 428 -4.80 -35.68 12.83
C ILE B 428 -6.00 -36.60 13.00
N ILE B 429 -6.87 -36.68 12.00
CA ILE B 429 -7.98 -37.63 12.03
C ILE B 429 -7.46 -39.07 11.99
N ILE B 430 -6.40 -39.32 11.22
CA ILE B 430 -5.89 -40.68 11.15
C ILE B 430 -5.12 -41.07 12.41
N THR B 431 -4.50 -40.10 13.10
CA THR B 431 -3.76 -40.45 14.31
C THR B 431 -4.63 -40.39 15.56
N TYR B 432 -5.84 -39.83 15.48
CA TYR B 432 -6.79 -40.00 16.57
C TYR B 432 -7.32 -41.43 16.63
N ALA B 433 -7.31 -42.14 15.51
CA ALA B 433 -7.91 -43.47 15.43
C ALA B 433 -7.06 -44.54 16.12
N SER B 434 -5.75 -44.34 16.15
CA SER B 434 -4.85 -45.35 16.70
C SER B 434 -4.57 -45.28 18.19
N LEU B 435 -4.77 -44.11 18.81
CA LEU B 435 -4.49 -44.02 20.22
C LEU B 435 -5.36 -44.93 21.06
N VAL B 436 -6.63 -45.03 20.70
CA VAL B 436 -7.55 -45.87 21.46
C VAL B 436 -7.11 -47.32 21.44
N LEU B 437 -6.68 -47.80 20.28
CA LEU B 437 -6.21 -49.17 20.17
C LEU B 437 -4.98 -49.37 21.05
N LEU B 438 -4.07 -48.40 21.02
CA LEU B 438 -2.86 -48.46 21.82
C LEU B 438 -3.18 -48.48 23.30
N THR B 439 -4.17 -47.67 23.70
CA THR B 439 -4.59 -47.61 25.07
C THR B 439 -4.99 -49.00 25.53
N MET B 440 -5.36 -49.84 24.56
CA MET B 440 -5.77 -51.19 24.86
C MET B 440 -4.64 -52.22 24.82
N VAL B 441 -3.50 -51.85 24.25
CA VAL B 441 -2.36 -52.75 24.22
C VAL B 441 -1.72 -52.82 25.61
N MET B 442 -1.95 -51.80 26.43
CA MET B 442 -1.41 -51.78 27.79
C MET B 442 -2.06 -52.82 28.70
N ARG B 443 -3.33 -53.15 28.47
CA ARG B 443 -4.08 -53.96 29.42
C ARG B 443 -4.14 -55.43 29.03
N LEU B 444 -3.15 -55.90 28.28
CA LEU B 444 -2.91 -57.32 28.08
C LEU B 444 -1.63 -57.80 28.74
N THR B 445 -0.66 -56.90 28.95
CA THR B 445 0.59 -57.24 29.59
C THR B 445 0.85 -56.45 30.87
N ASN B 446 0.03 -55.43 31.17
CA ASN B 446 0.08 -54.64 32.41
C ASN B 446 1.43 -53.93 32.60
N MET B 447 1.73 -53.02 31.67
CA MET B 447 2.93 -52.21 31.78
C MET B 447 2.61 -50.93 32.55
N ASN B 448 3.62 -50.41 33.24
CA ASN B 448 3.42 -49.21 34.06
C ASN B 448 3.30 -47.96 33.19
N GLY B 449 2.38 -47.10 33.57
CA GLY B 449 2.21 -45.81 32.91
C GLY B 449 1.12 -45.87 31.83
N GLU B 450 1.52 -45.57 30.59
CA GLU B 450 0.64 -45.48 29.41
C GLU B 450 -0.50 -44.48 29.60
N VAL B 451 -0.25 -43.41 30.35
CA VAL B 451 -1.05 -42.20 30.27
C VAL B 451 -0.28 -41.06 29.62
N VAL B 452 1.00 -41.26 29.35
CA VAL B 452 1.87 -40.29 28.68
C VAL B 452 1.68 -40.30 27.17
N PRO B 453 1.49 -41.44 26.47
CA PRO B 453 0.98 -41.34 25.09
C PRO B 453 -0.42 -40.76 25.01
N LEU B 454 -1.26 -40.99 26.01
CA LEU B 454 -2.55 -40.29 26.07
C LEU B 454 -2.36 -38.80 26.25
N SER B 455 -1.34 -38.41 27.02
CA SER B 455 -1.02 -36.99 27.21
C SER B 455 -0.56 -36.36 25.90
N PHE B 456 0.19 -37.11 25.12
CA PHE B 456 0.70 -36.63 23.84
C PHE B 456 -0.33 -36.72 22.73
N ALA B 457 -1.40 -37.47 22.95
CA ALA B 457 -2.44 -37.62 21.94
C ALA B 457 -3.66 -36.75 22.16
N LEU B 458 -4.02 -36.48 23.42
CA LEU B 458 -5.31 -35.86 23.71
C LEU B 458 -5.37 -34.40 23.26
N VAL B 459 -4.23 -33.71 23.24
CA VAL B 459 -4.22 -32.32 22.81
C VAL B 459 -4.47 -32.19 21.31
N LEU B 460 -3.77 -33.02 20.54
CA LEU B 460 -3.97 -33.01 19.11
C LEU B 460 -5.38 -33.47 18.83
N GLY B 461 -5.84 -34.48 19.56
CA GLY B 461 -7.19 -34.96 19.34
C GLY B 461 -8.22 -33.87 19.57
N TRP B 462 -8.04 -33.08 20.64
CA TRP B 462 -8.92 -31.98 20.94
C TRP B 462 -8.82 -30.85 19.91
N CYS B 463 -7.67 -30.72 19.25
CA CYS B 463 -7.50 -29.69 18.23
C CYS B 463 -8.24 -30.01 16.93
N SER B 464 -8.85 -31.19 16.80
CA SER B 464 -9.42 -31.64 15.53
C SER B 464 -10.73 -30.96 15.17
N VAL B 465 -11.35 -30.23 16.10
CA VAL B 465 -12.74 -29.80 15.93
C VAL B 465 -12.89 -28.66 14.93
N MET B 466 -11.79 -28.00 14.55
CA MET B 466 -11.88 -26.79 13.73
C MET B 466 -11.92 -27.05 12.23
N TYR B 467 -12.22 -28.27 11.78
CA TYR B 467 -12.36 -28.49 10.34
C TYR B 467 -13.75 -28.11 9.87
N PHE B 468 -14.75 -28.24 10.75
CA PHE B 468 -16.08 -27.72 10.51
C PHE B 468 -16.26 -26.28 10.97
N ALA B 469 -15.17 -25.55 11.21
CA ALA B 469 -15.25 -24.14 11.57
C ALA B 469 -15.54 -23.24 10.37
N ARG B 470 -15.59 -23.80 9.16
CA ARG B 470 -15.86 -23.00 7.97
C ARG B 470 -17.35 -22.73 7.77
N GLY B 471 -18.22 -23.57 8.32
CA GLY B 471 -19.64 -23.38 8.04
C GLY B 471 -20.32 -22.51 9.07
N PHE B 472 -20.39 -21.21 8.76
CA PHE B 472 -21.03 -20.20 9.57
C PHE B 472 -21.44 -19.07 8.63
N GLN B 473 -21.77 -17.93 9.23
CA GLN B 473 -21.82 -16.70 8.45
C GLN B 473 -20.45 -16.06 8.34
N MET B 474 -19.48 -16.55 9.12
CA MET B 474 -18.18 -15.91 9.25
C MET B 474 -17.15 -16.97 9.60
N LEU B 475 -15.94 -16.49 9.97
CA LEU B 475 -14.85 -17.24 10.60
C LEU B 475 -14.18 -18.23 9.64
N GLY B 476 -14.63 -18.24 8.38
CA GLY B 476 -14.07 -19.09 7.35
C GLY B 476 -12.64 -18.74 6.95
N PRO B 477 -12.44 -17.55 6.36
CA PRO B 477 -11.08 -17.20 5.89
C PRO B 477 -10.05 -16.95 6.99
N PHE B 478 -10.45 -16.95 8.27
CA PHE B 478 -9.47 -16.78 9.34
C PHE B 478 -8.61 -18.02 9.52
N THR B 479 -9.18 -19.22 9.33
CA THR B 479 -8.44 -20.46 9.50
C THR B 479 -7.82 -20.98 8.20
N ILE B 480 -7.98 -20.26 7.10
CA ILE B 480 -7.41 -20.65 5.82
C ILE B 480 -6.00 -20.09 5.65
N MET B 481 -5.78 -18.86 6.10
CA MET B 481 -4.47 -18.21 5.95
C MET B 481 -3.40 -18.90 6.79
N ILE B 482 -3.78 -19.39 7.99
CA ILE B 482 -2.81 -20.05 8.86
C ILE B 482 -2.35 -21.37 8.26
N GLN B 483 -3.28 -22.14 7.70
CA GLN B 483 -2.91 -23.39 7.04
C GLN B 483 -2.22 -23.13 5.71
N LYS B 484 -2.52 -21.99 5.07
CA LYS B 484 -1.82 -21.61 3.86
C LYS B 484 -0.35 -21.30 4.12
N MET B 485 -0.03 -20.67 5.25
CA MET B 485 1.34 -20.20 5.44
C MET B 485 2.13 -20.91 6.54
N ILE B 486 1.57 -21.93 7.21
CA ILE B 486 2.42 -22.89 7.94
C ILE B 486 3.42 -23.53 6.99
N PHE B 487 2.94 -24.00 5.84
CA PHE B 487 3.82 -24.51 4.80
C PHE B 487 4.60 -23.40 4.12
N GLY B 488 4.10 -22.16 4.15
CA GLY B 488 4.76 -21.09 3.43
C GLY B 488 5.92 -20.42 4.15
N ASP B 489 5.68 -19.78 5.30
CA ASP B 489 6.73 -18.99 5.93
C ASP B 489 6.97 -19.33 7.39
N LEU B 490 6.27 -20.32 7.93
CA LEU B 490 6.71 -20.89 9.20
C LEU B 490 7.89 -21.82 8.98
N MET B 491 8.03 -22.36 7.77
CA MET B 491 9.11 -23.28 7.45
C MET B 491 10.48 -22.58 7.44
N ARG B 492 10.53 -21.29 7.13
CA ARG B 492 11.79 -20.56 6.97
C ARG B 492 12.60 -20.50 8.25
N PHE B 493 12.03 -19.89 9.30
CA PHE B 493 12.80 -19.63 10.51
C PHE B 493 12.93 -20.87 11.39
N CYS B 494 12.19 -21.95 11.10
CA CYS B 494 12.40 -23.19 11.83
C CYS B 494 13.68 -23.90 11.43
N TRP B 495 14.26 -23.57 10.27
CA TRP B 495 15.57 -24.07 9.87
C TRP B 495 16.69 -23.14 10.29
N LEU B 496 16.39 -21.94 10.78
CA LEU B 496 17.41 -21.00 11.22
C LEU B 496 17.40 -20.74 12.72
N MET B 497 16.34 -21.15 13.43
CA MET B 497 16.28 -20.89 14.85
C MET B 497 16.95 -22.00 15.65
N ALA B 498 16.86 -23.25 15.18
CA ALA B 498 17.52 -24.36 15.85
C ALA B 498 19.04 -24.29 15.64
N VAL B 499 19.47 -23.76 14.50
CA VAL B 499 20.90 -23.72 14.18
C VAL B 499 21.62 -22.59 14.91
N VAL B 500 20.89 -21.63 15.48
CA VAL B 500 21.56 -20.50 16.13
C VAL B 500 21.59 -20.65 17.65
N ILE B 501 20.71 -21.47 18.22
CA ILE B 501 20.57 -21.51 19.68
C ILE B 501 21.60 -22.41 20.33
N LEU B 502 22.09 -23.45 19.64
CA LEU B 502 22.96 -24.40 20.33
C LEU B 502 24.39 -23.88 20.47
N GLY B 503 24.82 -22.95 19.61
CA GLY B 503 26.09 -22.29 19.84
C GLY B 503 26.04 -21.37 21.05
N PHE B 504 24.93 -20.64 21.19
CA PHE B 504 24.62 -19.90 22.42
C PHE B 504 24.64 -20.82 23.64
N ALA B 505 24.07 -22.02 23.48
CA ALA B 505 23.98 -22.97 24.59
C ALA B 505 25.35 -23.51 24.97
N SER B 506 26.18 -23.81 23.98
CA SER B 506 27.54 -24.30 24.25
C SER B 506 28.39 -23.20 24.87
N ALA B 507 28.24 -21.96 24.42
CA ALA B 507 28.97 -20.85 25.02
C ALA B 507 28.51 -20.57 26.44
N PHE B 508 27.23 -20.83 26.73
CA PHE B 508 26.75 -20.67 28.10
C PHE B 508 27.18 -21.83 28.99
N HIS B 509 27.27 -23.03 28.41
CA HIS B 509 27.62 -24.22 29.18
C HIS B 509 29.11 -24.26 29.51
N ILE B 510 29.95 -23.77 28.59
CA ILE B 510 31.39 -23.83 28.81
C ILE B 510 31.86 -22.85 29.90
N THR B 511 31.06 -21.84 30.24
CA THR B 511 31.47 -20.85 31.23
C THR B 511 31.08 -21.28 32.64
N PHE B 512 29.81 -21.63 32.85
CA PHE B 512 29.30 -21.87 34.19
C PHE B 512 29.74 -23.20 34.80
N GLN B 513 30.42 -24.06 34.05
CA GLN B 513 30.90 -25.30 34.65
C GLN B 513 32.15 -25.09 35.49
N THR B 514 32.78 -23.92 35.41
CA THR B 514 33.88 -23.61 36.31
C THR B 514 33.40 -23.25 37.72
N GLU B 515 32.12 -22.95 37.88
CA GLU B 515 31.51 -22.66 39.17
C GLU B 515 30.59 -23.79 39.59
N ASP B 516 29.93 -23.60 40.72
CA ASP B 516 29.06 -24.60 41.33
C ASP B 516 27.66 -24.54 40.72
N PRO B 517 26.92 -25.67 40.74
CA PRO B 517 25.52 -25.63 40.32
C PRO B 517 24.58 -25.21 41.43
N ASN B 518 25.11 -24.66 42.52
CA ASN B 518 24.31 -24.29 43.69
C ASN B 518 23.99 -22.81 43.74
N ASN B 519 24.90 -21.94 43.27
CA ASN B 519 24.67 -20.51 43.35
C ASN B 519 23.60 -20.05 42.36
N LEU B 520 23.60 -20.61 41.15
CA LEU B 520 22.60 -20.26 40.15
C LEU B 520 21.70 -21.43 39.79
N GLY B 521 22.27 -22.57 39.39
CA GLY B 521 21.49 -23.76 39.12
C GLY B 521 20.65 -23.73 37.86
N GLU B 522 20.88 -22.78 36.96
CA GLU B 522 20.08 -22.71 35.74
C GLU B 522 20.74 -23.49 34.61
N PHE B 523 22.05 -23.33 34.43
CA PHE B 523 22.79 -23.97 33.35
C PHE B 523 23.61 -25.09 33.97
N SER B 524 23.01 -26.29 34.04
CA SER B 524 23.64 -27.41 34.73
C SER B 524 24.32 -28.36 33.75
N ASP B 525 23.57 -28.88 32.78
CA ASP B 525 24.08 -29.94 31.92
C ASP B 525 23.55 -29.66 30.52
N TYR B 526 24.18 -30.31 29.53
CA TYR B 526 23.90 -30.22 28.09
C TYR B 526 22.43 -30.34 27.65
N PRO B 527 21.58 -31.31 28.17
CA PRO B 527 20.20 -31.37 27.64
C PRO B 527 19.32 -30.20 28.06
N THR B 528 19.48 -29.70 29.28
CA THR B 528 18.63 -28.60 29.74
C THR B 528 19.17 -27.24 29.31
N ALA B 529 20.43 -27.14 28.88
CA ALA B 529 20.98 -25.85 28.48
C ALA B 529 20.41 -25.39 27.14
N LEU B 530 20.35 -26.30 26.16
CA LEU B 530 19.77 -25.98 24.87
C LEU B 530 18.27 -25.68 24.99
N PHE B 531 17.56 -26.45 25.81
CA PHE B 531 16.16 -26.18 26.11
C PHE B 531 15.97 -24.82 26.77
N SER B 532 16.85 -24.50 27.72
CA SER B 532 16.74 -23.24 28.46
C SER B 532 16.99 -22.04 27.56
N THR B 533 18.02 -22.10 26.72
CA THR B 533 18.23 -20.98 25.81
C THR B 533 17.20 -20.95 24.66
N PHE B 534 16.63 -22.11 24.30
CA PHE B 534 15.62 -22.15 23.25
C PHE B 534 14.34 -21.48 23.71
N GLU B 535 13.95 -21.71 24.96
CA GLU B 535 12.76 -21.02 25.46
C GLU B 535 13.10 -19.63 26.00
N LEU B 536 14.40 -19.35 26.24
CA LEU B 536 14.82 -18.03 26.71
C LEU B 536 14.92 -17.03 25.56
N PHE B 537 15.05 -17.53 24.31
CA PHE B 537 14.98 -16.64 23.16
C PHE B 537 13.60 -16.02 23.01
N LEU B 538 12.54 -16.68 23.48
CA LEU B 538 11.17 -16.26 23.24
C LEU B 538 10.64 -15.31 24.31
N THR B 539 11.53 -14.69 25.10
CA THR B 539 11.24 -13.76 26.23
C THR B 539 10.08 -14.21 27.12
N ILE B 540 10.00 -15.52 27.36
CA ILE B 540 8.96 -16.09 28.20
C ILE B 540 9.29 -15.98 29.68
N ILE B 541 10.46 -16.46 30.08
CA ILE B 541 10.90 -16.38 31.47
C ILE B 541 12.03 -15.37 31.56
N ASP B 542 12.18 -14.74 32.71
CA ASP B 542 13.22 -13.76 32.89
C ASP B 542 14.60 -14.42 33.02
N GLY B 543 15.62 -13.70 32.57
CA GLY B 543 16.98 -14.19 32.61
C GLY B 543 17.49 -14.36 34.02
N PRO B 544 18.38 -15.32 34.23
CA PRO B 544 18.84 -15.63 35.58
C PRO B 544 19.74 -14.55 36.14
N ALA B 545 19.64 -14.36 37.46
CA ALA B 545 20.39 -13.30 38.13
C ALA B 545 20.62 -13.70 39.58
N ASN B 546 21.79 -13.32 40.08
CA ASN B 546 22.15 -13.54 41.47
C ASN B 546 23.18 -12.49 41.86
N TYR B 547 23.20 -12.13 43.14
CA TYR B 547 24.07 -11.07 43.64
C TYR B 547 24.76 -11.57 44.91
N SER B 548 25.98 -12.06 44.75
CA SER B 548 26.76 -12.61 45.85
C SER B 548 28.23 -12.34 45.57
N VAL B 549 29.11 -13.05 46.27
CA VAL B 549 30.54 -12.84 46.10
C VAL B 549 31.08 -13.45 44.81
N ASP B 550 30.32 -14.35 44.18
CA ASP B 550 30.73 -14.96 42.91
C ASP B 550 29.95 -14.31 41.77
N LEU B 551 30.67 -14.00 40.69
CA LEU B 551 30.08 -13.31 39.55
C LEU B 551 30.89 -13.62 38.29
N PRO B 552 30.27 -14.18 37.25
CA PRO B 552 31.01 -14.54 36.05
C PRO B 552 31.37 -13.33 35.19
N PHE B 553 32.49 -13.45 34.48
CA PHE B 553 33.07 -12.35 33.71
C PHE B 553 32.48 -12.25 32.31
N MET B 554 32.40 -13.36 31.58
CA MET B 554 32.11 -13.31 30.16
C MET B 554 30.62 -13.21 29.89
N TYR B 555 29.78 -13.53 30.89
CA TYR B 555 28.35 -13.75 30.64
C TYR B 555 27.62 -12.46 30.29
N CYS B 556 28.10 -11.30 30.76
CA CYS B 556 27.35 -10.06 30.63
C CYS B 556 27.31 -9.57 29.18
N ILE B 557 28.48 -9.50 28.52
CA ILE B 557 28.50 -8.93 27.18
C ILE B 557 27.94 -9.92 26.16
N THR B 558 28.08 -11.23 26.40
CA THR B 558 27.44 -12.18 25.50
C THR B 558 25.94 -12.26 25.75
N TYR B 559 25.48 -11.91 26.96
CA TYR B 559 24.06 -11.77 27.20
C TYR B 559 23.51 -10.54 26.48
N ALA B 560 24.28 -9.46 26.46
CA ALA B 560 23.89 -8.28 25.69
C ALA B 560 23.92 -8.55 24.19
N ALA B 561 24.88 -9.36 23.73
CA ALA B 561 24.94 -9.73 22.33
C ALA B 561 23.82 -10.69 21.95
N PHE B 562 23.35 -11.51 22.88
CA PHE B 562 22.15 -12.30 22.63
C PHE B 562 20.91 -11.42 22.59
N ALA B 563 20.84 -10.41 23.45
CA ALA B 563 19.70 -9.50 23.47
C ALA B 563 19.64 -8.63 22.22
N ILE B 564 20.80 -8.24 21.68
CA ILE B 564 20.81 -7.39 20.49
C ILE B 564 20.44 -8.19 19.25
N ILE B 565 20.48 -9.53 19.31
CA ILE B 565 19.94 -10.36 18.24
C ILE B 565 18.47 -10.71 18.49
N ALA B 566 18.08 -10.93 19.75
CA ALA B 566 16.69 -11.22 20.10
C ALA B 566 15.77 -10.02 19.94
N THR B 567 16.32 -8.80 19.89
CA THR B 567 15.51 -7.62 19.68
C THR B 567 15.23 -7.33 18.21
N LEU B 568 15.86 -8.05 17.27
CA LEU B 568 15.46 -7.79 15.90
C LEU B 568 15.12 -9.05 15.13
N LEU B 569 15.68 -10.20 15.50
CA LEU B 569 15.50 -11.39 14.67
C LEU B 569 14.11 -12.00 14.85
N MET B 570 13.61 -12.04 16.09
CA MET B 570 12.23 -12.44 16.37
C MET B 570 11.22 -11.51 15.72
N LEU B 571 11.57 -10.24 15.50
CA LEU B 571 10.71 -9.30 14.81
C LEU B 571 10.86 -9.35 13.30
N ASN B 572 12.00 -9.83 12.79
CA ASN B 572 12.15 -10.15 11.38
C ASN B 572 11.41 -11.42 10.97
N LEU B 573 10.93 -12.20 11.94
CA LEU B 573 9.90 -13.19 11.63
C LEU B 573 8.59 -12.50 11.24
N PHE B 574 8.22 -11.42 11.93
CA PHE B 574 6.97 -10.70 11.70
C PHE B 574 6.90 -10.00 10.36
N ILE B 575 8.03 -9.63 9.77
CA ILE B 575 7.95 -8.98 8.47
C ILE B 575 7.73 -9.99 7.34
N ALA B 576 8.37 -11.16 7.41
CA ALA B 576 8.02 -12.25 6.51
C ALA B 576 6.61 -12.74 6.76
N MET B 577 6.13 -12.65 8.01
CA MET B 577 4.72 -12.86 8.31
C MET B 577 3.83 -11.85 7.62
N MET B 578 4.21 -10.58 7.64
CA MET B 578 3.31 -9.50 7.21
C MET B 578 3.26 -9.38 5.70
N GLY B 579 4.36 -9.72 5.00
CA GLY B 579 4.44 -9.53 3.56
C GLY B 579 3.49 -10.37 2.73
N ASP B 580 2.79 -11.33 3.33
CA ASP B 580 1.90 -12.21 2.58
C ASP B 580 0.50 -11.62 2.51
N THR B 581 -0.01 -11.12 3.63
CA THR B 581 -1.42 -10.74 3.70
C THR B 581 -1.71 -9.46 2.90
N HIS B 582 -0.73 -8.57 2.79
CA HIS B 582 -0.95 -7.26 2.19
C HIS B 582 -1.20 -7.38 0.68
N TRP B 583 -0.23 -7.88 -0.06
CA TRP B 583 -0.44 -8.05 -1.49
C TRP B 583 -0.38 -9.50 -2.00
N ARG B 584 0.33 -10.35 -1.27
CA ARG B 584 0.51 -11.75 -1.70
C ARG B 584 -0.70 -12.70 -1.78
N VAL B 585 -1.54 -12.73 -0.76
CA VAL B 585 -2.68 -13.64 -0.75
C VAL B 585 -4.02 -13.01 -0.36
N ALA B 586 -4.09 -11.70 -0.45
CA ALA B 586 -5.28 -10.97 0.00
C ALA B 586 -6.52 -11.38 -0.79
N GLN B 587 -6.34 -11.86 -2.02
CA GLN B 587 -7.47 -12.27 -2.83
C GLN B 587 -7.76 -13.76 -2.66
N GLU B 588 -6.82 -14.50 -2.08
CA GLU B 588 -6.92 -15.97 -2.08
C GLU B 588 -7.91 -16.50 -1.04
N ARG B 589 -8.12 -15.77 0.05
CA ARG B 589 -8.85 -16.37 1.17
C ARG B 589 -10.36 -16.31 1.03
N ASP B 590 -10.88 -15.72 -0.05
CA ASP B 590 -12.33 -15.67 -0.24
C ASP B 590 -12.81 -16.65 -1.31
N GLU B 591 -12.04 -16.81 -2.40
CA GLU B 591 -12.43 -17.76 -3.43
C GLU B 591 -12.27 -19.20 -2.95
N LEU B 592 -11.23 -19.46 -2.14
CA LEU B 592 -11.13 -20.76 -1.48
C LEU B 592 -12.26 -20.96 -0.48
N TRP B 593 -12.72 -19.90 0.16
CA TRP B 593 -13.84 -19.98 1.09
C TRP B 593 -15.13 -20.34 0.37
N ARG B 594 -15.37 -19.77 -0.81
CA ARG B 594 -16.53 -20.14 -1.58
C ARG B 594 -16.32 -21.40 -2.42
N ALA B 595 -15.14 -22.00 -2.38
CA ALA B 595 -14.94 -23.33 -2.95
C ALA B 595 -15.02 -24.47 -1.92
N GLN B 596 -14.71 -24.21 -0.65
CA GLN B 596 -14.87 -25.27 0.35
C GLN B 596 -16.34 -25.65 0.57
N VAL B 597 -17.28 -24.75 0.26
CA VAL B 597 -18.68 -25.09 0.43
C VAL B 597 -19.13 -26.13 -0.59
N VAL B 598 -18.71 -26.00 -1.86
CA VAL B 598 -19.06 -27.02 -2.83
C VAL B 598 -18.27 -28.30 -2.59
N ALA B 599 -17.03 -28.17 -2.06
CA ALA B 599 -16.26 -29.36 -1.68
C ALA B 599 -16.97 -30.15 -0.58
N THR B 600 -17.39 -29.49 0.50
CA THR B 600 -18.01 -30.20 1.60
C THR B 600 -19.41 -30.68 1.27
N THR B 601 -20.16 -30.00 0.38
CA THR B 601 -21.48 -30.54 0.06
C THR B 601 -21.40 -31.70 -0.92
N VAL B 602 -20.40 -31.74 -1.83
CA VAL B 602 -20.26 -32.91 -2.67
C VAL B 602 -19.69 -34.08 -1.87
N MET B 603 -18.86 -33.80 -0.85
CA MET B 603 -18.37 -34.88 -0.01
C MET B 603 -19.47 -35.39 0.93
N LEU B 604 -20.41 -34.52 1.31
CA LEU B 604 -21.43 -34.91 2.27
C LEU B 604 -22.63 -35.58 1.58
N GLU B 605 -22.87 -35.27 0.30
CA GLU B 605 -24.01 -35.87 -0.39
C GLU B 605 -23.77 -37.35 -0.69
N ARG B 606 -22.52 -37.73 -0.94
CA ARG B 606 -22.20 -39.10 -1.36
C ARG B 606 -21.97 -40.05 -0.19
N LYS B 607 -22.27 -39.63 1.04
CA LYS B 607 -22.17 -40.50 2.20
C LYS B 607 -23.46 -40.62 2.98
N MET B 608 -24.26 -39.56 3.03
CA MET B 608 -25.53 -39.59 3.75
C MET B 608 -26.59 -40.33 2.94
N PRO B 609 -27.60 -40.84 3.65
CA PRO B 609 -28.73 -41.61 3.13
C PRO B 609 -29.58 -40.78 2.19
N ARG B 610 -30.20 -41.47 1.23
CA ARG B 610 -31.05 -40.85 0.23
C ARG B 610 -32.28 -40.13 0.79
N PHE B 611 -32.80 -40.61 1.92
CA PHE B 611 -33.97 -40.01 2.52
C PHE B 611 -33.70 -38.56 2.82
N LEU B 612 -32.49 -38.22 3.25
CA LEU B 612 -32.20 -36.81 3.51
C LEU B 612 -31.82 -35.93 2.30
N TRP B 613 -31.77 -36.51 1.10
CA TRP B 613 -31.40 -35.71 -0.07
C TRP B 613 -32.29 -35.99 -1.27
N PRO B 614 -33.25 -35.12 -1.59
CA PRO B 614 -33.79 -35.08 -2.95
C PRO B 614 -32.94 -34.13 -3.80
N ARG B 615 -33.16 -34.18 -5.11
CA ARG B 615 -32.43 -33.29 -6.00
C ARG B 615 -33.22 -32.02 -6.25
N SER B 616 -32.51 -30.90 -6.38
CA SER B 616 -33.12 -29.59 -6.44
C SER B 616 -33.68 -29.31 -7.84
N GLY B 617 -34.33 -28.17 -7.99
CA GLY B 617 -34.97 -27.80 -9.24
C GLY B 617 -36.47 -27.99 -9.18
N ILE B 618 -37.09 -28.19 -10.34
CA ILE B 618 -38.50 -28.51 -10.45
C ILE B 618 -38.65 -29.91 -11.02
N CYS B 619 -39.87 -30.43 -10.98
CA CYS B 619 -40.10 -31.83 -11.34
C CYS B 619 -40.03 -32.07 -12.84
N GLY B 620 -40.74 -31.29 -13.63
CA GLY B 620 -40.78 -31.52 -15.07
C GLY B 620 -41.89 -32.45 -15.51
N TYR B 621 -42.17 -33.48 -14.72
CA TYR B 621 -43.30 -34.36 -15.01
C TYR B 621 -44.62 -33.65 -14.70
N GLU B 622 -45.71 -34.26 -15.20
CA GLU B 622 -47.08 -33.77 -15.48
C GLU B 622 -47.06 -32.93 -16.76
N TYR B 623 -45.87 -32.64 -17.31
CA TYR B 623 -45.69 -31.81 -18.49
C TYR B 623 -44.95 -32.65 -19.52
N GLY B 624 -45.36 -32.54 -20.79
CA GLY B 624 -44.76 -33.35 -21.84
C GLY B 624 -43.43 -32.84 -22.34
N LEU B 625 -42.45 -32.72 -21.44
CA LEU B 625 -41.14 -32.21 -21.79
C LEU B 625 -40.05 -33.26 -21.72
N GLY B 626 -40.32 -34.41 -21.10
CA GLY B 626 -39.33 -35.45 -20.93
C GLY B 626 -38.58 -35.31 -19.62
N ASP B 627 -37.68 -36.27 -19.39
CA ASP B 627 -36.89 -36.32 -18.15
C ASP B 627 -35.68 -35.39 -18.26
N ARG B 628 -35.95 -34.09 -18.10
CA ARG B 628 -34.92 -33.08 -18.23
C ARG B 628 -34.76 -32.15 -17.03
N TRP B 629 -35.81 -31.91 -16.24
CA TRP B 629 -35.73 -31.39 -14.87
C TRP B 629 -35.10 -29.99 -14.79
N PHE B 630 -35.81 -29.02 -15.37
CA PHE B 630 -35.28 -27.67 -15.60
C PHE B 630 -35.12 -26.90 -14.28
N LEU B 631 -34.56 -25.69 -14.38
CA LEU B 631 -34.35 -24.83 -13.22
C LEU B 631 -34.43 -23.38 -13.67
N ARG B 632 -34.94 -22.50 -12.82
CA ARG B 632 -35.00 -21.08 -13.16
C ARG B 632 -34.17 -20.24 -12.20
N VAL B 633 -33.38 -19.32 -12.76
CA VAL B 633 -32.95 -18.12 -12.05
C VAL B 633 -33.43 -16.94 -12.88
N GLU B 634 -33.62 -15.80 -12.22
CA GLU B 634 -34.14 -14.60 -12.87
C GLU B 634 -33.03 -13.55 -12.96
N ASN B 635 -32.92 -12.92 -14.13
CA ASN B 635 -31.85 -11.98 -14.43
C ASN B 635 -32.41 -10.58 -14.65
N HIS B 636 -31.60 -9.58 -14.33
CA HIS B 636 -31.99 -8.18 -14.46
C HIS B 636 -30.88 -7.40 -15.15
N HIS B 637 -31.28 -6.47 -16.02
CA HIS B 637 -30.33 -5.62 -16.71
C HIS B 637 -30.31 -4.23 -16.09
N TRP C 29 38.26 19.74 -6.76
CA TRP C 29 38.57 21.16 -6.93
C TRP C 29 37.94 21.70 -8.20
N GLU C 30 36.61 21.78 -8.23
CA GLU C 30 35.91 22.33 -9.38
C GLU C 30 36.08 23.84 -9.45
N GLN C 31 36.18 24.50 -8.29
CA GLN C 31 36.44 25.93 -8.26
C GLN C 31 37.83 26.29 -8.74
N TYR C 32 38.78 25.34 -8.73
CA TYR C 32 40.09 25.59 -9.33
C TYR C 32 39.98 25.67 -10.84
N ARG C 33 39.11 24.84 -11.44
CA ARG C 33 38.77 25.02 -12.85
C ARG C 33 37.99 26.31 -13.07
N ASP C 34 37.16 26.70 -12.10
CA ASP C 34 36.38 27.93 -12.20
C ASP C 34 37.22 29.19 -11.99
N ARG C 35 38.53 29.06 -11.71
CA ARG C 35 39.37 30.24 -11.58
C ARG C 35 39.65 30.90 -12.93
N VAL C 36 39.74 30.11 -14.00
CA VAL C 36 40.29 30.57 -15.27
C VAL C 36 39.27 30.68 -16.37
N ASN C 37 38.00 30.40 -16.11
CA ASN C 37 37.00 30.36 -17.19
C ASN C 37 36.50 31.75 -17.55
N MET C 38 36.18 32.58 -16.55
CA MET C 38 35.64 33.90 -16.86
C MET C 38 36.72 34.93 -17.18
N LEU C 39 38.00 34.52 -17.19
CA LEU C 39 39.07 35.43 -17.55
C LEU C 39 39.01 35.81 -19.02
N GLN C 40 38.60 34.88 -19.89
CA GLN C 40 38.67 35.10 -21.32
C GLN C 40 37.54 35.98 -21.82
N GLN C 41 36.33 35.82 -21.24
CA GLN C 41 35.12 36.43 -21.76
C GLN C 41 35.08 37.95 -21.60
N GLU C 42 35.93 38.51 -20.74
CA GLU C 42 36.12 39.95 -20.74
C GLU C 42 37.56 40.39 -21.00
N ARG C 43 38.50 39.45 -21.16
CA ARG C 43 39.77 39.83 -21.77
C ARG C 43 39.60 40.09 -23.26
N ILE C 44 38.68 39.38 -23.90
CA ILE C 44 38.33 39.75 -25.28
C ILE C 44 37.60 41.09 -25.29
N ARG C 45 36.91 41.39 -24.20
CA ARG C 45 36.25 42.67 -24.01
C ARG C 45 37.27 43.81 -23.85
N ASP C 46 38.38 43.54 -23.15
CA ASP C 46 39.36 44.57 -22.84
C ASP C 46 40.05 45.07 -24.11
N SER C 47 40.77 44.18 -24.80
CA SER C 47 41.46 44.54 -26.03
C SER C 47 40.46 44.62 -27.17
N PRO C 48 40.25 45.81 -27.76
CA PRO C 48 39.13 46.00 -28.69
C PRO C 48 39.43 45.58 -30.13
N LEU C 49 40.49 44.82 -30.35
CA LEU C 49 40.96 44.54 -31.71
C LEU C 49 40.69 43.11 -32.18
N LEU C 50 40.07 42.25 -31.36
CA LEU C 50 39.93 40.86 -31.76
C LEU C 50 38.55 40.27 -31.53
N GLN C 51 37.75 40.88 -30.65
CA GLN C 51 36.48 40.27 -30.25
C GLN C 51 35.34 40.55 -31.24
N ALA C 52 35.60 41.32 -32.30
CA ALA C 52 34.53 41.75 -33.20
C ALA C 52 33.94 40.60 -34.01
N ALA C 53 34.63 39.46 -34.10
CA ALA C 53 34.03 38.30 -34.73
C ALA C 53 32.95 37.67 -33.84
N LYS C 54 33.05 37.85 -32.53
CA LYS C 54 32.10 37.24 -31.62
C LYS C 54 30.74 37.93 -31.66
N GLU C 55 30.72 39.23 -31.93
CA GLU C 55 29.49 40.02 -32.03
C GLU C 55 29.26 40.52 -33.45
N ASN C 56 29.40 39.61 -34.42
CA ASN C 56 29.04 39.66 -35.84
C ASN C 56 29.29 40.98 -36.56
N ASP C 57 30.42 41.61 -36.28
CA ASP C 57 30.78 42.86 -36.94
C ASP C 57 31.24 42.57 -38.37
N LEU C 58 30.83 43.43 -39.30
CA LEU C 58 31.16 43.25 -40.70
C LEU C 58 32.01 44.38 -41.27
N ARG C 59 31.55 45.63 -41.15
CA ARG C 59 32.21 46.73 -41.86
C ARG C 59 33.47 47.18 -41.15
N LEU C 60 33.41 47.35 -39.83
CA LEU C 60 34.61 47.65 -39.05
C LEU C 60 35.53 46.45 -38.89
N LEU C 61 35.03 45.23 -39.14
CA LEU C 61 35.89 44.05 -39.09
C LEU C 61 36.78 44.00 -40.33
N LYS C 62 36.32 44.58 -41.44
CA LYS C 62 37.10 44.63 -42.66
C LYS C 62 38.11 45.78 -42.69
N ILE C 63 38.19 46.57 -41.62
CA ILE C 63 39.10 47.69 -41.59
C ILE C 63 40.38 47.36 -40.84
N LEU C 64 40.26 46.68 -39.68
CA LEU C 64 41.38 46.56 -38.76
C LEU C 64 42.44 45.56 -39.23
N LEU C 65 42.15 44.71 -40.21
CA LEU C 65 43.10 43.68 -40.61
C LEU C 65 44.13 44.16 -41.62
N LEU C 66 43.83 45.23 -42.36
CA LEU C 66 44.75 45.68 -43.41
C LEU C 66 45.68 46.78 -42.93
N ASN C 67 45.24 47.63 -42.00
CA ASN C 67 46.05 48.75 -41.56
C ASN C 67 47.18 48.33 -40.62
N GLN C 68 47.06 47.18 -39.97
CA GLN C 68 48.06 46.72 -39.03
C GLN C 68 48.50 45.30 -39.35
N SER C 69 49.68 44.95 -38.87
CA SER C 69 50.17 43.57 -38.92
C SER C 69 49.85 42.86 -37.60
N CYS C 70 48.57 42.81 -37.29
CA CYS C 70 48.06 42.36 -36.00
C CYS C 70 46.96 41.32 -36.19
N ASP C 71 47.24 40.30 -37.01
CA ASP C 71 46.29 39.23 -37.27
C ASP C 71 46.54 38.02 -36.38
N PHE C 72 47.78 37.53 -36.34
CA PHE C 72 48.12 36.33 -35.59
C PHE C 72 48.54 36.64 -34.15
N GLN C 73 48.93 37.88 -33.87
CA GLN C 73 49.60 38.21 -32.61
C GLN C 73 48.66 38.26 -31.40
N GLN C 74 47.35 38.11 -31.60
CA GLN C 74 46.41 38.12 -30.49
C GLN C 74 46.28 36.71 -29.93
N ARG C 75 46.81 36.50 -28.72
CA ARG C 75 46.71 35.23 -28.03
C ARG C 75 46.26 35.47 -26.59
N GLY C 76 45.24 34.72 -26.16
CA GLY C 76 44.75 34.82 -24.80
C GLY C 76 45.55 33.97 -23.83
N ALA C 77 45.02 33.86 -22.61
CA ALA C 77 45.64 33.01 -21.60
C ALA C 77 45.50 31.54 -21.94
N VAL C 78 44.44 31.16 -22.66
CA VAL C 78 44.30 29.79 -23.13
C VAL C 78 45.27 29.52 -24.27
N GLY C 79 45.61 30.54 -25.02
CA GLY C 79 46.11 30.37 -26.37
C GLY C 79 45.06 30.67 -27.41
N GLU C 80 44.11 31.54 -27.08
CA GLU C 80 42.91 31.77 -27.87
C GLU C 80 43.25 32.55 -29.14
N THR C 81 42.56 32.19 -30.23
CA THR C 81 42.71 32.84 -31.53
C THR C 81 41.33 33.21 -32.04
N ALA C 82 41.28 33.73 -33.28
CA ALA C 82 40.05 34.32 -33.80
C ALA C 82 39.07 33.30 -34.36
N LEU C 83 39.50 32.06 -34.59
CA LEU C 83 38.60 31.06 -35.18
C LEU C 83 37.82 30.28 -34.14
N HIS C 84 38.30 30.17 -32.90
CA HIS C 84 37.58 29.39 -31.90
C HIS C 84 36.30 30.09 -31.47
N VAL C 85 36.36 31.42 -31.30
CA VAL C 85 35.14 32.17 -31.00
C VAL C 85 34.26 32.29 -32.24
N ALA C 86 34.84 32.22 -33.43
CA ALA C 86 34.05 32.21 -34.66
C ALA C 86 33.35 30.88 -34.88
N ALA C 87 33.83 29.82 -34.24
CA ALA C 87 33.15 28.54 -34.20
C ALA C 87 32.52 28.23 -32.85
N LEU C 88 32.48 29.21 -31.93
CA LEU C 88 31.72 29.05 -30.69
C LEU C 88 30.24 28.89 -30.99
N TYR C 89 29.63 29.93 -31.56
CA TYR C 89 28.49 29.78 -32.45
C TYR C 89 29.00 30.05 -33.84
N ASP C 90 28.18 29.76 -34.84
CA ASP C 90 28.68 29.84 -36.18
C ASP C 90 28.72 31.24 -36.75
N ASN C 91 29.94 31.76 -36.81
CA ASN C 91 30.18 33.05 -37.44
C ASN C 91 30.61 32.77 -38.87
N LEU C 92 29.63 32.78 -39.78
CA LEU C 92 29.88 32.40 -41.17
C LEU C 92 30.64 33.50 -41.90
N GLU C 93 30.32 34.76 -41.61
CA GLU C 93 30.99 35.88 -42.28
C GLU C 93 32.38 36.15 -41.70
N ALA C 94 32.66 35.67 -40.49
CA ALA C 94 33.97 35.91 -39.89
C ALA C 94 35.04 35.00 -40.48
N ALA C 95 34.70 33.72 -40.70
CA ALA C 95 35.63 32.75 -41.26
C ALA C 95 35.67 32.76 -42.78
N THR C 96 35.22 33.86 -43.40
CA THR C 96 35.23 33.99 -44.85
C THR C 96 36.47 34.72 -45.36
N LEU C 97 36.87 35.80 -44.69
CA LEU C 97 37.87 36.70 -45.23
C LEU C 97 39.23 36.62 -44.53
N LEU C 98 39.34 35.88 -43.43
CA LEU C 98 40.63 35.83 -42.73
C LEU C 98 41.62 34.88 -43.39
N MET C 99 41.18 34.03 -44.32
CA MET C 99 42.12 33.21 -45.09
C MET C 99 42.91 34.04 -46.08
N GLU C 100 42.41 35.23 -46.46
CA GLU C 100 43.19 36.13 -47.28
C GLU C 100 44.34 36.75 -46.51
N ALA C 101 44.20 36.88 -45.19
CA ALA C 101 45.25 37.45 -44.35
C ALA C 101 46.19 36.38 -43.79
N ALA C 102 45.63 35.27 -43.31
CA ALA C 102 46.43 34.19 -42.73
C ALA C 102 45.67 32.89 -42.89
N PRO C 103 45.94 32.12 -43.95
CA PRO C 103 45.28 30.82 -44.11
C PRO C 103 45.80 29.74 -43.16
N GLU C 104 46.99 29.94 -42.60
CA GLU C 104 47.57 28.97 -41.67
C GLU C 104 47.14 29.21 -40.22
N LEU C 105 46.17 30.11 -40.00
CA LEU C 105 45.77 30.49 -38.65
C LEU C 105 44.98 29.40 -37.94
N ALA C 106 44.48 28.40 -38.68
CA ALA C 106 43.69 27.35 -38.05
C ALA C 106 44.56 26.28 -37.38
N LYS C 107 45.76 26.04 -37.91
CA LYS C 107 46.56 24.90 -37.48
C LYS C 107 47.56 25.28 -36.39
N GLU C 108 47.02 25.76 -35.26
CA GLU C 108 47.80 26.03 -34.06
C GLU C 108 46.96 25.57 -32.86
N PRO C 109 47.50 24.70 -32.02
CA PRO C 109 46.76 24.24 -30.83
C PRO C 109 46.85 25.27 -29.71
N ALA C 110 46.16 24.98 -28.62
CA ALA C 110 46.16 25.84 -27.45
C ALA C 110 47.32 25.46 -26.51
N LEU C 111 47.66 26.39 -25.62
CA LEU C 111 48.88 26.27 -24.83
C LEU C 111 48.70 26.29 -23.32
N CYS C 112 47.50 26.58 -22.81
CA CYS C 112 47.34 26.62 -21.36
C CYS C 112 47.20 25.22 -20.80
N GLU C 113 47.38 25.11 -19.48
CA GLU C 113 47.42 23.80 -18.82
C GLU C 113 46.10 23.03 -18.86
N PRO C 114 44.91 23.61 -18.59
CA PRO C 114 43.69 22.79 -18.72
C PRO C 114 43.26 22.51 -20.16
N PHE C 115 43.88 23.13 -21.16
CA PHE C 115 43.53 22.88 -22.57
C PHE C 115 44.79 22.70 -23.40
N VAL C 116 45.70 21.85 -22.94
CA VAL C 116 46.92 21.50 -23.67
C VAL C 116 46.56 20.76 -24.96
N GLY C 117 46.91 21.35 -26.10
CA GLY C 117 46.87 20.68 -27.39
C GLY C 117 45.50 20.47 -28.00
N GLN C 118 44.78 21.55 -28.30
CA GLN C 118 43.43 21.47 -28.84
C GLN C 118 43.23 22.62 -29.82
N THR C 119 42.80 22.30 -31.04
CA THR C 119 42.91 23.18 -32.19
C THR C 119 41.54 23.66 -32.64
N ALA C 120 41.50 24.20 -33.87
CA ALA C 120 40.38 24.99 -34.36
C ALA C 120 39.10 24.17 -34.55
N LEU C 121 39.15 23.08 -35.29
CA LEU C 121 37.95 22.29 -35.56
C LEU C 121 37.32 21.60 -34.35
N HIS C 122 38.11 21.38 -33.32
CA HIS C 122 37.70 20.58 -32.16
C HIS C 122 36.43 21.12 -31.50
N ILE C 123 36.13 22.40 -31.69
CA ILE C 123 34.84 22.93 -31.29
C ILE C 123 33.88 23.00 -32.48
N ALA C 124 34.40 22.89 -33.71
CA ALA C 124 33.59 23.05 -34.92
C ALA C 124 33.07 21.71 -35.44
N VAL C 125 33.04 20.68 -34.60
CA VAL C 125 32.44 19.42 -34.97
C VAL C 125 31.18 19.15 -34.15
N MET C 126 31.16 19.60 -32.90
CA MET C 126 30.06 19.47 -31.97
C MET C 126 28.97 20.52 -32.23
N ASN C 127 29.23 21.45 -33.16
CA ASN C 127 28.21 22.41 -33.55
C ASN C 127 27.26 21.84 -34.60
N GLN C 128 27.61 20.69 -35.18
CA GLN C 128 27.02 20.03 -36.36
C GLN C 128 26.60 20.97 -37.48
N ASN C 129 27.41 22.01 -37.73
CA ASN C 129 27.16 22.96 -38.80
C ASN C 129 27.90 22.50 -40.05
N LEU C 130 27.16 21.91 -40.99
CA LEU C 130 27.76 21.34 -42.19
C LEU C 130 28.15 22.41 -43.20
N ASN C 131 27.66 23.65 -43.03
CA ASN C 131 28.09 24.73 -43.91
C ASN C 131 29.46 25.26 -43.50
N LEU C 132 29.91 24.94 -42.29
CA LEU C 132 31.19 25.44 -41.80
C LEU C 132 32.35 24.57 -42.27
N VAL C 133 32.12 23.28 -42.51
CA VAL C 133 33.22 22.37 -42.77
C VAL C 133 33.77 22.47 -44.20
N ARG C 134 33.10 23.20 -45.10
CA ARG C 134 33.64 23.34 -46.44
C ARG C 134 34.82 24.30 -46.49
N ALA C 135 34.95 25.16 -45.49
CA ALA C 135 35.96 26.22 -45.54
C ALA C 135 37.32 25.73 -45.05
N LEU C 136 37.39 25.27 -43.81
CA LEU C 136 38.68 25.03 -43.16
C LEU C 136 39.31 23.69 -43.52
N LEU C 137 38.62 22.84 -44.28
CA LEU C 137 39.20 21.55 -44.67
C LEU C 137 40.08 21.69 -45.91
N ALA C 138 39.54 22.28 -46.97
CA ALA C 138 40.28 22.40 -48.23
C ALA C 138 41.36 23.48 -48.17
N ARG C 139 41.27 24.41 -47.22
CA ARG C 139 42.23 25.49 -47.11
C ARG C 139 43.35 25.18 -46.14
N GLY C 140 43.58 23.90 -45.84
CA GLY C 140 44.62 23.51 -44.90
C GLY C 140 44.06 22.90 -43.63
N ALA C 141 44.19 21.59 -43.48
CA ALA C 141 43.65 20.89 -42.33
C ALA C 141 44.53 19.71 -41.98
N SER C 142 44.35 19.20 -40.77
CA SER C 142 45.10 18.03 -40.29
C SER C 142 44.24 17.31 -39.27
N VAL C 143 43.74 16.13 -39.64
CA VAL C 143 42.83 15.40 -38.75
C VAL C 143 43.59 14.61 -37.69
N SER C 144 44.90 14.41 -37.87
CA SER C 144 45.68 13.61 -36.95
C SER C 144 46.00 14.32 -35.63
N ALA C 145 45.66 15.60 -35.51
CA ALA C 145 45.90 16.34 -34.28
C ALA C 145 44.89 15.90 -33.23
N ARG C 146 45.35 15.17 -32.22
CA ARG C 146 44.49 14.70 -31.15
C ARG C 146 44.24 15.83 -30.14
N ALA C 147 43.25 15.62 -29.27
CA ALA C 147 42.84 16.61 -28.28
C ALA C 147 43.20 16.08 -26.90
N THR C 148 44.32 16.55 -26.34
CA THR C 148 44.83 16.10 -25.05
C THR C 148 44.48 17.05 -23.92
N GLY C 149 43.28 17.63 -23.95
CA GLY C 149 42.90 18.59 -22.93
C GLY C 149 42.68 17.94 -21.57
N ALA C 150 42.96 18.71 -20.52
CA ALA C 150 42.86 18.18 -19.17
C ALA C 150 41.40 18.06 -18.71
N ALA C 151 40.50 18.82 -19.34
CA ALA C 151 39.07 18.70 -19.07
C ALA C 151 38.40 17.66 -19.97
N PHE C 152 39.18 16.77 -20.59
CA PHE C 152 38.65 15.77 -21.50
C PHE C 152 38.80 14.34 -20.99
N ARG C 153 39.51 14.12 -19.89
CA ARG C 153 39.68 12.77 -19.36
C ARG C 153 38.41 12.31 -18.64
N ARG C 154 38.34 11.00 -18.40
CA ARG C 154 37.25 10.44 -17.62
C ARG C 154 37.49 10.72 -16.13
N SER C 155 36.54 11.41 -15.51
CA SER C 155 36.71 11.86 -14.13
C SER C 155 35.35 12.09 -13.51
N PRO C 156 35.19 11.86 -12.21
CA PRO C 156 33.89 12.12 -11.57
C PRO C 156 33.53 13.59 -11.48
N HIS C 157 34.51 14.49 -11.41
CA HIS C 157 34.24 15.92 -11.33
C HIS C 157 34.25 16.59 -12.70
N ASN C 158 34.18 15.78 -13.76
CA ASN C 158 33.98 16.29 -15.11
C ASN C 158 32.77 15.59 -15.71
N LEU C 159 31.93 16.36 -16.40
CA LEU C 159 30.61 15.86 -16.78
C LEU C 159 30.69 14.95 -18.00
N ILE C 160 31.23 15.45 -19.10
CA ILE C 160 31.21 14.73 -20.38
C ILE C 160 32.55 14.03 -20.62
N TYR C 161 32.49 12.89 -21.30
CA TYR C 161 33.66 12.18 -21.79
C TYR C 161 33.38 11.78 -23.23
N TYR C 162 33.88 12.56 -24.18
CA TYR C 162 33.55 12.36 -25.59
C TYR C 162 34.70 11.81 -26.43
N GLY C 163 35.85 11.50 -25.83
CA GLY C 163 36.91 10.85 -26.58
C GLY C 163 38.13 11.70 -26.82
N GLU C 164 38.92 11.34 -27.82
CA GLU C 164 40.22 11.96 -28.08
C GLU C 164 40.27 12.66 -29.43
N HIS C 165 39.96 11.97 -30.50
CA HIS C 165 40.02 12.36 -31.91
C HIS C 165 38.67 12.92 -32.35
N PRO C 166 38.66 13.87 -33.30
CA PRO C 166 37.38 14.46 -33.74
C PRO C 166 36.45 13.50 -34.45
N LEU C 167 36.93 12.33 -34.88
CA LEU C 167 36.04 11.26 -35.31
C LEU C 167 35.14 10.80 -34.17
N SER C 168 35.70 10.69 -32.96
CA SER C 168 34.91 10.33 -31.80
C SER C 168 33.94 11.45 -31.41
N PHE C 169 34.37 12.70 -31.55
CA PHE C 169 33.50 13.83 -31.28
C PHE C 169 32.38 13.93 -32.31
N ALA C 170 32.61 13.42 -33.52
CA ALA C 170 31.53 13.30 -34.49
C ALA C 170 30.60 12.14 -34.17
N ALA C 171 31.15 11.05 -33.63
CA ALA C 171 30.34 9.90 -33.28
C ALA C 171 29.46 10.16 -32.05
N CYS C 172 29.90 11.04 -31.14
CA CYS C 172 29.13 11.29 -29.93
C CYS C 172 27.87 12.10 -30.21
N VAL C 173 27.94 13.03 -31.15
CA VAL C 173 26.78 13.89 -31.40
C VAL C 173 25.73 13.15 -32.24
N GLY C 174 26.15 12.14 -32.99
CA GLY C 174 25.22 11.35 -33.77
C GLY C 174 24.73 12.03 -35.03
N SER C 175 25.65 12.47 -35.88
CA SER C 175 25.33 13.02 -37.18
C SER C 175 25.88 12.10 -38.25
N GLU C 176 25.12 11.92 -39.33
CA GLU C 176 25.34 10.78 -40.21
C GLU C 176 26.26 11.11 -41.38
N GLU C 177 26.32 12.37 -41.82
CA GLU C 177 27.03 12.67 -43.07
C GLU C 177 28.25 13.56 -42.89
N ILE C 178 28.33 14.35 -41.82
CA ILE C 178 29.57 15.09 -41.60
C ILE C 178 30.69 14.14 -41.21
N VAL C 179 30.36 13.02 -40.54
CA VAL C 179 31.31 11.93 -40.35
C VAL C 179 31.67 11.26 -41.66
N ARG C 180 30.86 11.44 -42.71
CA ARG C 180 31.22 11.07 -44.07
C ARG C 180 32.45 11.83 -44.56
N LEU C 181 32.61 13.09 -44.11
CA LEU C 181 33.55 13.99 -44.77
C LEU C 181 34.99 13.69 -44.36
N LEU C 182 35.27 13.67 -43.06
CA LEU C 182 36.65 13.60 -42.59
C LEU C 182 37.28 12.23 -42.82
N ILE C 183 36.48 11.20 -43.07
CA ILE C 183 37.01 9.90 -43.49
C ILE C 183 37.64 10.00 -44.87
N GLU C 184 37.09 10.87 -45.73
CA GLU C 184 37.53 10.99 -47.11
C GLU C 184 38.83 11.79 -47.29
N HIS C 185 39.59 12.02 -46.22
CA HIS C 185 40.88 12.71 -46.29
C HIS C 185 41.93 11.96 -45.49
N GLY C 186 41.86 10.63 -45.49
CA GLY C 186 42.85 9.82 -44.82
C GLY C 186 42.73 9.79 -43.30
N ALA C 187 41.55 9.46 -42.78
CA ALA C 187 41.35 9.40 -41.35
C ALA C 187 41.76 8.04 -40.80
N ASP C 188 42.44 8.04 -39.66
CA ASP C 188 42.82 6.81 -39.01
C ASP C 188 41.70 6.36 -38.07
N ILE C 189 41.61 5.04 -37.87
CA ILE C 189 40.61 4.43 -37.00
C ILE C 189 41.26 3.82 -35.76
N ARG C 190 42.41 3.17 -35.92
CA ARG C 190 43.07 2.42 -34.86
C ARG C 190 43.81 3.29 -33.85
N ALA C 191 43.72 4.62 -33.93
CA ALA C 191 44.39 5.46 -32.96
C ALA C 191 43.59 5.58 -31.67
N GLN C 192 44.30 5.61 -30.55
CA GLN C 192 43.68 5.73 -29.23
C GLN C 192 44.23 6.96 -28.52
N ASP C 193 43.78 7.15 -27.29
CA ASP C 193 44.25 8.22 -26.43
C ASP C 193 45.42 7.73 -25.58
N SER C 194 45.80 8.51 -24.57
CA SER C 194 46.87 8.13 -23.66
C SER C 194 46.47 7.01 -22.72
N LEU C 195 45.17 6.78 -22.51
CA LEU C 195 44.69 5.68 -21.68
C LEU C 195 43.98 4.61 -22.50
N GLY C 196 44.25 4.54 -23.80
CA GLY C 196 43.81 3.43 -24.64
C GLY C 196 42.32 3.34 -24.89
N ASN C 197 41.77 4.29 -25.64
CA ASN C 197 40.35 4.30 -25.98
C ASN C 197 40.21 4.56 -27.47
N THR C 198 39.69 3.57 -28.20
CA THR C 198 39.46 3.70 -29.64
C THR C 198 38.10 4.33 -29.88
N VAL C 199 37.71 4.41 -31.16
CA VAL C 199 36.49 5.10 -31.54
C VAL C 199 35.24 4.32 -31.19
N LEU C 200 35.36 3.02 -30.93
CA LEU C 200 34.17 2.17 -30.86
C LEU C 200 33.50 2.24 -29.49
N HIS C 201 34.24 1.94 -28.43
CA HIS C 201 33.63 1.72 -27.11
C HIS C 201 33.42 2.99 -26.31
N ILE C 202 33.41 4.16 -26.95
CA ILE C 202 33.03 5.37 -26.24
C ILE C 202 31.52 5.60 -26.38
N LEU C 203 30.85 4.80 -27.21
CA LEU C 203 29.41 4.88 -27.37
C LEU C 203 28.65 4.29 -26.19
N ILE C 204 29.21 3.26 -25.55
CA ILE C 204 28.45 2.48 -24.58
C ILE C 204 28.39 3.15 -23.21
N LEU C 205 29.20 4.18 -22.97
CA LEU C 205 29.07 4.96 -21.74
C LEU C 205 27.95 5.99 -21.84
N GLN C 206 27.55 6.36 -23.06
CA GLN C 206 26.56 7.41 -23.26
C GLN C 206 25.16 6.80 -23.36
N PRO C 207 24.19 7.31 -22.60
CA PRO C 207 22.93 6.57 -22.40
C PRO C 207 21.95 6.58 -23.57
N ASN C 208 22.20 7.33 -24.65
CA ASN C 208 21.22 7.39 -25.72
C ASN C 208 21.24 6.13 -26.56
N LYS C 209 20.09 5.81 -27.15
CA LYS C 209 19.90 4.58 -27.91
C LYS C 209 19.59 4.83 -29.39
N THR C 210 18.75 5.84 -29.68
CA THR C 210 18.15 5.95 -31.02
C THR C 210 19.13 6.41 -32.09
N PHE C 211 20.30 6.93 -31.71
CA PHE C 211 21.33 7.25 -32.69
C PHE C 211 22.46 6.24 -32.67
N ALA C 212 22.68 5.57 -31.55
CA ALA C 212 23.76 4.58 -31.49
C ALA C 212 23.37 3.27 -32.15
N CYS C 213 22.07 3.05 -32.40
CA CYS C 213 21.63 1.79 -32.99
C CYS C 213 21.90 1.78 -34.50
N GLN C 214 21.74 2.91 -35.16
CA GLN C 214 21.88 2.99 -36.61
C GLN C 214 23.31 3.32 -37.04
N MET C 215 24.02 4.11 -36.25
CA MET C 215 25.36 4.55 -36.62
C MET C 215 26.37 3.42 -36.49
N TYR C 216 26.06 2.40 -35.68
CA TYR C 216 26.98 1.29 -35.45
C TYR C 216 27.18 0.41 -36.67
N ASN C 217 26.19 0.33 -37.56
CA ASN C 217 26.27 -0.62 -38.68
C ASN C 217 27.17 -0.10 -39.79
N LEU C 218 26.89 1.10 -40.31
CA LEU C 218 27.64 1.61 -41.45
C LEU C 218 29.04 2.05 -41.07
N LEU C 219 29.30 2.31 -39.79
CA LEU C 219 30.68 2.59 -39.36
C LEU C 219 31.48 1.31 -39.21
N LEU C 220 30.83 0.20 -38.83
CA LEU C 220 31.50 -1.09 -38.84
C LEU C 220 31.64 -1.67 -40.23
N SER C 221 30.87 -1.15 -41.21
CA SER C 221 31.07 -1.56 -42.59
C SER C 221 32.38 -1.02 -43.15
N TYR C 222 32.90 0.07 -42.58
CA TYR C 222 34.13 0.69 -43.07
C TYR C 222 35.32 0.15 -42.27
N ASP C 223 35.59 -1.13 -42.47
CA ASP C 223 36.65 -1.82 -41.77
C ASP C 223 37.94 -1.78 -42.58
N GLU C 224 38.92 -2.59 -42.17
CA GLU C 224 40.17 -2.71 -42.91
C GLU C 224 39.97 -3.51 -44.20
N HIS C 225 38.88 -4.29 -44.27
CA HIS C 225 38.47 -5.27 -45.29
C HIS C 225 39.35 -6.51 -45.24
N SER C 226 40.25 -6.59 -44.26
CA SER C 226 40.89 -7.81 -43.80
C SER C 226 40.65 -7.81 -42.29
N ASP C 227 39.49 -8.32 -41.88
CA ASP C 227 38.91 -7.97 -40.59
C ASP C 227 39.27 -8.90 -39.44
N HIS C 228 39.50 -10.19 -39.70
CA HIS C 228 39.72 -11.10 -38.58
C HIS C 228 41.14 -10.99 -38.05
N LEU C 229 42.13 -10.74 -38.92
CA LEU C 229 43.47 -10.45 -38.48
C LEU C 229 43.57 -8.96 -38.14
N GLN C 230 44.29 -8.67 -37.05
CA GLN C 230 44.31 -7.38 -36.33
C GLN C 230 42.91 -6.75 -36.23
N SER C 231 42.02 -7.49 -35.57
CA SER C 231 40.61 -7.13 -35.51
C SER C 231 40.38 -5.88 -34.68
N LEU C 232 39.55 -4.98 -35.18
CA LEU C 232 39.32 -3.69 -34.52
C LEU C 232 38.40 -3.81 -33.32
N GLU C 233 37.61 -4.88 -33.22
CA GLU C 233 36.80 -5.12 -32.04
C GLU C 233 37.41 -6.15 -31.10
N LEU C 234 38.62 -6.61 -31.39
CA LEU C 234 39.37 -7.48 -30.50
C LEU C 234 40.65 -6.85 -29.98
N VAL C 235 40.97 -5.63 -30.39
CA VAL C 235 42.17 -4.95 -29.87
C VAL C 235 41.92 -4.51 -28.45
N PRO C 236 42.81 -4.81 -27.51
CA PRO C 236 42.57 -4.45 -26.11
C PRO C 236 42.86 -2.98 -25.85
N ASN C 237 42.42 -2.53 -24.68
CA ASN C 237 42.65 -1.17 -24.23
C ASN C 237 43.98 -1.09 -23.48
N HIS C 238 44.21 0.02 -22.78
CA HIS C 238 45.43 0.16 -21.98
C HIS C 238 45.41 -0.77 -20.77
N GLN C 239 44.22 -1.06 -20.24
CA GLN C 239 44.11 -2.08 -19.20
C GLN C 239 44.25 -3.48 -19.79
N GLY C 240 43.91 -3.64 -21.07
CA GLY C 240 44.04 -4.92 -21.74
C GLY C 240 42.73 -5.67 -21.81
N LEU C 241 41.65 -5.00 -22.20
CA LEU C 241 40.32 -5.60 -22.18
C LEU C 241 39.69 -5.43 -23.55
N THR C 242 39.03 -6.49 -24.01
CA THR C 242 38.34 -6.46 -25.30
C THR C 242 37.11 -5.57 -25.20
N PRO C 243 36.96 -4.55 -26.07
CA PRO C 243 36.00 -3.47 -25.79
C PRO C 243 34.53 -3.84 -25.88
N PHE C 244 34.18 -5.06 -26.30
CA PHE C 244 32.78 -5.45 -26.29
C PHE C 244 32.28 -5.71 -24.87
N LYS C 245 33.15 -6.14 -23.97
CA LYS C 245 32.72 -6.53 -22.64
C LYS C 245 32.53 -5.35 -21.69
N LEU C 246 32.99 -4.18 -22.12
CA LEU C 246 32.75 -2.93 -21.39
C LEU C 246 31.24 -2.70 -21.45
N ALA C 247 30.64 -2.91 -22.63
CA ALA C 247 29.20 -2.85 -22.79
C ALA C 247 28.49 -3.94 -22.01
N GLY C 248 29.19 -5.03 -21.70
CA GLY C 248 28.59 -6.09 -20.91
C GLY C 248 28.47 -5.72 -19.44
N VAL C 249 29.53 -5.17 -18.86
CA VAL C 249 29.51 -4.93 -17.42
C VAL C 249 29.00 -3.53 -17.08
N GLU C 250 29.17 -2.55 -17.97
CA GLU C 250 28.38 -1.33 -17.80
C GLU C 250 26.94 -1.50 -18.26
N GLY C 251 26.64 -2.55 -19.02
CA GLY C 251 25.27 -3.00 -19.24
C GLY C 251 24.36 -2.11 -20.08
N ASN C 252 24.89 -1.47 -21.12
CA ASN C 252 24.00 -0.85 -22.10
C ASN C 252 23.51 -1.97 -23.00
N THR C 253 22.30 -2.47 -22.71
CA THR C 253 21.86 -3.76 -23.21
C THR C 253 21.50 -3.74 -24.69
N VAL C 254 21.37 -2.57 -25.30
CA VAL C 254 20.95 -2.50 -26.70
C VAL C 254 22.11 -2.84 -27.63
N MET C 255 23.35 -2.64 -27.17
CA MET C 255 24.49 -3.14 -27.92
C MET C 255 24.62 -4.65 -27.79
N PHE C 256 24.32 -5.16 -26.59
CA PHE C 256 24.26 -6.59 -26.35
C PHE C 256 23.13 -7.24 -27.14
N GLN C 257 22.08 -6.48 -27.45
CA GLN C 257 21.07 -6.97 -28.37
C GLN C 257 21.56 -6.90 -29.82
N HIS C 258 22.14 -5.76 -30.20
CA HIS C 258 22.36 -5.48 -31.62
C HIS C 258 23.50 -6.30 -32.21
N LEU C 259 24.52 -6.65 -31.42
CA LEU C 259 25.59 -7.46 -32.00
C LEU C 259 25.18 -8.92 -32.16
N MET C 260 24.09 -9.35 -31.53
CA MET C 260 23.65 -10.74 -31.64
C MET C 260 22.90 -11.02 -32.94
N GLN C 261 22.61 -10.00 -33.75
CA GLN C 261 22.04 -10.31 -35.05
C GLN C 261 23.09 -10.55 -36.13
N LYS C 262 24.36 -10.24 -35.87
CA LYS C 262 25.42 -10.61 -36.82
C LYS C 262 25.82 -12.07 -36.68
N ARG C 263 25.62 -12.65 -35.51
CA ARG C 263 25.96 -14.04 -35.30
C ARG C 263 24.75 -14.96 -35.49
N LYS C 264 23.63 -14.45 -35.99
CA LYS C 264 22.48 -15.34 -36.04
C LYS C 264 22.36 -16.08 -37.38
N HIS C 265 21.93 -17.35 -37.30
CA HIS C 265 21.74 -18.23 -38.44
C HIS C 265 20.51 -19.08 -38.16
N VAL C 266 19.46 -18.92 -38.98
CA VAL C 266 18.23 -19.68 -38.81
C VAL C 266 18.44 -21.11 -39.31
N GLN C 267 17.67 -22.04 -38.76
CA GLN C 267 17.72 -23.43 -39.18
C GLN C 267 16.38 -23.93 -39.71
N TRP C 268 15.31 -23.82 -38.92
CA TRP C 268 13.98 -24.21 -39.36
C TRP C 268 12.95 -23.46 -38.54
N THR C 269 11.91 -22.98 -39.21
CA THR C 269 10.80 -22.30 -38.57
C THR C 269 9.50 -22.90 -39.06
N CYS C 270 8.69 -23.42 -38.13
CA CYS C 270 7.45 -24.13 -38.46
C CYS C 270 6.32 -23.56 -37.60
N GLY C 271 5.56 -22.64 -38.17
CA GLY C 271 4.43 -22.05 -37.49
C GLY C 271 4.87 -21.12 -36.37
N PRO C 272 4.38 -21.38 -35.16
CA PRO C 272 4.82 -20.59 -34.00
C PRO C 272 6.08 -21.15 -33.35
N LEU C 273 6.76 -22.08 -34.03
CA LEU C 273 7.96 -22.72 -33.51
C LEU C 273 9.14 -22.37 -34.40
N THR C 274 10.29 -22.16 -33.77
CA THR C 274 11.51 -21.83 -34.50
C THR C 274 12.71 -22.34 -33.71
N SER C 275 13.84 -22.42 -34.40
CA SER C 275 15.09 -22.86 -33.81
C SER C 275 16.17 -21.80 -34.00
N THR C 276 17.17 -21.86 -33.14
CA THR C 276 18.28 -20.89 -33.12
C THR C 276 19.50 -21.55 -32.49
N LEU C 277 20.68 -21.06 -32.87
CA LEU C 277 21.93 -21.59 -32.34
C LEU C 277 22.77 -20.48 -31.74
N TYR C 278 23.60 -20.89 -30.78
CA TYR C 278 24.28 -20.00 -29.85
C TYR C 278 25.78 -20.22 -29.96
N ASP C 279 26.48 -19.20 -30.43
CA ASP C 279 27.93 -19.24 -30.52
C ASP C 279 28.55 -18.60 -29.29
N LEU C 280 29.41 -19.35 -28.61
CA LEU C 280 29.99 -18.91 -27.34
C LEU C 280 31.49 -19.14 -27.31
N THR C 281 32.18 -18.73 -28.37
CA THR C 281 33.65 -18.71 -28.35
C THR C 281 34.20 -17.59 -27.49
N GLU C 282 33.42 -16.54 -27.21
CA GLU C 282 33.79 -15.56 -26.20
C GLU C 282 33.12 -15.81 -24.86
N ILE C 283 31.95 -16.45 -24.85
CA ILE C 283 31.27 -16.77 -23.58
C ILE C 283 31.80 -18.13 -23.17
N ASP C 284 32.93 -18.11 -22.46
CA ASP C 284 33.60 -19.32 -22.03
C ASP C 284 34.51 -18.97 -20.85
N SER C 285 35.38 -19.90 -20.49
CA SER C 285 36.45 -19.71 -19.53
C SER C 285 37.79 -19.96 -20.22
N TRP C 286 38.85 -20.00 -19.41
CA TRP C 286 40.27 -20.02 -19.79
C TRP C 286 40.66 -19.03 -20.87
N GLY C 287 40.01 -17.86 -20.89
CA GLY C 287 40.39 -16.81 -21.82
C GLY C 287 41.45 -15.91 -21.21
N GLU C 288 42.68 -16.44 -21.13
CA GLU C 288 43.85 -15.87 -20.44
C GLU C 288 43.51 -15.29 -19.05
N GLU C 289 42.63 -16.00 -18.32
CA GLU C 289 42.17 -15.65 -16.98
C GLU C 289 41.58 -14.25 -16.91
N LEU C 290 40.86 -13.84 -17.95
CA LEU C 290 40.22 -12.54 -17.99
C LEU C 290 38.83 -12.66 -18.61
N SER C 291 38.07 -13.66 -18.18
CA SER C 291 36.71 -13.86 -18.67
C SER C 291 35.76 -12.88 -17.99
N PHE C 292 34.63 -12.60 -18.66
CA PHE C 292 33.66 -11.67 -18.09
C PHE C 292 32.81 -12.28 -16.99
N LEU C 293 32.81 -13.62 -16.87
CA LEU C 293 32.14 -14.25 -15.74
C LEU C 293 32.81 -13.90 -14.42
N GLU C 294 34.11 -13.62 -14.45
CA GLU C 294 34.83 -13.11 -13.28
C GLU C 294 34.34 -11.73 -12.88
N LEU C 295 33.86 -10.93 -13.84
CA LEU C 295 33.80 -9.49 -13.68
C LEU C 295 32.38 -8.94 -13.70
N VAL C 296 31.37 -9.73 -14.11
CA VAL C 296 29.99 -9.26 -14.04
C VAL C 296 29.50 -9.15 -12.60
N VAL C 297 30.14 -9.84 -11.67
CA VAL C 297 29.75 -9.75 -10.26
C VAL C 297 30.71 -8.84 -9.51
N SER C 298 31.62 -8.19 -10.24
CA SER C 298 32.61 -7.32 -9.62
C SER C 298 32.22 -5.85 -9.64
N SER C 299 31.23 -5.47 -10.45
CA SER C 299 30.89 -4.07 -10.60
C SER C 299 30.13 -3.55 -9.37
N LYS C 300 30.25 -2.25 -9.14
CA LYS C 300 29.59 -1.57 -8.04
C LYS C 300 28.46 -0.68 -8.51
N LYS C 301 27.92 -0.94 -9.70
CA LYS C 301 26.94 -0.09 -10.33
C LYS C 301 25.60 -0.81 -10.33
N ARG C 302 24.51 -0.04 -10.18
CA ARG C 302 23.21 -0.63 -9.86
C ARG C 302 22.49 -1.18 -11.09
N GLU C 303 22.71 -0.60 -12.26
CA GLU C 303 22.08 -1.08 -13.49
C GLU C 303 22.67 -2.42 -13.92
N ALA C 304 23.91 -2.72 -13.54
CA ALA C 304 24.65 -3.89 -13.99
C ALA C 304 24.15 -5.21 -13.42
N ARG C 305 23.13 -5.22 -12.55
CA ARG C 305 22.66 -6.48 -12.00
C ARG C 305 21.77 -7.24 -12.98
N GLN C 306 21.09 -6.54 -13.88
CA GLN C 306 20.13 -7.15 -14.79
C GLN C 306 20.75 -7.54 -16.13
N ILE C 307 22.03 -7.89 -16.15
CA ILE C 307 22.65 -8.42 -17.37
C ILE C 307 22.31 -9.88 -17.61
N LEU C 308 21.54 -10.50 -16.71
CA LEU C 308 21.05 -11.86 -16.85
C LEU C 308 19.73 -11.92 -17.60
N GLU C 309 19.45 -10.93 -18.45
CA GLU C 309 18.12 -10.71 -19.02
C GLU C 309 17.86 -11.54 -20.28
N GLN C 310 18.87 -11.78 -21.11
CA GLN C 310 18.65 -12.34 -22.42
C GLN C 310 19.12 -13.79 -22.46
N THR C 311 18.59 -14.54 -23.42
CA THR C 311 18.75 -15.99 -23.57
C THR C 311 20.15 -16.58 -23.79
N PRO C 312 21.18 -15.86 -24.29
CA PRO C 312 22.53 -16.48 -24.27
C PRO C 312 23.10 -16.71 -22.88
N VAL C 313 22.56 -16.10 -21.83
CA VAL C 313 23.13 -16.20 -20.49
C VAL C 313 22.24 -16.99 -19.55
N LYS C 314 20.94 -16.69 -19.52
CA LYS C 314 20.06 -17.16 -18.45
C LYS C 314 19.79 -18.67 -18.54
N GLU C 315 19.41 -19.15 -19.73
CA GLU C 315 19.22 -20.59 -19.91
C GLU C 315 20.54 -21.36 -19.90
N LEU C 316 21.67 -20.69 -20.12
CA LEU C 316 22.97 -21.32 -19.96
C LEU C 316 23.27 -21.57 -18.49
N VAL C 317 23.14 -20.54 -17.66
CA VAL C 317 23.47 -20.69 -16.24
C VAL C 317 22.40 -21.48 -15.50
N SER C 318 21.15 -21.50 -15.99
CA SER C 318 20.13 -22.33 -15.38
C SER C 318 20.37 -23.81 -15.64
N PHE C 319 20.97 -24.14 -16.79
CA PHE C 319 21.38 -25.52 -17.03
C PHE C 319 22.64 -25.86 -16.24
N LYS C 320 23.57 -24.91 -16.10
CA LYS C 320 24.79 -25.18 -15.36
C LYS C 320 24.54 -25.35 -13.87
N TRP C 321 23.53 -24.65 -13.32
CA TRP C 321 23.22 -24.83 -11.91
C TRP C 321 22.36 -26.07 -11.66
N LYS C 322 21.52 -26.45 -12.61
CA LYS C 322 20.68 -27.62 -12.42
C LYS C 322 21.44 -28.92 -12.65
N LYS C 323 22.37 -28.94 -13.60
CA LYS C 323 23.07 -30.18 -13.92
C LYS C 323 24.20 -30.48 -12.95
N TYR C 324 25.02 -29.50 -12.60
CA TYR C 324 26.19 -29.77 -11.77
C TYR C 324 26.19 -29.00 -10.46
N GLY C 325 25.42 -27.91 -10.39
CA GLY C 325 25.45 -27.02 -9.25
C GLY C 325 24.86 -27.58 -7.97
N ARG C 326 23.57 -27.90 -8.01
CA ARG C 326 22.89 -28.46 -6.84
C ARG C 326 23.38 -29.83 -6.36
N PRO C 327 23.68 -30.84 -7.19
CA PRO C 327 24.17 -32.11 -6.62
C PRO C 327 25.59 -32.06 -6.09
N TYR C 328 26.32 -30.95 -6.23
CA TYR C 328 27.63 -30.80 -5.62
C TYR C 328 27.65 -29.73 -4.53
N PHE C 329 26.72 -28.77 -4.54
CA PHE C 329 26.72 -27.68 -3.57
C PHE C 329 26.32 -28.14 -2.17
N CYS C 330 25.71 -29.32 -2.05
CA CYS C 330 25.21 -29.80 -0.77
C CYS C 330 26.20 -30.69 -0.04
N VAL C 331 27.10 -31.37 -0.76
CA VAL C 331 27.94 -32.37 -0.11
C VAL C 331 29.04 -31.71 0.73
N LEU C 332 29.57 -30.57 0.30
CA LEU C 332 30.53 -29.87 1.14
C LEU C 332 29.85 -29.20 2.31
N ALA C 333 28.58 -28.81 2.17
CA ALA C 333 27.81 -28.33 3.31
C ALA C 333 27.57 -29.44 4.32
N SER C 334 27.38 -30.67 3.85
CA SER C 334 27.24 -31.81 4.75
C SER C 334 28.55 -32.09 5.48
N LEU C 335 29.66 -32.15 4.74
CA LEU C 335 30.98 -32.36 5.33
C LEU C 335 31.48 -31.17 6.15
N TYR C 336 30.83 -30.02 6.07
CA TYR C 336 31.08 -28.87 6.94
C TYR C 336 30.22 -28.91 8.20
N ILE C 337 28.95 -29.32 8.08
CA ILE C 337 28.05 -29.36 9.22
C ILE C 337 28.36 -30.56 10.12
N LEU C 338 29.00 -31.61 9.57
CA LEU C 338 29.46 -32.68 10.45
C LEU C 338 30.88 -32.43 10.96
N TYR C 339 31.64 -31.58 10.27
CA TYR C 339 32.90 -31.06 10.79
C TYR C 339 32.68 -30.26 12.06
N MET C 340 31.78 -29.28 12.01
CA MET C 340 31.69 -28.36 13.11
C MET C 340 30.86 -28.91 14.28
N ILE C 341 29.95 -29.86 14.06
CA ILE C 341 29.31 -30.49 15.23
C ILE C 341 30.32 -31.36 15.97
N CYS C 342 31.27 -31.96 15.24
CA CYS C 342 32.34 -32.71 15.89
C CYS C 342 33.26 -31.78 16.69
N PHE C 343 33.62 -30.63 16.11
CA PHE C 343 34.45 -29.69 16.85
C PHE C 343 33.69 -29.05 18.02
N THR C 344 32.37 -28.94 17.89
CA THR C 344 31.56 -28.39 18.98
C THR C 344 31.47 -29.39 20.13
N THR C 345 31.17 -30.64 19.78
CA THR C 345 31.02 -31.71 20.74
C THR C 345 32.32 -31.99 21.49
N CYS C 346 33.45 -31.90 20.80
CA CYS C 346 34.70 -32.25 21.46
C CYS C 346 35.16 -31.16 22.43
N CYS C 347 34.61 -29.95 22.32
CA CYS C 347 35.00 -28.83 23.18
C CYS C 347 34.09 -28.66 24.39
N ILE C 348 33.29 -29.67 24.75
CA ILE C 348 32.49 -29.59 25.96
C ILE C 348 33.18 -30.39 27.06
N TYR C 349 34.46 -30.72 26.84
CA TYR C 349 35.23 -31.49 27.80
C TYR C 349 36.55 -30.85 28.20
N ARG C 350 36.92 -29.72 27.60
CA ARG C 350 38.32 -29.28 27.66
C ARG C 350 38.74 -28.65 29.00
N PRO C 351 37.91 -27.88 29.72
CA PRO C 351 38.26 -27.59 31.13
C PRO C 351 38.18 -28.86 31.97
N LEU C 352 39.31 -29.24 32.54
CA LEU C 352 39.39 -30.51 33.24
C LEU C 352 40.04 -30.36 34.61
N LYS C 353 40.88 -29.34 34.78
CA LYS C 353 41.66 -29.20 36.02
C LYS C 353 41.73 -27.77 36.52
N LEU C 354 40.91 -26.85 36.01
CA LEU C 354 40.98 -25.45 36.40
C LEU C 354 40.19 -25.13 37.66
N ARG C 355 39.69 -26.14 38.36
CA ARG C 355 39.02 -25.92 39.64
C ARG C 355 39.50 -26.91 40.69
N ALA C 376 49.61 -32.57 30.56
CA ALA C 376 49.77 -33.76 31.37
C ALA C 376 48.46 -34.51 31.54
N TYR C 377 48.21 -35.46 30.64
CA TYR C 377 46.97 -36.22 30.66
C TYR C 377 47.21 -37.57 29.99
N VAL C 378 47.12 -38.65 30.78
CA VAL C 378 47.18 -40.01 30.25
C VAL C 378 46.05 -40.81 30.89
N THR C 379 44.91 -40.91 30.19
CA THR C 379 43.82 -41.82 30.52
C THR C 379 43.35 -42.50 29.25
N HIS C 380 42.20 -43.16 29.34
CA HIS C 380 41.66 -43.85 28.16
C HIS C 380 40.89 -42.91 27.25
N GLN C 381 40.24 -41.89 27.81
CA GLN C 381 39.46 -40.94 27.01
C GLN C 381 40.36 -39.89 26.35
N ASP C 382 41.63 -39.82 26.76
CA ASP C 382 42.55 -38.83 26.22
C ASP C 382 42.91 -39.07 24.76
N ASN C 383 42.73 -40.29 24.25
CA ASN C 383 42.99 -40.56 22.83
C ASN C 383 41.97 -39.86 21.93
N ILE C 384 40.68 -40.01 22.23
CA ILE C 384 39.67 -39.31 21.43
C ILE C 384 39.68 -37.82 21.77
N ARG C 385 40.04 -37.47 23.01
CA ARG C 385 40.23 -36.06 23.38
C ARG C 385 41.35 -35.41 22.57
N LEU C 386 42.38 -36.18 22.21
CA LEU C 386 43.48 -35.66 21.40
C LEU C 386 43.09 -35.57 19.93
N VAL C 387 42.49 -36.64 19.40
CA VAL C 387 42.17 -36.64 17.96
C VAL C 387 41.00 -35.73 17.62
N GLY C 388 40.17 -35.35 18.60
CA GLY C 388 39.08 -34.41 18.39
C GLY C 388 39.53 -33.03 17.94
N GLU C 389 40.74 -32.62 18.34
CA GLU C 389 41.31 -31.39 17.81
C GLU C 389 42.46 -31.65 16.84
N LEU C 390 43.01 -32.86 16.82
CA LEU C 390 43.94 -33.21 15.75
C LEU C 390 43.25 -33.32 14.40
N VAL C 391 41.94 -33.55 14.37
CA VAL C 391 41.20 -33.40 13.12
C VAL C 391 41.06 -31.92 12.76
N THR C 392 40.69 -31.08 13.73
CA THR C 392 40.36 -29.71 13.39
C THR C 392 41.58 -28.83 13.13
N VAL C 393 42.78 -29.25 13.50
CA VAL C 393 43.94 -28.42 13.13
C VAL C 393 44.22 -28.50 11.63
N THR C 394 44.19 -29.70 11.04
CA THR C 394 44.32 -29.83 9.60
C THR C 394 43.01 -29.49 8.87
N GLY C 395 41.89 -29.41 9.60
CA GLY C 395 40.70 -28.82 9.02
C GLY C 395 40.63 -27.31 9.11
N ALA C 396 41.48 -26.69 9.95
CA ALA C 396 41.46 -25.26 10.13
C ALA C 396 42.58 -24.56 9.37
N VAL C 397 43.62 -25.30 8.99
CA VAL C 397 44.61 -24.69 8.10
C VAL C 397 44.05 -24.47 6.69
N ILE C 398 43.06 -25.26 6.29
CA ILE C 398 42.57 -25.20 4.91
C ILE C 398 41.70 -23.96 4.71
N ILE C 399 41.12 -23.40 5.78
CA ILE C 399 40.23 -22.26 5.65
C ILE C 399 41.01 -20.96 5.40
N LEU C 400 42.33 -20.97 5.65
CA LEU C 400 43.15 -19.88 5.17
C LEU C 400 43.92 -20.26 3.92
N LEU C 401 44.23 -21.56 3.75
CA LEU C 401 44.92 -22.05 2.57
C LEU C 401 44.09 -21.88 1.30
N LEU C 402 42.77 -21.84 1.41
CA LEU C 402 41.90 -21.57 0.27
C LEU C 402 41.41 -20.12 0.23
N GLU C 403 41.73 -19.31 1.23
CA GLU C 403 41.12 -17.97 1.28
C GLU C 403 42.12 -16.84 1.38
N ILE C 404 43.42 -17.12 1.35
CA ILE C 404 44.39 -16.08 0.97
C ILE C 404 44.54 -15.82 -0.53
N PRO C 405 44.44 -16.80 -1.48
CA PRO C 405 44.70 -16.41 -2.89
C PRO C 405 43.61 -15.55 -3.51
N ASP C 406 42.35 -15.67 -3.08
CA ASP C 406 41.35 -14.74 -3.58
C ASP C 406 41.48 -13.37 -2.92
N ILE C 407 42.20 -13.28 -1.80
CA ILE C 407 42.55 -11.97 -1.27
C ILE C 407 43.60 -11.30 -2.13
N PHE C 408 44.74 -11.98 -2.40
CA PHE C 408 45.72 -11.24 -3.19
C PHE C 408 45.49 -11.36 -4.71
N ARG C 409 44.40 -12.02 -5.12
CA ARG C 409 43.93 -11.86 -6.50
C ARG C 409 43.27 -10.50 -6.67
N VAL C 410 42.47 -10.08 -5.70
CA VAL C 410 41.86 -8.76 -5.72
C VAL C 410 42.91 -7.69 -5.46
N GLY C 411 43.73 -7.89 -4.44
CA GLY C 411 44.81 -6.98 -4.10
C GLY C 411 44.61 -6.19 -2.83
N ALA C 412 43.36 -5.96 -2.40
CA ALA C 412 43.10 -5.17 -1.22
C ALA C 412 41.77 -5.59 -0.62
N SER C 413 41.59 -5.30 0.67
CA SER C 413 40.32 -5.60 1.32
C SER C 413 39.23 -4.63 0.91
N ARG C 414 39.62 -3.45 0.41
CA ARG C 414 38.67 -2.42 0.03
C ARG C 414 37.86 -2.79 -1.21
N TYR C 415 38.36 -3.72 -2.02
CA TYR C 415 37.59 -4.21 -3.16
C TYR C 415 37.15 -5.66 -2.96
N PHE C 416 37.45 -6.27 -1.81
CA PHE C 416 36.92 -7.58 -1.47
C PHE C 416 35.71 -7.48 -0.54
N GLY C 417 35.88 -6.84 0.62
CA GLY C 417 34.92 -6.88 1.70
C GLY C 417 33.82 -5.82 1.70
N GLN C 418 33.33 -5.39 0.54
CA GLN C 418 32.25 -4.42 0.49
C GLN C 418 31.04 -4.90 -0.29
N THR C 419 31.17 -5.98 -1.06
CA THR C 419 30.12 -6.40 -1.97
C THR C 419 29.00 -7.11 -1.22
N ILE C 420 27.75 -6.68 -1.50
CA ILE C 420 26.59 -7.34 -0.93
C ILE C 420 26.34 -8.65 -1.66
N LEU C 421 26.54 -8.66 -2.98
CA LEU C 421 26.25 -9.84 -3.79
C LEU C 421 27.34 -10.90 -3.62
N GLY C 422 28.60 -10.47 -3.51
CA GLY C 422 29.66 -11.42 -3.25
C GLY C 422 29.63 -11.98 -1.85
N GLY C 423 29.19 -11.17 -0.88
CA GLY C 423 28.99 -11.63 0.47
C GLY C 423 29.98 -11.06 1.46
N PRO C 424 29.48 -10.28 2.42
CA PRO C 424 30.34 -9.81 3.52
C PRO C 424 30.57 -10.83 4.62
N PHE C 425 30.19 -12.08 4.39
CA PHE C 425 30.35 -13.13 5.39
C PHE C 425 31.77 -13.62 5.61
N HIS C 426 32.73 -13.12 4.84
CA HIS C 426 34.09 -13.60 4.98
C HIS C 426 34.76 -13.07 6.25
N VAL C 427 34.14 -12.09 6.92
CA VAL C 427 34.73 -11.47 8.09
C VAL C 427 34.69 -12.42 9.29
N ILE C 428 33.77 -13.38 9.29
CA ILE C 428 33.80 -14.44 10.30
C ILE C 428 34.62 -15.64 9.85
N ILE C 429 34.77 -15.85 8.54
CA ILE C 429 35.64 -16.90 8.02
C ILE C 429 37.10 -16.59 8.35
N ILE C 430 37.49 -15.32 8.30
CA ILE C 430 38.88 -14.98 8.59
C ILE C 430 39.17 -15.05 10.09
N THR C 431 38.18 -14.79 10.94
CA THR C 431 38.43 -14.85 12.38
C THR C 431 38.20 -16.24 12.96
N TYR C 432 37.58 -17.16 12.20
CA TYR C 432 37.58 -18.55 12.62
C TYR C 432 38.96 -19.19 12.48
N ALA C 433 39.79 -18.65 11.58
CA ALA C 433 41.08 -19.25 11.27
C ALA C 433 42.12 -19.01 12.36
N SER C 434 41.99 -17.91 13.08
CA SER C 434 42.98 -17.54 14.09
C SER C 434 42.78 -18.11 15.49
N LEU C 435 41.55 -18.47 15.82
CA LEU C 435 41.31 -18.98 17.17
C LEU C 435 42.08 -20.25 17.45
N VAL C 436 42.15 -21.15 16.47
CA VAL C 436 42.85 -22.41 16.67
C VAL C 436 44.32 -22.17 16.97
N LEU C 437 44.94 -21.25 16.25
CA LEU C 437 46.34 -20.94 16.50
C LEU C 437 46.52 -20.39 17.91
N LEU C 438 45.61 -19.51 18.31
CA LEU C 438 45.65 -18.91 19.65
C LEU C 438 45.50 -19.98 20.72
N THR C 439 44.60 -20.93 20.47
CA THR C 439 44.37 -22.02 21.40
C THR C 439 45.67 -22.73 21.64
N MET C 440 46.59 -22.63 20.69
CA MET C 440 47.88 -23.28 20.80
C MET C 440 48.96 -22.40 21.43
N VAL C 441 48.73 -21.10 21.53
CA VAL C 441 49.69 -20.22 22.18
C VAL C 441 49.64 -20.43 23.70
N MET C 442 48.53 -20.95 24.21
CA MET C 442 48.40 -21.22 25.63
C MET C 442 49.31 -22.35 26.11
N ARG C 443 49.58 -23.33 25.26
CA ARG C 443 50.24 -24.56 25.70
C ARG C 443 51.74 -24.55 25.42
N LEU C 444 52.34 -23.36 25.36
CA LEU C 444 53.80 -23.22 25.40
C LEU C 444 54.27 -22.54 26.67
N THR C 445 53.40 -21.74 27.31
CA THR C 445 53.75 -21.06 28.55
C THR C 445 52.83 -21.44 29.72
N ASN C 446 51.75 -22.19 29.47
CA ASN C 446 50.83 -22.72 30.48
C ASN C 446 50.21 -21.61 31.33
N MET C 447 49.41 -20.77 30.67
CA MET C 447 48.66 -19.74 31.35
C MET C 447 47.29 -20.27 31.75
N ASN C 448 46.75 -19.75 32.85
CA ASN C 448 45.47 -20.22 33.36
C ASN C 448 44.31 -19.73 32.50
N GLY C 449 43.36 -20.62 32.27
CA GLY C 449 42.14 -20.27 31.54
C GLY C 449 42.25 -20.62 30.06
N GLU C 450 42.12 -19.60 29.20
CA GLU C 450 42.10 -19.70 27.74
C GLU C 450 41.02 -20.66 27.22
N VAL C 451 39.90 -20.73 27.92
CA VAL C 451 38.65 -21.24 27.36
C VAL C 451 37.64 -20.13 27.16
N VAL C 452 37.92 -18.93 27.64
CA VAL C 452 37.09 -17.74 27.49
C VAL C 452 37.24 -17.09 26.10
N PRO C 453 38.44 -17.00 25.49
CA PRO C 453 38.45 -16.68 24.05
C PRO C 453 37.81 -17.75 23.19
N LEU C 454 37.88 -19.02 23.59
CA LEU C 454 37.12 -20.08 22.92
C LEU C 454 35.62 -19.85 23.08
N SER C 455 35.20 -19.36 24.25
CA SER C 455 33.81 -19.04 24.50
C SER C 455 33.33 -17.90 23.61
N PHE C 456 34.22 -16.92 23.40
CA PHE C 456 33.89 -15.77 22.57
C PHE C 456 34.05 -16.04 21.08
N ALA C 457 34.70 -17.15 20.74
CA ALA C 457 34.91 -17.50 19.34
C ALA C 457 33.94 -18.55 18.81
N LEU C 458 33.53 -19.50 19.66
CA LEU C 458 32.80 -20.67 19.19
C LEU C 458 31.41 -20.32 18.69
N VAL C 459 30.78 -19.29 19.24
CA VAL C 459 29.44 -18.92 18.81
C VAL C 459 29.46 -18.30 17.40
N LEU C 460 30.40 -17.40 17.17
CA LEU C 460 30.53 -16.79 15.87
C LEU C 460 30.93 -17.89 14.90
N GLY C 461 31.84 -18.77 15.33
CA GLY C 461 32.27 -19.84 14.44
C GLY C 461 31.10 -20.70 14.01
N TRP C 462 30.22 -21.04 14.96
CA TRP C 462 29.03 -21.83 14.67
C TRP C 462 28.03 -21.09 13.80
N CYS C 463 28.03 -19.76 13.86
CA CYS C 463 27.13 -18.96 13.03
C CYS C 463 27.55 -18.92 11.55
N SER C 464 28.70 -19.49 11.20
CA SER C 464 29.25 -19.35 9.85
C SER C 464 28.54 -20.19 8.80
N VAL C 465 27.67 -21.12 9.20
CA VAL C 465 27.19 -22.15 8.29
C VAL C 465 26.15 -21.62 7.30
N MET C 466 25.59 -20.44 7.52
CA MET C 466 24.47 -19.95 6.73
C MET C 466 24.90 -19.21 5.46
N TYR C 467 26.14 -19.36 4.99
CA TYR C 467 26.49 -18.72 3.73
C TYR C 467 26.09 -19.61 2.55
N PHE C 468 26.06 -20.92 2.76
CA PHE C 468 25.50 -21.87 1.81
C PHE C 468 24.01 -22.11 2.02
N ALA C 469 23.33 -21.24 2.76
CA ALA C 469 21.89 -21.35 2.93
C ALA C 469 21.10 -20.88 1.72
N ARG C 470 21.78 -20.32 0.71
CA ARG C 470 21.09 -19.84 -0.48
C ARG C 470 20.76 -20.95 -1.47
N GLY C 471 21.49 -22.08 -1.43
CA GLY C 471 21.25 -23.10 -2.43
C GLY C 471 20.23 -24.12 -1.99
N PHE C 472 18.98 -23.88 -2.37
CA PHE C 472 17.85 -24.75 -2.09
C PHE C 472 16.80 -24.48 -3.15
N GLN C 473 15.59 -24.96 -2.90
CA GLN C 473 14.45 -24.46 -3.66
C GLN C 473 13.91 -23.18 -3.05
N MET C 474 14.36 -22.83 -1.84
CA MET C 474 13.79 -21.74 -1.07
C MET C 474 14.85 -21.16 -0.15
N LEU C 475 14.41 -20.30 0.77
CA LEU C 475 15.15 -19.79 1.94
C LEU C 475 16.27 -18.82 1.54
N GLY C 476 16.39 -18.53 0.25
CA GLY C 476 17.37 -17.60 -0.26
C GLY C 476 17.15 -16.15 0.15
N PRO C 477 16.04 -15.54 -0.31
CA PRO C 477 15.82 -14.11 0.01
C PRO C 477 15.52 -13.81 1.47
N PHE C 478 15.36 -14.82 2.33
CA PHE C 478 15.14 -14.55 3.74
C PHE C 478 16.40 -14.05 4.44
N THR C 479 17.57 -14.55 4.04
CA THR C 479 18.83 -14.15 4.65
C THR C 479 19.52 -12.99 3.93
N ILE C 480 18.90 -12.47 2.87
CA ILE C 480 19.46 -11.35 2.13
C ILE C 480 19.01 -10.01 2.70
N MET C 481 17.75 -9.94 3.13
CA MET C 481 17.20 -8.70 3.68
C MET C 481 17.86 -8.31 4.99
N ILE C 482 18.19 -9.31 5.83
CA ILE C 482 18.80 -9.03 7.13
C ILE C 482 20.21 -8.47 6.94
N GLN C 483 20.99 -9.03 6.02
CA GLN C 483 22.31 -8.50 5.73
C GLN C 483 22.23 -7.19 4.97
N LYS C 484 21.15 -6.98 4.21
CA LYS C 484 20.94 -5.70 3.54
C LYS C 484 20.69 -4.57 4.53
N MET C 485 19.96 -4.84 5.62
CA MET C 485 19.55 -3.75 6.50
C MET C 485 20.19 -3.73 7.88
N ILE C 486 21.10 -4.67 8.20
CA ILE C 486 22.02 -4.44 9.32
C ILE C 486 22.82 -3.16 9.11
N PHE C 487 23.37 -3.01 7.90
CA PHE C 487 24.04 -1.77 7.53
C PHE C 487 23.05 -0.62 7.33
N GLY C 488 21.80 -0.93 7.01
CA GLY C 488 20.83 0.10 6.69
C GLY C 488 20.18 0.77 7.88
N ASP C 489 19.41 0.03 8.68
CA ASP C 489 18.60 0.66 9.73
C ASP C 489 18.80 0.04 11.10
N LEU C 490 19.69 -0.94 11.25
CA LEU C 490 20.15 -1.30 12.58
C LEU C 490 21.16 -0.29 13.09
N MET C 491 21.84 0.42 12.18
CA MET C 491 22.84 1.41 12.54
C MET C 491 22.24 2.63 13.23
N ARG C 492 20.98 2.98 12.91
CA ARG C 492 20.34 4.20 13.42
C ARG C 492 20.19 4.20 14.94
N PHE C 493 19.45 3.23 15.47
CA PHE C 493 19.11 3.26 16.89
C PHE C 493 20.25 2.77 17.77
N CYS C 494 21.31 2.20 17.19
CA CYS C 494 22.47 1.85 18.00
C CYS C 494 23.30 3.07 18.38
N TRP C 495 23.12 4.20 17.70
CA TRP C 495 23.73 5.46 18.10
C TRP C 495 22.83 6.29 19.00
N LEU C 496 21.57 5.90 19.18
CA LEU C 496 20.65 6.62 20.04
C LEU C 496 20.24 5.84 21.29
N MET C 497 20.50 4.54 21.34
CA MET C 497 20.09 3.75 22.49
C MET C 497 21.15 3.77 23.58
N ALA C 498 22.43 3.81 23.20
CA ALA C 498 23.50 3.91 24.19
C ALA C 498 23.55 5.29 24.83
N VAL C 499 23.16 6.32 24.07
CA VAL C 499 23.24 7.69 24.57
C VAL C 499 22.08 8.03 25.51
N VAL C 500 21.04 7.22 25.54
CA VAL C 500 19.88 7.55 26.38
C VAL C 500 19.87 6.75 27.68
N ILE C 501 20.57 5.62 27.73
CA ILE C 501 20.45 4.72 28.89
C ILE C 501 21.34 5.15 30.04
N LEU C 502 22.47 5.81 29.79
CA LEU C 502 23.39 6.09 30.89
C LEU C 502 22.94 7.27 31.75
N GLY C 503 22.13 8.19 31.20
CA GLY C 503 21.51 9.21 32.04
C GLY C 503 20.47 8.61 32.97
N PHE C 504 19.67 7.67 32.46
CA PHE C 504 18.79 6.85 33.28
C PHE C 504 19.57 6.11 34.36
N ALA C 505 20.75 5.59 34.00
CA ALA C 505 21.57 4.84 34.93
C ALA C 505 22.15 5.73 36.02
N SER C 506 22.60 6.93 35.65
CA SER C 506 23.13 7.86 36.65
C SER C 506 22.03 8.37 37.57
N ALA C 507 20.83 8.61 37.03
CA ALA C 507 19.70 9.03 37.86
C ALA C 507 19.26 7.90 38.79
N PHE C 508 19.40 6.65 38.37
CA PHE C 508 19.07 5.54 39.25
C PHE C 508 20.16 5.31 40.28
N HIS C 509 21.42 5.56 39.93
CA HIS C 509 22.54 5.33 40.83
C HIS C 509 22.63 6.40 41.90
N ILE C 510 22.28 7.65 41.57
CA ILE C 510 22.40 8.74 42.53
C ILE C 510 21.34 8.65 43.64
N THR C 511 20.26 7.90 43.43
CA THR C 511 19.20 7.83 44.43
C THR C 511 19.44 6.70 45.43
N PHE C 512 19.71 5.49 44.94
CA PHE C 512 19.77 4.32 45.82
C PHE C 512 21.05 4.23 46.64
N GLN C 513 22.03 5.11 46.42
CA GLN C 513 23.22 5.07 47.25
C GLN C 513 23.00 5.69 48.63
N THR C 514 21.88 6.39 48.84
CA THR C 514 21.53 6.87 50.16
C THR C 514 21.01 5.75 51.06
N GLU C 515 20.62 4.62 50.49
CA GLU C 515 20.15 3.46 51.23
C GLU C 515 21.19 2.34 51.15
N ASP C 516 20.84 1.19 51.74
CA ASP C 516 21.71 0.04 51.83
C ASP C 516 21.65 -0.80 50.57
N PRO C 517 22.72 -1.54 50.25
CA PRO C 517 22.65 -2.50 49.14
C PRO C 517 22.07 -3.85 49.55
N ASN C 518 21.43 -3.92 50.71
CA ASN C 518 20.90 -5.17 51.24
C ASN C 518 19.40 -5.31 51.04
N ASN C 519 18.64 -4.20 51.07
CA ASN C 519 17.19 -4.31 50.93
C ASN C 519 16.78 -4.63 49.50
N LEU C 520 17.46 -4.04 48.51
CA LEU C 520 17.17 -4.31 47.11
C LEU C 520 18.33 -5.00 46.40
N GLY C 521 19.52 -4.43 46.43
CA GLY C 521 20.69 -5.06 45.86
C GLY C 521 20.75 -5.09 44.35
N GLU C 522 19.90 -4.32 43.66
CA GLU C 522 19.93 -4.34 42.20
C GLU C 522 20.85 -3.26 41.64
N PHE C 523 20.79 -2.06 42.19
CA PHE C 523 21.58 -0.92 41.72
C PHE C 523 22.68 -0.68 42.75
N SER C 524 23.82 -1.35 42.56
CA SER C 524 24.90 -1.30 43.53
C SER C 524 25.98 -0.31 43.14
N ASP C 525 26.56 -0.48 41.95
CA ASP C 525 27.73 0.30 41.56
C ASP C 525 27.57 0.63 40.08
N TYR C 526 28.35 1.62 39.62
CA TYR C 526 28.40 2.15 38.26
C TYR C 526 28.48 1.13 37.10
N PRO C 527 29.34 0.05 37.13
CA PRO C 527 29.37 -0.83 35.96
C PRO C 527 28.12 -1.68 35.76
N THR C 528 27.50 -2.14 36.85
CA THR C 528 26.32 -2.98 36.71
C THR C 528 25.04 -2.17 36.58
N ALA C 529 25.07 -0.87 36.87
CA ALA C 529 23.85 -0.06 36.76
C ALA C 529 23.50 0.22 35.30
N LEU C 530 24.51 0.60 34.50
CA LEU C 530 24.29 0.83 33.07
C LEU C 530 23.89 -0.46 32.36
N PHE C 531 24.54 -1.57 32.71
CA PHE C 531 24.16 -2.88 32.19
C PHE C 531 22.74 -3.26 32.57
N SER C 532 22.35 -2.98 33.82
CA SER C 532 21.02 -3.34 34.31
C SER C 532 19.94 -2.53 33.61
N THR C 533 20.15 -1.22 33.46
CA THR C 533 19.14 -0.45 32.74
C THR C 533 19.19 -0.69 31.23
N PHE C 534 20.33 -1.10 30.68
CA PHE C 534 20.43 -1.40 29.26
C PHE C 534 19.64 -2.65 28.92
N GLU C 535 19.72 -3.67 29.78
CA GLU C 535 18.91 -4.85 29.52
C GLU C 535 17.49 -4.70 30.08
N LEU C 536 17.25 -3.72 30.95
CA LEU C 536 15.92 -3.48 31.49
C LEU C 536 15.06 -2.68 30.52
N PHE C 537 15.69 -1.96 29.59
CA PHE C 537 14.92 -1.32 28.52
C PHE C 537 14.24 -2.33 27.61
N LEU C 538 14.80 -3.53 27.49
CA LEU C 538 14.33 -4.52 26.52
C LEU C 538 13.25 -5.44 27.07
N THR C 539 12.59 -5.05 28.18
CA THR C 539 11.54 -5.78 28.93
C THR C 539 11.83 -7.28 29.08
N ILE C 540 13.09 -7.61 29.31
CA ILE C 540 13.52 -9.00 29.49
C ILE C 540 13.27 -9.49 30.90
N ILE C 541 13.77 -8.78 31.90
CA ILE C 541 13.57 -9.13 33.29
C ILE C 541 12.63 -8.12 33.91
N ASP C 542 11.89 -8.55 34.93
CA ASP C 542 10.94 -7.66 35.59
C ASP C 542 11.67 -6.64 36.47
N GLY C 543 11.07 -5.47 36.60
CA GLY C 543 11.62 -4.40 37.40
C GLY C 543 11.67 -4.75 38.87
N PRO C 544 12.65 -4.20 39.58
CA PRO C 544 12.84 -4.56 40.98
C PRO C 544 11.75 -3.99 41.88
N ALA C 545 11.42 -4.75 42.92
CA ALA C 545 10.35 -4.37 43.82
C ALA C 545 10.60 -4.98 45.19
N ASN C 546 10.24 -4.23 46.22
CA ASN C 546 10.34 -4.68 47.60
C ASN C 546 9.30 -3.92 48.41
N TYR C 547 8.82 -4.55 49.48
CA TYR C 547 7.75 -3.98 50.30
C TYR C 547 8.16 -4.12 51.77
N SER C 548 8.73 -3.06 52.33
CA SER C 548 9.21 -3.05 53.70
C SER C 548 9.06 -1.63 54.25
N VAL C 549 9.74 -1.33 55.35
CA VAL C 549 9.63 -0.02 55.97
C VAL C 549 10.40 1.05 55.20
N ASP C 550 11.32 0.67 54.32
CA ASP C 550 12.07 1.61 53.50
C ASP C 550 11.51 1.64 52.09
N LEU C 551 11.36 2.85 51.55
CA LEU C 551 10.75 3.03 50.23
C LEU C 551 11.24 4.34 49.64
N PRO C 552 11.87 4.31 48.46
CA PRO C 552 12.40 5.55 47.86
C PRO C 552 11.30 6.42 47.26
N PHE C 553 11.57 7.72 47.28
CA PHE C 553 10.60 8.74 46.88
C PHE C 553 10.59 8.99 45.38
N MET C 554 11.77 9.20 44.80
CA MET C 554 11.86 9.71 43.43
C MET C 554 11.70 8.61 42.40
N TYR C 555 11.87 7.35 42.80
CA TYR C 555 12.02 6.25 41.85
C TYR C 555 10.74 5.96 41.07
N CYS C 556 9.58 6.23 41.66
CA CYS C 556 8.31 5.80 41.07
C CYS C 556 7.98 6.60 39.81
N ILE C 557 8.04 7.93 39.88
CA ILE C 557 7.62 8.72 38.73
C ILE C 557 8.68 8.69 37.63
N THR C 558 9.96 8.54 37.99
CA THR C 558 10.96 8.39 36.94
C THR C 558 10.93 6.98 36.34
N TYR C 559 10.44 5.99 37.09
CA TYR C 559 10.18 4.68 36.53
C TYR C 559 9.01 4.72 35.55
N ALA C 560 7.98 5.50 35.88
CA ALA C 560 6.86 5.70 34.96
C ALA C 560 7.29 6.50 33.73
N ALA C 561 8.20 7.46 33.91
CA ALA C 561 8.73 8.22 32.78
C ALA C 561 9.65 7.38 31.91
N PHE C 562 10.34 6.40 32.50
CA PHE C 562 11.08 5.45 31.69
C PHE C 562 10.14 4.52 30.93
N ALA C 563 9.04 4.11 31.56
CA ALA C 563 8.08 3.24 30.90
C ALA C 563 7.34 3.93 29.78
N ILE C 564 7.07 5.24 29.92
CA ILE C 564 6.36 5.97 28.88
C ILE C 564 7.26 6.24 27.67
N ILE C 565 8.58 6.10 27.83
CA ILE C 565 9.49 6.12 26.69
C ILE C 565 9.73 4.71 26.13
N ALA C 566 9.79 3.70 26.99
CA ALA C 566 9.96 2.32 26.56
C ALA C 566 8.74 1.75 25.86
N THR C 567 7.56 2.36 26.04
CA THR C 567 6.36 1.92 25.35
C THR C 567 6.22 2.49 23.96
N LEU C 568 7.06 3.44 23.55
CA LEU C 568 6.93 3.86 22.16
C LEU C 568 8.25 3.86 21.40
N LEU C 569 9.39 4.02 22.09
CA LEU C 569 10.64 4.18 21.36
C LEU C 569 11.15 2.84 20.80
N MET C 570 11.03 1.76 21.56
CA MET C 570 11.32 0.42 21.09
C MET C 570 10.40 0.01 19.94
N LEU C 571 9.18 0.55 19.88
CA LEU C 571 8.27 0.29 18.77
C LEU C 571 8.49 1.22 17.59
N ASN C 572 9.09 2.40 17.80
CA ASN C 572 9.56 3.24 16.71
C ASN C 572 10.82 2.70 16.05
N LEU C 573 11.47 1.71 16.65
CA LEU C 573 12.42 0.89 15.89
C LEU C 573 11.71 0.07 14.82
N PHE C 574 10.55 -0.50 15.14
CA PHE C 574 9.78 -1.35 14.24
C PHE C 574 9.22 -0.62 13.02
N ILE C 575 8.98 0.68 13.12
CA ILE C 575 8.47 1.37 11.93
C ILE C 575 9.57 1.69 10.93
N ALA C 576 10.76 2.07 11.41
CA ALA C 576 11.92 2.13 10.53
C ALA C 576 12.30 0.76 9.99
N MET C 577 12.06 -0.28 10.79
CA MET C 577 12.16 -1.66 10.29
C MET C 577 11.18 -1.94 9.17
N MET C 578 9.93 -1.50 9.33
CA MET C 578 8.86 -1.90 8.42
C MET C 578 8.89 -1.14 7.11
N GLY C 579 9.36 0.12 7.14
CA GLY C 579 9.32 0.98 5.95
C GLY C 579 10.20 0.53 4.80
N ASP C 580 11.05 -0.48 4.99
CA ASP C 580 11.94 -0.92 3.92
C ASP C 580 11.29 -2.01 3.07
N THR C 581 10.66 -2.97 3.71
CA THR C 581 10.18 -4.15 2.98
C THR C 581 8.99 -3.84 2.09
N HIS C 582 8.17 -2.86 2.48
CA HIS C 582 6.93 -2.59 1.76
C HIS C 582 7.18 -2.01 0.38
N TRP C 583 7.82 -0.86 0.30
CA TRP C 583 8.11 -0.29 -1.01
C TRP C 583 9.61 -0.12 -1.31
N ARG C 584 10.43 0.00 -0.27
CA ARG C 584 11.86 0.23 -0.45
C ARG C 584 12.75 -0.84 -1.11
N VAL C 585 12.63 -2.09 -0.71
CA VAL C 585 13.47 -3.16 -1.27
C VAL C 585 12.72 -4.41 -1.69
N ALA C 586 11.42 -4.29 -1.88
CA ALA C 586 10.59 -5.46 -2.18
C ALA C 586 11.01 -6.12 -3.49
N GLN C 587 11.62 -5.38 -4.40
CA GLN C 587 12.04 -5.93 -5.67
C GLN C 587 13.50 -6.41 -5.60
N GLU C 588 14.23 -6.02 -4.55
CA GLU C 588 15.67 -6.25 -4.53
C GLU C 588 16.03 -7.69 -4.15
N ARG C 589 15.19 -8.38 -3.40
CA ARG C 589 15.63 -9.64 -2.80
C ARG C 589 15.49 -10.83 -3.75
N ASP C 590 15.00 -10.64 -4.98
CA ASP C 590 14.88 -11.75 -5.91
C ASP C 590 15.93 -11.68 -7.01
N GLU C 591 16.25 -10.47 -7.50
CA GLU C 591 17.29 -10.36 -8.52
C GLU C 591 18.67 -10.62 -7.95
N LEU C 592 18.91 -10.21 -6.69
CA LEU C 592 20.13 -10.61 -6.01
C LEU C 592 20.17 -12.11 -5.77
N TRP C 593 19.01 -12.72 -5.53
CA TRP C 593 18.93 -14.17 -5.36
C TRP C 593 19.29 -14.92 -6.64
N ARG C 594 18.84 -14.42 -7.78
CA ARG C 594 19.21 -15.04 -9.05
C ARG C 594 20.56 -14.55 -9.56
N ALA C 595 21.23 -13.63 -8.85
CA ALA C 595 22.62 -13.31 -9.15
C ALA C 595 23.63 -14.04 -8.26
N GLN C 596 23.26 -14.43 -7.03
CA GLN C 596 24.20 -15.20 -6.22
C GLN C 596 24.48 -16.58 -6.81
N VAL C 597 23.56 -17.12 -7.62
CA VAL C 597 23.80 -18.43 -8.22
C VAL C 597 24.91 -18.37 -9.26
N VAL C 598 24.95 -17.33 -10.10
CA VAL C 598 26.04 -17.21 -11.05
C VAL C 598 27.32 -16.80 -10.34
N ALA C 599 27.22 -16.03 -9.24
CA ALA C 599 28.40 -15.71 -8.44
C ALA C 599 29.03 -16.97 -7.85
N THR C 600 28.23 -17.83 -7.21
CA THR C 600 28.79 -19.01 -6.57
C THR C 600 29.22 -20.07 -7.59
N THR C 601 28.59 -20.15 -8.76
CA THR C 601 29.09 -21.14 -9.72
C THR C 601 30.36 -20.68 -10.44
N VAL C 602 30.54 -19.37 -10.65
CA VAL C 602 31.80 -18.92 -11.22
C VAL C 602 32.91 -18.98 -10.17
N MET C 603 32.57 -18.81 -8.88
CA MET C 603 33.58 -18.95 -7.86
C MET C 603 33.94 -20.42 -7.62
N LEU C 604 32.97 -21.33 -7.85
CA LEU C 604 33.20 -22.74 -7.58
C LEU C 604 33.86 -23.45 -8.76
N GLU C 605 33.69 -22.94 -9.99
CA GLU C 605 34.29 -23.59 -11.15
C GLU C 605 35.80 -23.38 -11.18
N ARG C 606 36.28 -22.24 -10.70
CA ARG C 606 37.69 -21.90 -10.80
C ARG C 606 38.53 -22.42 -9.64
N LYS C 607 37.97 -23.28 -8.79
CA LYS C 607 38.71 -23.90 -7.70
C LYS C 607 38.68 -25.42 -7.75
N MET C 608 37.59 -26.01 -8.19
CA MET C 608 37.45 -27.45 -8.27
C MET C 608 38.22 -27.99 -9.48
N PRO C 609 38.59 -29.27 -9.40
CA PRO C 609 39.36 -30.03 -10.40
C PRO C 609 38.58 -30.15 -11.69
N ARG C 610 39.32 -30.25 -12.79
CA ARG C 610 38.76 -30.36 -14.13
C ARG C 610 37.92 -31.62 -14.36
N PHE C 611 38.26 -32.70 -13.67
CA PHE C 611 37.53 -33.95 -13.82
C PHE C 611 36.07 -33.72 -13.51
N LEU C 612 35.75 -32.90 -12.51
CA LEU C 612 34.34 -32.66 -12.22
C LEU C 612 33.63 -31.60 -13.08
N TRP C 613 34.33 -30.97 -14.03
CA TRP C 613 33.68 -29.97 -14.86
C TRP C 613 34.03 -30.10 -16.34
N PRO C 614 33.14 -30.64 -17.17
CA PRO C 614 33.21 -30.37 -18.61
C PRO C 614 32.41 -29.11 -18.92
N ARG C 615 32.58 -28.60 -20.13
CA ARG C 615 31.84 -27.42 -20.55
C ARG C 615 30.56 -27.82 -21.26
N SER C 616 29.50 -27.04 -21.04
CA SER C 616 28.17 -27.38 -21.51
C SER C 616 28.02 -27.07 -23.00
N GLY C 617 26.85 -27.43 -23.54
CA GLY C 617 26.58 -27.27 -24.95
C GLY C 617 26.68 -28.58 -25.71
N ILE C 618 26.97 -28.50 -27.00
CA ILE C 618 27.21 -29.67 -27.83
C ILE C 618 28.66 -29.63 -28.31
N CYS C 619 29.10 -30.73 -28.91
CA CYS C 619 30.51 -30.89 -29.25
C CYS C 619 30.92 -30.06 -30.46
N GLY C 620 30.18 -30.14 -31.55
CA GLY C 620 30.57 -29.44 -32.77
C GLY C 620 31.46 -30.24 -33.69
N TYR C 621 32.40 -31.01 -33.12
CA TYR C 621 33.23 -31.89 -33.91
C TYR C 621 32.42 -33.09 -34.40
N GLU C 622 33.01 -33.80 -35.38
CA GLU C 622 32.48 -34.75 -36.38
C GLU C 622 31.78 -33.96 -37.49
N TYR C 623 31.62 -32.65 -37.33
CA TYR C 623 30.93 -31.79 -38.28
C TYR C 623 31.92 -30.70 -38.69
N GLY C 624 31.92 -30.36 -39.98
CA GLY C 624 32.86 -29.39 -40.50
C GLY C 624 32.48 -27.95 -40.23
N LEU C 625 32.32 -27.60 -38.95
CA LEU C 625 31.93 -26.25 -38.57
C LEU C 625 33.03 -25.48 -37.86
N GLY C 626 34.08 -26.16 -37.42
CA GLY C 626 35.16 -25.52 -36.69
C GLY C 626 34.92 -25.58 -35.19
N ASP C 627 35.90 -25.04 -34.46
CA ASP C 627 35.87 -25.04 -32.99
C ASP C 627 35.03 -23.87 -32.48
N ARG C 628 33.70 -24.04 -32.58
CA ARG C 628 32.77 -22.99 -32.18
C ARG C 628 31.73 -23.40 -31.15
N TRP C 629 31.35 -24.68 -31.06
CA TRP C 629 30.70 -25.29 -29.88
C TRP C 629 29.34 -24.65 -29.57
N PHE C 630 28.39 -24.84 -30.49
CA PHE C 630 27.11 -24.14 -30.48
C PHE C 630 26.21 -24.62 -29.33
N LEU C 631 25.04 -23.97 -29.18
CA LEU C 631 24.09 -24.33 -28.14
C LEU C 631 22.69 -24.01 -28.65
N ARG C 632 21.69 -24.79 -28.26
CA ARG C 632 20.32 -24.50 -28.67
C ARG C 632 19.43 -24.24 -27.45
N VAL C 633 18.62 -23.18 -27.56
CA VAL C 633 17.39 -23.07 -26.80
C VAL C 633 16.27 -22.90 -27.82
N GLU C 634 15.05 -23.30 -27.44
CA GLU C 634 13.90 -23.26 -28.33
C GLU C 634 12.95 -22.17 -27.87
N ASN C 635 12.44 -21.40 -28.84
CA ASN C 635 11.61 -20.23 -28.56
C ASN C 635 10.21 -20.46 -29.13
N HIS C 636 9.22 -19.83 -28.49
CA HIS C 636 7.82 -19.95 -28.88
C HIS C 636 7.19 -18.56 -28.92
N HIS C 637 6.33 -18.34 -29.90
CA HIS C 637 5.61 -17.08 -30.03
C HIS C 637 4.16 -17.25 -29.58
N TRP D 29 -16.72 37.77 13.81
CA TRP D 29 -18.10 38.27 13.75
C TRP D 29 -18.54 38.47 12.31
N GLU D 30 -18.68 37.36 11.58
CA GLU D 30 -19.16 37.45 10.21
C GLU D 30 -20.63 37.78 10.15
N GLN D 31 -21.41 37.32 11.13
CA GLN D 31 -22.82 37.66 11.22
C GLN D 31 -23.05 39.13 11.55
N TYR D 32 -22.06 39.82 12.12
CA TYR D 32 -22.16 41.26 12.31
C TYR D 32 -22.10 41.98 10.96
N ARG D 33 -21.26 41.50 10.04
CA ARG D 33 -21.30 41.97 8.67
C ARG D 33 -22.61 41.56 7.99
N ASP D 34 -23.15 40.40 8.33
CA ASP D 34 -24.41 39.91 7.76
C ASP D 34 -25.63 40.64 8.33
N ARG D 35 -25.45 41.57 9.26
CA ARG D 35 -26.59 42.34 9.76
C ARG D 35 -27.09 43.35 8.74
N VAL D 36 -26.20 43.92 7.94
CA VAL D 36 -26.50 45.11 7.14
C VAL D 36 -26.55 44.84 5.65
N ASN D 37 -26.37 43.60 5.20
CA ASN D 37 -26.27 43.34 3.77
C ASN D 37 -27.65 43.25 3.11
N MET D 38 -28.59 42.53 3.74
CA MET D 38 -29.90 42.38 3.11
C MET D 38 -30.82 43.56 3.36
N LEU D 39 -30.35 44.59 4.06
CA LEU D 39 -31.16 45.78 4.29
C LEU D 39 -31.38 46.55 3.00
N GLN D 40 -30.39 46.57 2.10
CA GLN D 40 -30.46 47.42 0.92
C GLN D 40 -31.34 46.82 -0.17
N GLN D 41 -31.31 45.49 -0.31
CA GLN D 41 -31.93 44.80 -1.43
C GLN D 41 -33.45 44.84 -1.41
N GLU D 42 -34.06 45.16 -0.26
CA GLU D 42 -35.48 45.46 -0.24
C GLU D 42 -35.80 46.85 0.29
N ARG D 43 -34.80 47.62 0.71
CA ARG D 43 -35.04 49.06 0.87
C ARG D 43 -35.17 49.74 -0.49
N ILE D 44 -34.45 49.24 -1.50
CA ILE D 44 -34.69 49.70 -2.85
C ILE D 44 -36.07 49.24 -3.34
N ARG D 45 -36.51 48.11 -2.81
CA ARG D 45 -37.83 47.59 -3.08
C ARG D 45 -38.93 48.47 -2.46
N ASP D 46 -38.67 49.00 -1.26
CA ASP D 46 -39.67 49.77 -0.52
C ASP D 46 -40.00 51.07 -1.24
N SER D 47 -39.01 51.95 -1.39
CA SER D 47 -39.20 53.23 -2.07
C SER D 47 -39.23 53.00 -3.57
N PRO D 48 -40.36 53.27 -4.25
CA PRO D 48 -40.49 52.83 -5.64
C PRO D 48 -39.92 53.80 -6.67
N LEU D 49 -39.08 54.74 -6.24
CA LEU D 49 -38.65 55.82 -7.11
C LEU D 49 -37.19 55.71 -7.57
N LEU D 50 -36.46 54.66 -7.18
CA LEU D 50 -35.04 54.62 -7.50
C LEU D 50 -34.56 53.27 -8.02
N GLN D 51 -35.30 52.19 -7.75
CA GLN D 51 -34.81 50.85 -8.07
C GLN D 51 -35.04 50.45 -9.51
N ALA D 52 -35.68 51.30 -10.31
CA ALA D 52 -36.08 50.93 -11.67
C ALA D 52 -34.88 50.75 -12.61
N ALA D 53 -33.71 51.26 -12.25
CA ALA D 53 -32.52 50.97 -13.04
C ALA D 53 -32.04 49.53 -12.83
N LYS D 54 -32.36 48.93 -11.69
CA LYS D 54 -31.89 47.58 -11.40
C LYS D 54 -32.66 46.54 -12.20
N GLU D 55 -33.92 46.79 -12.51
CA GLU D 55 -34.75 45.89 -13.30
C GLU D 55 -35.13 46.51 -14.65
N ASN D 56 -34.10 47.04 -15.35
CA ASN D 56 -34.03 47.51 -16.74
C ASN D 56 -35.27 48.22 -17.28
N ASP D 57 -35.85 49.10 -16.46
CA ASP D 57 -37.00 49.87 -16.90
C ASP D 57 -36.55 50.99 -17.84
N LEU D 58 -37.33 51.24 -18.89
CA LEU D 58 -36.98 52.24 -19.88
C LEU D 58 -38.00 53.37 -19.97
N ARG D 59 -39.28 53.05 -20.18
CA ARG D 59 -40.26 54.09 -20.49
C ARG D 59 -40.72 54.82 -19.23
N LEU D 60 -41.01 54.08 -18.17
CA LEU D 60 -41.34 54.70 -16.88
C LEU D 60 -40.11 55.27 -16.18
N LEU D 61 -38.90 54.86 -16.59
CA LEU D 61 -37.69 55.44 -16.03
C LEU D 61 -37.45 56.84 -16.58
N LYS D 62 -37.94 57.11 -17.79
CA LYS D 62 -37.82 58.42 -18.41
C LYS D 62 -38.90 59.39 -17.95
N ILE D 63 -39.79 58.97 -17.05
CA ILE D 63 -40.88 59.84 -16.60
C ILE D 63 -40.54 60.48 -15.26
N LEU D 64 -40.00 59.71 -14.32
CA LEU D 64 -39.90 60.14 -12.93
C LEU D 64 -38.80 61.17 -12.69
N LEU D 65 -37.87 61.37 -13.63
CA LEU D 65 -36.76 62.27 -13.40
C LEU D 65 -37.08 63.72 -13.72
N LEU D 66 -38.09 63.97 -14.56
CA LEU D 66 -38.37 65.35 -14.98
C LEU D 66 -39.46 65.99 -14.13
N ASN D 67 -40.43 65.21 -13.64
CA ASN D 67 -41.54 65.77 -12.89
C ASN D 67 -41.15 66.19 -11.48
N GLN D 68 -40.09 65.62 -10.92
CA GLN D 68 -39.67 65.91 -9.56
C GLN D 68 -38.20 66.30 -9.53
N SER D 69 -37.83 67.01 -8.46
CA SER D 69 -36.43 67.30 -8.16
C SER D 69 -35.88 66.27 -7.18
N CYS D 70 -35.93 65.01 -7.61
CA CYS D 70 -35.65 63.85 -6.78
C CYS D 70 -34.65 62.93 -7.47
N ASP D 71 -33.56 63.49 -7.95
CA ASP D 71 -32.51 62.72 -8.62
C ASP D 71 -31.38 62.34 -7.67
N PHE D 72 -30.83 63.31 -6.94
CA PHE D 72 -29.70 63.08 -6.06
C PHE D 72 -30.13 62.69 -4.64
N GLN D 73 -31.37 63.00 -4.26
CA GLN D 73 -31.78 62.93 -2.86
C GLN D 73 -32.01 61.50 -2.36
N GLN D 74 -31.92 60.49 -3.21
CA GLN D 74 -32.09 59.10 -2.79
C GLN D 74 -30.76 58.55 -2.30
N ARG D 75 -30.65 58.33 -1.00
CA ARG D 75 -29.46 57.75 -0.40
C ARG D 75 -29.87 56.64 0.55
N GLY D 76 -29.23 55.48 0.41
CA GLY D 76 -29.49 54.35 1.28
C GLY D 76 -28.70 54.42 2.58
N ALA D 77 -28.75 53.31 3.33
CA ALA D 77 -27.98 53.21 4.55
C ALA D 77 -26.48 53.12 4.29
N VAL D 78 -26.09 52.58 3.12
CA VAL D 78 -24.69 52.57 2.74
C VAL D 78 -24.24 53.97 2.31
N GLY D 79 -25.17 54.76 1.80
CA GLY D 79 -24.84 55.87 0.96
C GLY D 79 -25.09 55.57 -0.51
N GLU D 80 -26.03 54.68 -0.79
CA GLU D 80 -26.25 54.13 -2.12
C GLU D 80 -26.88 55.16 -3.04
N THR D 81 -26.44 55.13 -4.31
CA THR D 81 -26.95 56.01 -5.36
C THR D 81 -27.34 55.17 -6.56
N ALA D 82 -27.72 55.84 -7.65
CA ALA D 82 -28.33 55.14 -8.77
C ALA D 82 -27.31 54.51 -9.72
N LEU D 83 -26.04 54.87 -9.61
CA LEU D 83 -25.04 54.32 -10.53
C LEU D 83 -24.40 53.03 -10.04
N HIS D 84 -24.40 52.77 -8.73
CA HIS D 84 -23.76 51.55 -8.24
C HIS D 84 -24.58 50.31 -8.59
N VAL D 85 -25.91 50.40 -8.51
CA VAL D 85 -26.76 49.30 -8.95
C VAL D 85 -26.80 49.22 -10.47
N ALA D 86 -26.57 50.34 -11.15
CA ALA D 86 -26.49 50.34 -12.61
C ALA D 86 -25.18 49.73 -13.10
N ALA D 87 -24.17 49.68 -12.25
CA ALA D 87 -22.93 48.96 -12.51
C ALA D 87 -22.81 47.68 -11.69
N LEU D 88 -23.87 47.25 -11.00
CA LEU D 88 -23.88 45.94 -10.36
C LEU D 88 -23.77 44.84 -11.40
N TYR D 89 -24.78 44.73 -12.27
CA TYR D 89 -24.60 44.23 -13.62
C TYR D 89 -24.71 45.43 -14.53
N ASP D 90 -24.35 45.24 -15.79
CA ASP D 90 -24.27 46.39 -16.65
C ASP D 90 -25.60 46.86 -17.19
N ASN D 91 -26.03 47.97 -16.60
CA ASN D 91 -27.24 48.64 -17.09
C ASN D 91 -26.79 49.73 -18.05
N LEU D 92 -26.76 49.39 -19.33
CA LEU D 92 -26.24 50.30 -20.35
C LEU D 92 -27.21 51.45 -20.61
N GLU D 93 -28.51 51.15 -20.61
CA GLU D 93 -29.50 52.18 -20.87
C GLU D 93 -29.76 53.07 -19.66
N ALA D 94 -29.39 52.62 -18.46
CA ALA D 94 -29.63 53.43 -17.26
C ALA D 94 -28.60 54.54 -17.14
N ALA D 95 -27.33 54.24 -17.43
CA ALA D 95 -26.25 55.22 -17.34
C ALA D 95 -26.11 56.06 -18.60
N THR D 96 -27.16 56.14 -19.43
CA THR D 96 -27.14 56.92 -20.65
C THR D 96 -27.73 58.30 -20.45
N LEU D 97 -28.85 58.40 -19.73
CA LEU D 97 -29.65 59.62 -19.70
C LEU D 97 -29.56 60.37 -18.38
N LEU D 98 -28.94 59.82 -17.35
CA LEU D 98 -28.89 60.52 -16.07
C LEU D 98 -27.82 61.60 -16.03
N MET D 99 -26.91 61.65 -17.00
CA MET D 99 -25.97 62.76 -17.10
C MET D 99 -26.64 64.05 -17.55
N GLU D 100 -27.81 63.94 -18.20
CA GLU D 100 -28.58 65.13 -18.54
C GLU D 100 -29.21 65.75 -17.29
N ALA D 101 -29.48 64.95 -16.27
CA ALA D 101 -30.07 65.43 -15.03
C ALA D 101 -29.02 65.82 -14.00
N ALA D 102 -28.00 64.98 -13.83
CA ALA D 102 -26.94 65.23 -12.85
C ALA D 102 -25.67 64.55 -13.32
N PRO D 103 -24.77 65.26 -14.02
CA PRO D 103 -23.51 64.66 -14.44
C PRO D 103 -22.51 64.49 -13.30
N GLU D 104 -22.69 65.21 -12.19
CA GLU D 104 -21.80 65.10 -11.04
C GLU D 104 -22.21 63.99 -10.08
N LEU D 105 -23.17 63.15 -10.46
CA LEU D 105 -23.71 62.14 -9.56
C LEU D 105 -22.74 60.98 -9.34
N ALA D 106 -21.70 60.85 -10.16
CA ALA D 106 -20.77 59.74 -10.00
C ALA D 106 -19.73 60.01 -8.92
N LYS D 107 -19.36 61.27 -8.69
CA LYS D 107 -18.23 61.61 -7.84
C LYS D 107 -18.67 61.90 -6.40
N GLU D 108 -19.30 60.90 -5.78
CA GLU D 108 -19.64 60.94 -4.36
C GLU D 108 -19.35 59.56 -3.77
N PRO D 109 -18.54 59.47 -2.73
CA PRO D 109 -18.25 58.17 -2.10
C PRO D 109 -19.38 57.76 -1.17
N ALA D 110 -19.25 56.57 -0.61
CA ALA D 110 -20.22 56.03 0.33
C ALA D 110 -19.87 56.46 1.75
N LEU D 111 -20.87 56.37 2.65
CA LEU D 111 -20.77 56.98 3.97
C LEU D 111 -20.95 56.01 5.13
N CYS D 112 -21.36 54.77 4.90
CA CYS D 112 -21.55 53.87 6.04
C CYS D 112 -20.22 53.31 6.51
N GLU D 113 -20.24 52.74 7.73
CA GLU D 113 -19.00 52.30 8.37
C GLU D 113 -18.30 51.13 7.68
N PRO D 114 -18.99 50.04 7.24
CA PRO D 114 -18.23 49.01 6.50
C PRO D 114 -17.83 49.38 5.08
N PHE D 115 -18.30 50.49 4.53
CA PHE D 115 -17.93 50.92 3.19
C PHE D 115 -17.60 52.41 3.17
N VAL D 116 -16.74 52.84 4.10
CA VAL D 116 -16.26 54.22 4.16
C VAL D 116 -15.41 54.53 2.92
N GLY D 117 -15.86 55.50 2.11
CA GLY D 117 -15.07 56.07 1.05
C GLY D 117 -14.87 55.22 -0.19
N GLN D 118 -15.96 54.89 -0.89
CA GLN D 118 -15.89 54.03 -2.07
C GLN D 118 -16.94 54.50 -3.06
N THR D 119 -16.52 54.75 -4.30
CA THR D 119 -17.27 55.54 -5.25
C THR D 119 -17.80 54.68 -6.41
N ALA D 120 -18.19 55.37 -7.49
CA ALA D 120 -18.99 54.76 -8.55
C ALA D 120 -18.23 53.70 -9.35
N LEU D 121 -17.06 54.02 -9.88
CA LEU D 121 -16.32 53.08 -10.70
C LEU D 121 -15.79 51.83 -10.00
N HIS D 122 -15.64 51.93 -8.69
CA HIS D 122 -14.99 50.88 -7.89
C HIS D 122 -15.66 49.52 -8.05
N ILE D 123 -16.93 49.50 -8.44
CA ILE D 123 -17.57 48.25 -8.83
C ILE D 123 -17.57 48.09 -10.35
N ALA D 124 -17.30 49.17 -11.10
CA ALA D 124 -17.37 49.15 -12.56
C ALA D 124 -16.04 48.86 -13.21
N VAL D 125 -15.09 48.28 -12.46
CA VAL D 125 -13.83 47.83 -13.01
C VAL D 125 -13.72 46.32 -13.00
N MET D 126 -14.29 45.69 -11.98
CA MET D 126 -14.31 44.25 -11.79
C MET D 126 -15.40 43.59 -12.64
N ASN D 127 -16.21 44.38 -13.33
CA ASN D 127 -17.19 43.84 -14.28
C ASN D 127 -16.56 43.54 -15.63
N GLN D 128 -15.33 44.02 -15.87
CA GLN D 128 -14.59 44.09 -17.14
C GLN D 128 -15.44 44.42 -18.36
N ASN D 129 -16.40 45.34 -18.20
CA ASN D 129 -17.25 45.80 -19.29
C ASN D 129 -16.62 47.04 -19.91
N LEU D 130 -15.99 46.85 -21.07
CA LEU D 130 -15.26 47.94 -21.72
C LEU D 130 -16.20 48.91 -22.43
N ASN D 131 -17.47 48.53 -22.62
CA ASN D 131 -18.43 49.48 -23.18
C ASN D 131 -18.93 50.46 -22.13
N LEU D 132 -18.70 50.17 -20.85
CA LEU D 132 -19.19 51.03 -19.78
C LEU D 132 -18.21 52.17 -19.50
N VAL D 133 -16.91 51.97 -19.75
CA VAL D 133 -15.92 52.95 -19.33
C VAL D 133 -15.85 54.18 -20.24
N ARG D 134 -16.51 54.16 -21.39
CA ARG D 134 -16.48 55.35 -22.25
C ARG D 134 -17.37 56.46 -21.70
N ALA D 135 -18.32 56.13 -20.83
CA ALA D 135 -19.31 57.12 -20.39
C ALA D 135 -18.80 57.95 -19.23
N LEU D 136 -18.46 57.30 -18.11
CA LEU D 136 -18.22 58.00 -16.86
C LEU D 136 -16.82 58.60 -16.75
N LEU D 137 -15.93 58.34 -17.72
CA LEU D 137 -14.59 58.89 -17.65
C LEU D 137 -14.54 60.31 -18.23
N ALA D 138 -15.05 60.48 -19.45
CA ALA D 138 -15.00 61.78 -20.11
C ALA D 138 -16.01 62.77 -19.55
N ARG D 139 -17.04 62.29 -18.85
CA ARG D 139 -18.09 63.14 -18.30
C ARG D 139 -17.81 63.54 -16.86
N GLY D 140 -16.55 63.44 -16.41
CA GLY D 140 -16.20 63.78 -15.04
C GLY D 140 -15.76 62.57 -14.24
N ALA D 141 -14.47 62.47 -13.98
CA ALA D 141 -13.93 61.32 -13.25
C ALA D 141 -12.73 61.77 -12.42
N SER D 142 -12.35 60.91 -11.47
CA SER D 142 -11.21 61.17 -10.61
C SER D 142 -10.64 59.83 -10.16
N VAL D 143 -9.46 59.48 -10.68
CA VAL D 143 -8.88 58.18 -10.38
C VAL D 143 -8.16 58.17 -9.04
N SER D 144 -7.87 59.35 -8.48
CA SER D 144 -7.12 59.43 -7.22
C SER D 144 -7.95 59.07 -5.99
N ALA D 145 -9.25 58.86 -6.14
CA ALA D 145 -10.09 58.48 -5.02
C ALA D 145 -9.84 57.02 -4.66
N ARG D 146 -9.18 56.80 -3.52
CA ARG D 146 -8.88 55.46 -3.05
C ARG D 146 -10.11 54.83 -2.40
N ALA D 147 -10.04 53.52 -2.19
CA ALA D 147 -11.15 52.75 -1.63
C ALA D 147 -10.75 52.26 -0.25
N THR D 148 -11.22 52.95 0.79
CA THR D 148 -10.86 52.65 2.18
C THR D 148 -11.94 51.85 2.88
N GLY D 149 -12.59 50.92 2.18
CA GLY D 149 -13.67 50.15 2.78
C GLY D 149 -13.17 49.18 3.84
N ALA D 150 -14.03 48.93 4.83
CA ALA D 150 -13.65 48.07 5.95
C ALA D 150 -13.65 46.60 5.55
N ALA D 151 -14.39 46.24 4.49
CA ALA D 151 -14.38 44.89 3.95
C ALA D 151 -13.29 44.70 2.90
N PHE D 152 -12.30 45.59 2.84
CA PHE D 152 -11.24 45.54 1.85
C PHE D 152 -9.87 45.23 2.44
N ARG D 153 -9.72 45.23 3.76
CA ARG D 153 -8.43 44.95 4.38
C ARG D 153 -8.12 43.46 4.32
N ARG D 154 -6.85 43.14 4.57
CA ARG D 154 -6.43 41.75 4.67
C ARG D 154 -6.84 41.18 6.03
N SER D 155 -7.65 40.12 6.01
CA SER D 155 -8.23 39.58 7.22
C SER D 155 -8.59 38.13 6.99
N PRO D 156 -8.50 37.28 8.02
CA PRO D 156 -8.90 35.88 7.85
C PRO D 156 -10.40 35.68 7.64
N HIS D 157 -11.24 36.55 8.18
CA HIS D 157 -12.68 36.43 8.02
C HIS D 157 -13.20 37.24 6.83
N ASN D 158 -12.29 37.65 5.95
CA ASN D 158 -12.67 38.27 4.68
C ASN D 158 -11.98 37.49 3.56
N LEU D 159 -12.72 37.23 2.48
CA LEU D 159 -12.26 36.27 1.49
C LEU D 159 -11.23 36.90 0.55
N ILE D 160 -11.59 37.98 -0.11
CA ILE D 160 -10.74 38.57 -1.15
C ILE D 160 -9.96 39.75 -0.58
N TYR D 161 -8.75 39.94 -1.13
CA TYR D 161 -7.93 41.13 -0.87
C TYR D 161 -7.39 41.61 -2.21
N TYR D 162 -8.05 42.63 -2.79
CA TYR D 162 -7.72 43.07 -4.13
C TYR D 162 -7.03 44.43 -4.20
N GLY D 163 -6.72 45.04 -3.06
CA GLY D 163 -5.94 46.26 -3.08
C GLY D 163 -6.70 47.51 -2.67
N GLU D 164 -6.18 48.67 -3.07
CA GLU D 164 -6.70 49.96 -2.62
C GLU D 164 -7.26 50.80 -3.77
N HIS D 165 -6.48 51.03 -4.79
CA HIS D 165 -6.72 51.86 -5.96
C HIS D 165 -7.30 51.02 -7.09
N PRO D 166 -8.15 51.61 -7.96
CA PRO D 166 -8.76 50.83 -9.05
C PRO D 166 -7.79 50.33 -10.10
N LEU D 167 -6.56 50.85 -10.13
CA LEU D 167 -5.49 50.21 -10.91
C LEU D 167 -5.20 48.80 -10.41
N SER D 168 -5.18 48.63 -9.08
CA SER D 168 -4.99 47.29 -8.51
C SER D 168 -6.20 46.40 -8.76
N PHE D 169 -7.40 46.97 -8.72
CA PHE D 169 -8.60 46.20 -9.04
C PHE D 169 -8.65 45.82 -10.51
N ALA D 170 -8.02 46.61 -11.38
CA ALA D 170 -7.86 46.20 -12.77
C ALA D 170 -6.79 45.13 -12.92
N ALA D 171 -5.74 45.19 -12.11
CA ALA D 171 -4.67 44.20 -12.19
C ALA D 171 -5.09 42.84 -11.65
N CYS D 172 -6.04 42.81 -10.70
CA CYS D 172 -6.45 41.55 -10.10
C CYS D 172 -7.30 40.72 -11.06
N VAL D 173 -8.13 41.38 -11.87
CA VAL D 173 -9.02 40.62 -12.75
C VAL D 173 -8.27 40.12 -13.98
N GLY D 174 -7.15 40.76 -14.33
CA GLY D 174 -6.34 40.31 -15.44
C GLY D 174 -6.92 40.64 -16.81
N SER D 175 -7.22 41.91 -17.04
CA SER D 175 -7.65 42.38 -18.34
C SER D 175 -6.59 43.33 -18.90
N GLU D 176 -6.35 43.24 -20.20
CA GLU D 176 -5.11 43.78 -20.77
C GLU D 176 -5.26 45.21 -21.26
N GLU D 177 -6.47 45.62 -21.67
CA GLU D 177 -6.60 46.90 -22.35
C GLU D 177 -7.43 47.93 -21.61
N ILE D 178 -8.33 47.52 -20.71
CA ILE D 178 -9.02 48.51 -19.89
C ILE D 178 -8.05 49.16 -18.91
N VAL D 179 -7.03 48.41 -18.46
CA VAL D 179 -5.91 48.99 -17.72
C VAL D 179 -5.09 49.92 -18.60
N ARG D 180 -5.20 49.81 -19.93
CA ARG D 180 -4.67 50.80 -20.85
C ARG D 180 -5.32 52.17 -20.64
N LEU D 181 -6.60 52.19 -20.26
CA LEU D 181 -7.38 53.43 -20.35
C LEU D 181 -7.03 54.40 -19.22
N LEU D 182 -7.14 53.94 -17.97
CA LEU D 182 -7.04 54.84 -16.83
C LEU D 182 -5.62 55.36 -16.60
N ILE D 183 -4.61 54.71 -17.20
CA ILE D 183 -3.26 55.24 -17.17
C ILE D 183 -3.18 56.53 -18.01
N GLU D 184 -3.98 56.61 -19.07
CA GLU D 184 -3.93 57.73 -20.01
C GLU D 184 -4.64 58.99 -19.50
N HIS D 185 -4.94 59.09 -18.21
CA HIS D 185 -5.54 60.28 -17.62
C HIS D 185 -4.83 60.65 -16.33
N GLY D 186 -3.51 60.46 -16.29
CA GLY D 186 -2.71 60.86 -15.15
C GLY D 186 -2.85 59.95 -13.94
N ALA D 187 -2.64 58.64 -14.12
CA ALA D 187 -2.74 57.70 -13.01
C ALA D 187 -1.42 57.63 -12.25
N ASP D 188 -1.51 57.59 -10.93
CA ASP D 188 -0.32 57.42 -10.11
C ASP D 188 -0.03 55.94 -9.90
N ILE D 189 1.25 55.63 -9.71
CA ILE D 189 1.71 54.27 -9.47
C ILE D 189 2.23 54.08 -8.05
N ARG D 190 2.95 55.08 -7.53
CA ARG D 190 3.63 54.98 -6.24
C ARG D 190 2.70 55.16 -5.04
N ALA D 191 1.38 55.26 -5.23
CA ALA D 191 0.49 55.41 -4.10
C ALA D 191 0.19 54.05 -3.46
N GLN D 192 0.09 54.05 -2.14
CA GLN D 192 -0.20 52.86 -1.37
C GLN D 192 -1.47 53.06 -0.54
N ASP D 193 -1.80 52.03 0.24
CA ASP D 193 -2.94 52.09 1.15
C ASP D 193 -2.47 52.57 2.52
N SER D 194 -3.33 52.44 3.54
CA SER D 194 -2.99 52.81 4.90
C SER D 194 -1.99 51.86 5.54
N LEU D 195 -1.85 50.63 5.03
CA LEU D 195 -0.87 49.68 5.52
C LEU D 195 0.24 49.40 4.52
N GLY D 196 0.46 50.32 3.57
CA GLY D 196 1.62 50.29 2.69
C GLY D 196 1.65 49.15 1.69
N ASN D 197 0.75 49.19 0.71
CA ASN D 197 0.71 48.17 -0.34
C ASN D 197 0.60 48.88 -1.69
N THR D 198 1.61 48.73 -2.53
CA THR D 198 1.62 49.31 -3.86
C THR D 198 0.94 48.36 -4.84
N VAL D 199 0.97 48.73 -6.13
CA VAL D 199 0.26 47.96 -7.15
C VAL D 199 0.94 46.64 -7.48
N LEU D 200 2.20 46.48 -7.13
CA LEU D 200 2.97 45.36 -7.65
C LEU D 200 2.73 44.07 -6.87
N HIS D 201 2.95 44.09 -5.55
CA HIS D 201 3.01 42.87 -4.77
C HIS D 201 1.65 42.39 -4.29
N ILE D 202 0.56 42.85 -4.89
CA ILE D 202 -0.74 42.27 -4.57
C ILE D 202 -1.04 41.10 -5.51
N LEU D 203 -0.20 40.89 -6.53
CA LEU D 203 -0.34 39.77 -7.44
C LEU D 203 0.09 38.45 -6.82
N ILE D 204 1.07 38.47 -5.93
CA ILE D 204 1.70 37.24 -5.47
C ILE D 204 0.90 36.52 -4.39
N LEU D 205 -0.11 37.19 -3.81
CA LEU D 205 -1.02 36.50 -2.90
C LEU D 205 -2.10 35.73 -3.64
N GLN D 206 -2.36 36.08 -4.90
CA GLN D 206 -3.43 35.45 -5.66
C GLN D 206 -2.89 34.27 -6.46
N PRO D 207 -3.52 33.10 -6.38
CA PRO D 207 -2.89 31.86 -6.85
C PRO D 207 -2.82 31.66 -8.36
N ASN D 208 -3.45 32.51 -9.17
CA ASN D 208 -3.46 32.26 -10.61
C ASN D 208 -2.11 32.61 -11.24
N LYS D 209 -1.80 31.91 -12.33
CA LYS D 209 -0.52 32.04 -13.01
C LYS D 209 -0.64 32.58 -14.42
N THR D 210 -1.64 32.13 -15.18
CA THR D 210 -1.66 32.35 -16.63
C THR D 210 -1.95 33.79 -17.03
N PHE D 211 -2.44 34.63 -16.11
CA PHE D 211 -2.59 36.04 -16.40
C PHE D 211 -1.53 36.90 -15.72
N ALA D 212 -0.97 36.41 -14.62
CA ALA D 212 0.07 37.17 -13.93
C ALA D 212 1.42 37.07 -14.62
N CYS D 213 1.59 36.09 -15.51
CA CYS D 213 2.87 35.92 -16.18
C CYS D 213 3.06 36.93 -17.30
N GLN D 214 1.98 37.27 -18.00
CA GLN D 214 2.07 38.16 -19.15
C GLN D 214 1.86 39.62 -18.77
N MET D 215 1.03 39.88 -17.76
CA MET D 215 0.71 41.25 -17.38
C MET D 215 1.88 41.92 -16.66
N TYR D 216 2.79 41.13 -16.08
CA TYR D 216 3.92 41.66 -15.34
C TYR D 216 4.93 42.39 -16.20
N ASN D 217 5.04 42.02 -17.49
CA ASN D 217 6.11 42.59 -18.33
C ASN D 217 5.75 44.00 -18.80
N LEU D 218 4.60 44.15 -19.46
CA LEU D 218 4.25 45.43 -20.04
C LEU D 218 3.86 46.47 -18.99
N LEU D 219 3.48 46.03 -17.79
CA LEU D 219 3.23 46.98 -16.71
C LEU D 219 4.54 47.45 -16.07
N LEU D 220 5.56 46.59 -16.04
CA LEU D 220 6.88 47.02 -15.61
C LEU D 220 7.60 47.83 -16.68
N SER D 221 7.15 47.74 -17.94
CA SER D 221 7.71 48.61 -18.97
C SER D 221 7.30 50.05 -18.78
N TYR D 222 6.19 50.30 -18.08
CA TYR D 222 5.70 51.66 -17.85
C TYR D 222 6.21 52.18 -16.52
N ASP D 223 7.52 52.38 -16.47
CA ASP D 223 8.20 52.83 -15.26
C ASP D 223 8.31 54.36 -15.26
N GLU D 224 9.12 54.88 -14.34
CA GLU D 224 9.38 56.31 -14.28
C GLU D 224 10.31 56.75 -15.42
N HIS D 225 11.02 55.78 -16.03
CA HIS D 225 12.08 55.89 -17.05
C HIS D 225 13.36 56.47 -16.47
N SER D 226 13.38 56.70 -15.16
CA SER D 226 14.59 56.86 -14.35
C SER D 226 14.41 55.86 -13.21
N ASP D 227 14.82 54.62 -13.46
CA ASP D 227 14.30 53.48 -12.71
C ASP D 227 15.13 53.08 -11.50
N HIS D 228 16.45 53.27 -11.52
CA HIS D 228 17.25 52.78 -10.41
C HIS D 228 17.16 53.70 -9.19
N LEU D 229 17.06 55.01 -9.42
CA LEU D 229 16.80 55.95 -8.33
C LEU D 229 15.30 56.00 -8.08
N GLN D 230 14.93 56.05 -6.80
CA GLN D 230 13.58 55.82 -6.25
C GLN D 230 12.87 54.66 -6.96
N SER D 231 13.48 53.48 -6.84
CA SER D 231 13.04 52.30 -7.57
C SER D 231 11.70 51.79 -7.06
N LEU D 232 10.81 51.45 -7.99
CA LEU D 232 9.46 51.04 -7.62
C LEU D 232 9.40 49.61 -7.11
N GLU D 233 10.40 48.79 -7.38
CA GLU D 233 10.48 47.45 -6.82
C GLU D 233 11.44 47.36 -5.64
N LEU D 234 11.99 48.50 -5.21
CA LEU D 234 12.81 48.55 -4.01
C LEU D 234 12.20 49.42 -2.91
N VAL D 235 11.04 50.03 -3.15
CA VAL D 235 10.39 50.83 -2.12
C VAL D 235 9.79 49.91 -1.08
N PRO D 236 10.04 50.13 0.21
CA PRO D 236 9.53 49.22 1.23
C PRO D 236 8.06 49.47 1.54
N ASN D 237 7.47 48.52 2.25
CA ASN D 237 6.08 48.62 2.68
C ASN D 237 6.00 49.34 4.02
N HIS D 238 4.83 49.29 4.66
CA HIS D 238 4.69 49.90 5.98
C HIS D 238 5.48 49.15 7.04
N GLN D 239 5.65 47.83 6.87
CA GLN D 239 6.55 47.08 7.73
C GLN D 239 8.00 47.38 7.39
N GLY D 240 8.28 47.75 6.15
CA GLY D 240 9.63 48.07 5.72
C GLY D 240 10.31 46.94 5.00
N LEU D 241 9.62 46.31 4.05
CA LEU D 241 10.14 45.12 3.39
C LEU D 241 10.08 45.34 1.89
N THR D 242 11.14 44.92 1.21
CA THR D 242 11.21 45.03 -0.25
C THR D 242 10.24 44.02 -0.88
N PRO D 243 9.31 44.47 -1.74
CA PRO D 243 8.15 43.63 -2.10
C PRO D 243 8.46 42.39 -2.94
N PHE D 244 9.68 42.21 -3.40
CA PHE D 244 10.00 40.98 -4.14
C PHE D 244 10.07 39.77 -3.20
N LYS D 245 10.47 39.99 -1.95
CA LYS D 245 10.69 38.87 -1.04
C LYS D 245 9.41 38.33 -0.41
N LEU D 246 8.31 39.07 -0.58
CA LEU D 246 6.99 38.61 -0.18
C LEU D 246 6.69 37.38 -1.05
N ALA D 247 6.98 37.50 -2.35
CA ALA D 247 6.85 36.37 -3.27
C ALA D 247 7.83 35.25 -2.93
N GLY D 248 8.91 35.57 -2.23
CA GLY D 248 9.85 34.53 -1.83
C GLY D 248 9.32 33.69 -0.68
N VAL D 249 8.78 34.33 0.35
CA VAL D 249 8.39 33.57 1.54
C VAL D 249 6.93 33.10 1.46
N GLU D 250 6.07 33.82 0.75
CA GLU D 250 4.79 33.19 0.40
C GLU D 250 4.93 32.21 -0.75
N GLY D 251 6.03 32.25 -1.49
CA GLY D 251 6.41 31.17 -2.39
C GLY D 251 5.57 30.94 -3.63
N ASN D 252 5.07 32.00 -4.26
CA ASN D 252 4.51 31.84 -5.60
C ASN D 252 5.69 31.79 -6.55
N THR D 253 6.09 30.56 -6.93
CA THR D 253 7.40 30.34 -7.52
C THR D 253 7.51 30.83 -8.96
N VAL D 254 6.39 31.15 -9.62
CA VAL D 254 6.46 31.56 -11.01
C VAL D 254 6.95 33.00 -11.14
N MET D 255 6.77 33.81 -10.11
CA MET D 255 7.41 35.12 -10.09
C MET D 255 8.89 35.00 -9.84
N PHE D 256 9.27 34.06 -8.96
CA PHE D 256 10.67 33.73 -8.71
C PHE D 256 11.33 33.14 -9.95
N GLN D 257 10.55 32.49 -10.81
CA GLN D 257 11.07 32.08 -12.11
C GLN D 257 11.18 33.27 -13.05
N HIS D 258 10.12 34.09 -13.13
CA HIS D 258 10.00 35.05 -14.22
C HIS D 258 10.93 36.24 -14.07
N LEU D 259 11.26 36.64 -12.83
CA LEU D 259 12.18 37.76 -12.69
C LEU D 259 13.62 37.36 -12.96
N MET D 260 13.92 36.06 -12.99
CA MET D 260 15.29 35.61 -13.24
C MET D 260 15.65 35.65 -14.72
N GLN D 261 14.71 35.94 -15.62
CA GLN D 261 15.12 36.12 -17.00
C GLN D 261 15.54 37.55 -17.33
N LYS D 262 15.27 38.51 -16.44
CA LYS D 262 15.79 39.86 -16.65
C LYS D 262 17.25 39.98 -16.23
N ARG D 263 17.69 39.14 -15.33
CA ARG D 263 19.07 39.17 -14.89
C ARG D 263 19.93 38.15 -15.65
N LYS D 264 19.42 37.53 -16.69
CA LYS D 264 20.25 36.50 -17.31
C LYS D 264 21.11 37.04 -18.46
N HIS D 265 22.34 36.50 -18.55
CA HIS D 265 23.32 36.86 -19.57
C HIS D 265 24.06 35.59 -19.95
N VAL D 266 23.94 35.15 -21.20
CA VAL D 266 24.61 33.96 -21.69
C VAL D 266 26.09 34.26 -21.91
N GLN D 267 26.91 33.22 -21.81
CA GLN D 267 28.34 33.34 -22.06
C GLN D 267 28.81 32.45 -23.20
N TRP D 268 28.57 31.14 -23.11
CA TRP D 268 28.93 30.22 -24.18
C TRP D 268 28.05 28.98 -24.08
N THR D 269 27.58 28.52 -25.24
CA THR D 269 26.76 27.32 -25.34
C THR D 269 27.35 26.42 -26.42
N CYS D 270 27.72 25.20 -26.03
CA CYS D 270 28.39 24.25 -26.94
C CYS D 270 27.68 22.91 -26.86
N GLY D 271 26.78 22.66 -27.80
CA GLY D 271 26.06 21.41 -27.87
C GLY D 271 25.05 21.27 -26.75
N PRO D 272 25.16 20.19 -25.97
CA PRO D 272 24.28 20.03 -24.81
C PRO D 272 24.83 20.69 -23.55
N LEU D 273 25.85 21.52 -23.71
CA LEU D 273 26.51 22.18 -22.59
C LEU D 273 26.32 23.70 -22.72
N THR D 274 26.11 24.35 -21.58
CA THR D 274 25.93 25.79 -21.55
C THR D 274 26.42 26.33 -20.23
N SER D 275 26.64 27.64 -20.18
CA SER D 275 27.08 28.33 -18.99
C SER D 275 26.10 29.45 -18.63
N THR D 276 26.13 29.84 -17.36
CA THR D 276 25.23 30.85 -16.82
C THR D 276 25.88 31.47 -15.59
N LEU D 277 25.49 32.72 -15.29
CA LEU D 277 26.05 33.43 -14.15
C LEU D 277 24.93 33.93 -13.25
N TYR D 278 25.27 34.08 -11.98
CA TYR D 278 24.34 34.24 -10.87
C TYR D 278 24.66 35.54 -10.15
N ASP D 279 23.73 36.48 -10.22
CA ASP D 279 23.85 37.76 -9.51
C ASP D 279 23.12 37.69 -8.18
N LEU D 280 23.84 37.97 -7.10
CA LEU D 280 23.31 37.82 -5.76
C LEU D 280 23.62 39.04 -4.90
N THR D 281 23.37 40.23 -5.45
CA THR D 281 23.43 41.45 -4.64
C THR D 281 22.25 41.58 -3.68
N GLU D 282 21.15 40.88 -3.93
CA GLU D 282 20.08 40.75 -2.94
C GLU D 282 20.16 39.45 -2.15
N ILE D 283 20.72 38.39 -2.74
CA ILE D 283 20.88 37.12 -2.03
C ILE D 283 22.22 37.20 -1.32
N ASP D 284 22.19 37.78 -0.12
CA ASP D 284 23.38 37.99 0.68
C ASP D 284 22.96 38.17 2.14
N SER D 285 23.90 38.61 2.96
CA SER D 285 23.67 39.02 4.34
C SER D 285 24.06 40.49 4.49
N TRP D 286 24.08 40.95 5.75
CA TRP D 286 24.22 42.34 6.20
C TRP D 286 23.36 43.35 5.44
N GLY D 287 22.17 42.93 5.00
CA GLY D 287 21.24 43.84 4.37
C GLY D 287 20.34 44.50 5.40
N GLU D 288 20.93 45.45 6.16
CA GLU D 288 20.36 46.12 7.35
C GLU D 288 19.63 45.15 8.29
N GLU D 289 20.20 43.96 8.47
CA GLU D 289 19.69 42.89 9.33
C GLU D 289 18.25 42.50 9.00
N LEU D 290 17.93 42.49 7.71
CA LEU D 290 16.59 42.10 7.25
C LEU D 290 16.71 41.25 5.99
N SER D 291 17.62 40.28 6.00
CA SER D 291 17.79 39.38 4.86
C SER D 291 16.69 38.31 4.87
N PHE D 292 16.42 37.75 3.69
CA PHE D 292 15.38 36.73 3.58
C PHE D 292 15.83 35.37 4.09
N LEU D 293 17.14 35.16 4.27
CA LEU D 293 17.63 33.94 4.89
C LEU D 293 17.18 33.84 6.35
N GLU D 294 16.97 34.98 7.01
CA GLU D 294 16.38 35.00 8.34
C GLU D 294 14.94 34.52 8.33
N LEU D 295 14.23 34.71 7.22
CA LEU D 295 12.78 34.73 7.24
C LEU D 295 12.14 33.59 6.44
N VAL D 296 12.92 32.89 5.60
CA VAL D 296 12.38 31.74 4.88
C VAL D 296 12.09 30.57 5.82
N VAL D 297 12.71 30.55 6.99
CA VAL D 297 12.46 29.47 7.96
C VAL D 297 11.53 29.98 9.05
N SER D 298 11.00 31.19 8.89
CA SER D 298 10.14 31.78 9.90
C SER D 298 8.65 31.62 9.59
N SER D 299 8.31 31.26 8.35
CA SER D 299 6.91 31.19 7.97
C SER D 299 6.24 29.96 8.56
N LYS D 300 4.92 30.07 8.74
CA LYS D 300 4.10 28.99 9.28
C LYS D 300 3.19 28.39 8.22
N LYS D 301 3.55 28.54 6.96
CA LYS D 301 2.71 28.13 5.84
C LYS D 301 3.35 26.92 5.16
N ARG D 302 2.51 26.01 4.66
CA ARG D 302 3.00 24.69 4.26
C ARG D 302 3.63 24.68 2.87
N GLU D 303 3.18 25.56 1.96
CA GLU D 303 3.75 25.63 0.62
C GLU D 303 5.15 26.21 0.65
N ALA D 304 5.48 27.02 1.66
CA ALA D 304 6.73 27.77 1.74
C ALA D 304 7.96 26.91 2.02
N ARG D 305 7.82 25.59 2.21
CA ARG D 305 9.00 24.77 2.49
C ARG D 305 9.80 24.46 1.23
N GLN D 306 9.15 24.45 0.07
CA GLN D 306 9.81 24.06 -1.17
C GLN D 306 10.36 25.25 -1.96
N ILE D 307 10.79 26.31 -1.26
CA ILE D 307 11.47 27.42 -1.92
C ILE D 307 12.93 27.12 -2.22
N LEU D 308 13.41 25.93 -1.84
CA LEU D 308 14.75 25.45 -2.15
C LEU D 308 14.82 24.73 -3.49
N GLU D 309 13.90 25.04 -4.41
CA GLU D 309 13.67 24.26 -5.61
C GLU D 309 14.60 24.62 -6.77
N GLN D 310 14.98 25.89 -6.90
CA GLN D 310 15.66 26.34 -8.10
C GLN D 310 17.13 26.61 -7.79
N THR D 311 17.94 26.59 -8.85
CA THR D 311 19.40 26.66 -8.81
C THR D 311 20.09 27.90 -8.21
N PRO D 312 19.49 29.11 -8.11
CA PRO D 312 20.17 30.17 -7.33
C PRO D 312 20.30 29.89 -5.84
N VAL D 313 19.55 28.93 -5.29
CA VAL D 313 19.54 28.70 -3.85
C VAL D 313 20.19 27.36 -3.49
N LYS D 314 19.81 26.28 -4.18
CA LYS D 314 20.12 24.92 -3.72
C LYS D 314 21.60 24.60 -3.87
N GLU D 315 22.19 24.85 -5.04
CA GLU D 315 23.63 24.65 -5.21
C GLU D 315 24.46 25.67 -4.44
N LEU D 316 23.88 26.81 -4.07
CA LEU D 316 24.57 27.75 -3.19
C LEU D 316 24.68 27.20 -1.78
N VAL D 317 23.56 26.75 -1.21
CA VAL D 317 23.59 26.26 0.16
C VAL D 317 24.24 24.88 0.26
N SER D 318 24.23 24.09 -0.83
CA SER D 318 24.94 22.82 -0.82
C SER D 318 26.45 23.01 -0.83
N PHE D 319 26.93 24.10 -1.44
CA PHE D 319 28.34 24.42 -1.35
C PHE D 319 28.68 25.03 0.01
N LYS D 320 27.77 25.85 0.57
CA LYS D 320 28.02 26.45 1.87
C LYS D 320 28.03 25.42 3.00
N TRP D 321 27.24 24.36 2.88
CA TRP D 321 27.25 23.32 3.91
C TRP D 321 28.40 22.35 3.73
N LYS D 322 28.83 22.10 2.49
CA LYS D 322 29.93 21.17 2.26
C LYS D 322 31.28 21.81 2.56
N LYS D 323 31.44 23.09 2.26
CA LYS D 323 32.75 23.72 2.44
C LYS D 323 33.02 24.12 3.88
N TYR D 324 32.05 24.73 4.57
CA TYR D 324 32.30 25.25 5.91
C TYR D 324 31.40 24.62 6.97
N GLY D 325 30.26 24.06 6.54
CA GLY D 325 29.26 23.56 7.47
C GLY D 325 29.65 22.33 8.25
N ARG D 326 29.91 21.23 7.55
CA ARG D 326 30.31 19.98 8.20
C ARG D 326 31.64 20.00 8.95
N PRO D 327 32.75 20.60 8.46
CA PRO D 327 33.98 20.57 9.28
C PRO D 327 33.97 21.50 10.50
N TYR D 328 32.91 22.29 10.70
CA TYR D 328 32.76 23.08 11.92
C TYR D 328 31.59 22.63 12.78
N PHE D 329 30.59 21.95 12.21
CA PHE D 329 29.41 21.55 12.97
C PHE D 329 29.71 20.42 13.95
N CYS D 330 30.83 19.72 13.79
CA CYS D 330 31.14 18.57 14.63
C CYS D 330 32.02 18.92 15.84
N VAL D 331 32.81 19.99 15.74
CA VAL D 331 33.79 20.26 16.79
C VAL D 331 33.11 20.79 18.06
N LEU D 332 32.05 21.59 17.92
CA LEU D 332 31.31 22.03 19.10
C LEU D 332 30.48 20.89 19.69
N ALA D 333 30.04 19.95 18.85
CA ALA D 333 29.41 18.74 19.37
C ALA D 333 30.39 17.88 20.16
N SER D 334 31.66 17.85 19.73
CA SER D 334 32.69 17.13 20.49
C SER D 334 32.96 17.82 21.82
N LEU D 335 33.16 19.14 21.79
CA LEU D 335 33.39 19.92 23.01
C LEU D 335 32.15 20.02 23.90
N TYR D 336 30.97 19.64 23.41
CA TYR D 336 29.77 19.49 24.21
C TYR D 336 29.62 18.10 24.82
N ILE D 337 29.97 17.06 24.04
CA ILE D 337 29.84 15.69 24.54
C ILE D 337 30.96 15.35 25.51
N LEU D 338 32.10 16.07 25.46
CA LEU D 338 33.10 15.88 26.51
C LEU D 338 32.87 16.83 27.69
N TYR D 339 32.14 17.93 27.46
CA TYR D 339 31.64 18.76 28.55
C TYR D 339 30.70 17.99 29.46
N MET D 340 29.69 17.35 28.88
CA MET D 340 28.65 16.78 29.71
C MET D 340 29.04 15.41 30.27
N ILE D 341 29.95 14.66 29.66
CA ILE D 341 30.42 13.44 30.33
C ILE D 341 31.27 13.80 31.53
N CYS D 342 31.99 14.93 31.48
CA CYS D 342 32.72 15.41 32.64
C CYS D 342 31.78 15.85 33.75
N PHE D 343 30.71 16.59 33.40
CA PHE D 343 29.74 16.98 34.42
C PHE D 343 28.94 15.80 34.94
N THR D 344 28.77 14.75 34.13
CA THR D 344 28.08 13.55 34.58
C THR D 344 28.95 12.75 35.55
N THR D 345 30.20 12.56 35.16
CA THR D 345 31.16 11.82 35.95
C THR D 345 31.43 12.49 37.29
N CYS D 346 31.48 13.82 37.32
CA CYS D 346 31.83 14.49 38.57
C CYS D 346 30.67 14.47 39.57
N CYS D 347 29.45 14.18 39.11
CA CYS D 347 28.28 14.17 39.97
C CYS D 347 27.93 12.78 40.49
N ILE D 348 28.84 11.82 40.43
CA ILE D 348 28.61 10.50 41.01
C ILE D 348 29.32 10.41 42.35
N TYR D 349 29.74 11.57 42.87
CA TYR D 349 30.46 11.64 44.14
C TYR D 349 29.85 12.60 45.15
N ARG D 350 28.81 13.34 44.78
CA ARG D 350 28.43 14.52 45.56
C ARG D 350 27.70 14.23 46.87
N PRO D 351 26.81 13.22 46.98
CA PRO D 351 26.40 12.81 48.34
C PRO D 351 27.57 12.16 49.07
N LEU D 352 27.95 12.77 50.19
CA LEU D 352 29.16 12.34 50.90
C LEU D 352 28.90 12.18 52.40
N LYS D 353 27.91 12.90 52.93
CA LYS D 353 27.69 12.89 54.37
C LYS D 353 26.23 12.84 54.76
N LEU D 354 25.32 12.51 53.84
CA LEU D 354 23.90 12.51 54.12
C LEU D 354 23.40 11.21 54.74
N ARG D 355 24.31 10.32 55.12
CA ARG D 355 23.92 9.09 55.81
C ARG D 355 24.83 8.83 57.01
N ALA D 376 32.03 22.14 54.26
CA ALA D 376 33.15 21.73 55.11
C ALA D 376 33.80 20.47 54.57
N TYR D 377 34.83 20.63 53.75
CA TYR D 377 35.52 19.50 53.13
C TYR D 377 36.93 19.92 52.78
N VAL D 378 37.92 19.32 53.46
CA VAL D 378 39.33 19.52 53.13
C VAL D 378 40.00 18.14 53.08
N THR D 379 40.10 17.55 51.89
CA THR D 379 40.90 16.35 51.64
C THR D 379 41.69 16.57 50.35
N HIS D 380 42.28 15.48 49.84
CA HIS D 380 43.05 15.58 48.60
C HIS D 380 42.17 15.53 47.37
N GLN D 381 41.06 14.78 47.43
CA GLN D 381 40.15 14.65 46.30
C GLN D 381 39.24 15.86 46.15
N ASP D 382 39.18 16.72 47.18
CA ASP D 382 38.31 17.88 47.17
C ASP D 382 38.72 18.94 46.15
N ASN D 383 39.98 18.94 45.69
CA ASN D 383 40.40 19.88 44.65
C ASN D 383 39.74 19.58 43.31
N ILE D 384 39.79 18.31 42.88
CA ILE D 384 39.12 17.96 41.63
C ILE D 384 37.61 17.94 41.82
N ARG D 385 37.14 17.61 43.03
CA ARG D 385 35.72 17.72 43.37
C ARG D 385 35.22 19.16 43.26
N LEU D 386 36.07 20.14 43.55
CA LEU D 386 35.71 21.54 43.44
C LEU D 386 35.75 22.01 41.99
N VAL D 387 36.84 21.68 41.27
CA VAL D 387 36.96 22.17 39.89
C VAL D 387 36.03 21.46 38.92
N GLY D 388 35.51 20.28 39.28
CA GLY D 388 34.53 19.59 38.47
C GLY D 388 33.23 20.34 38.25
N GLU D 389 32.86 21.17 39.22
CA GLU D 389 31.72 22.06 39.01
C GLU D 389 32.14 23.52 38.83
N LEU D 390 33.38 23.88 39.18
CA LEU D 390 33.88 25.19 38.80
C LEU D 390 34.08 25.32 37.29
N VAL D 391 34.25 24.21 36.58
CA VAL D 391 34.18 24.26 35.12
C VAL D 391 32.74 24.49 34.66
N THR D 392 31.79 23.75 35.23
CA THR D 392 30.44 23.78 34.68
C THR D 392 29.66 25.03 35.07
N VAL D 393 30.11 25.81 36.06
CA VAL D 393 29.39 27.06 36.32
C VAL D 393 29.64 28.09 35.21
N THR D 394 30.89 28.27 34.77
CA THR D 394 31.17 29.12 33.63
C THR D 394 30.84 28.44 32.31
N GLY D 395 30.62 27.13 32.31
CA GLY D 395 30.02 26.49 31.15
C GLY D 395 28.51 26.54 31.11
N ALA D 396 27.86 26.87 32.22
CA ALA D 396 26.41 26.89 32.28
C ALA D 396 25.86 28.31 32.22
N VAL D 397 26.70 29.31 32.49
CA VAL D 397 26.24 30.68 32.24
C VAL D 397 26.13 30.99 30.75
N ILE D 398 26.91 30.29 29.91
CA ILE D 398 26.95 30.61 28.50
C ILE D 398 25.69 30.12 27.78
N ILE D 399 25.01 29.11 28.35
CA ILE D 399 23.83 28.55 27.69
C ILE D 399 22.62 29.47 27.82
N LEU D 400 22.67 30.44 28.73
CA LEU D 400 21.68 31.51 28.73
C LEU D 400 22.24 32.79 28.10
N LEU D 401 23.55 32.99 28.21
CA LEU D 401 24.19 34.16 27.61
C LEU D 401 24.12 34.15 26.09
N LEU D 402 23.99 32.99 25.46
CA LEU D 402 23.79 32.89 24.03
C LEU D 402 22.33 32.64 23.64
N GLU D 403 21.44 32.47 24.61
CA GLU D 403 20.08 32.06 24.25
C GLU D 403 18.99 32.96 24.81
N ILE D 404 19.34 34.05 25.50
CA ILE D 404 18.41 35.17 25.64
C ILE D 404 18.31 36.12 24.44
N PRO D 405 19.36 36.44 23.65
CA PRO D 405 19.15 37.44 22.58
C PRO D 405 18.29 36.95 21.43
N ASP D 406 18.30 35.65 21.12
CA ASP D 406 17.38 35.16 20.10
C ASP D 406 15.96 35.07 20.64
N ILE D 407 15.78 35.09 21.97
CA ILE D 407 14.45 35.23 22.54
C ILE D 407 13.93 36.65 22.33
N PHE D 408 14.69 37.68 22.76
CA PHE D 408 14.10 39.00 22.58
C PHE D 408 14.36 39.59 21.19
N ARG D 409 15.00 38.83 20.29
CA ARG D 409 14.95 39.18 18.88
C ARG D 409 13.58 38.86 18.29
N VAL D 410 13.02 37.71 18.67
CA VAL D 410 11.68 37.34 18.24
C VAL D 410 10.64 38.19 18.96
N GLY D 411 10.78 38.31 20.27
CA GLY D 411 9.91 39.14 21.08
C GLY D 411 8.99 38.38 22.01
N ALA D 412 8.65 37.13 21.67
CA ALA D 412 7.72 36.36 22.49
C ALA D 412 8.00 34.87 22.30
N SER D 413 7.58 34.07 23.27
CA SER D 413 7.74 32.62 23.15
C SER D 413 6.75 32.03 22.17
N ARG D 414 5.65 32.75 21.88
CA ARG D 414 4.61 32.24 20.99
C ARG D 414 5.07 32.19 19.54
N TYR D 415 6.10 32.94 19.17
CA TYR D 415 6.67 32.86 17.84
C TYR D 415 8.06 32.23 17.84
N PHE D 416 8.56 31.80 19.01
CA PHE D 416 9.80 31.05 19.08
C PHE D 416 9.54 29.55 19.21
N GLY D 417 8.80 29.15 20.24
CA GLY D 417 8.66 27.75 20.63
C GLY D 417 7.56 26.95 19.99
N GLN D 418 7.22 27.18 18.72
CA GLN D 418 6.19 26.41 18.04
C GLN D 418 6.69 25.75 16.76
N THR D 419 7.85 26.16 16.26
CA THR D 419 8.30 25.72 14.94
C THR D 419 8.86 24.30 15.01
N ILE D 420 8.40 23.46 14.08
CA ILE D 420 8.94 22.11 13.96
C ILE D 420 10.30 22.15 13.29
N LEU D 421 10.45 23.00 12.28
CA LEU D 421 11.69 23.07 11.52
C LEU D 421 12.78 23.80 12.30
N GLY D 422 12.42 24.84 13.05
CA GLY D 422 13.39 25.51 13.90
C GLY D 422 13.80 24.68 15.09
N GLY D 423 12.87 23.88 15.62
CA GLY D 423 13.19 22.94 16.67
C GLY D 423 12.57 23.30 18.00
N PRO D 424 11.67 22.45 18.51
CA PRO D 424 11.14 22.64 19.87
C PRO D 424 12.04 22.14 20.97
N PHE D 425 13.29 21.82 20.65
CA PHE D 425 14.24 21.30 21.63
C PHE D 425 14.79 22.34 22.61
N HIS D 426 14.41 23.60 22.44
CA HIS D 426 14.96 24.63 23.33
C HIS D 426 14.34 24.56 24.72
N VAL D 427 13.27 23.78 24.89
CA VAL D 427 12.56 23.73 26.16
C VAL D 427 13.37 22.96 27.21
N ILE D 428 14.28 22.09 26.77
CA ILE D 428 15.23 21.47 27.69
C ILE D 428 16.52 22.27 27.82
N ILE D 429 16.87 23.07 26.80
CA ILE D 429 18.01 23.98 26.90
C ILE D 429 17.75 25.05 27.95
N ILE D 430 16.51 25.54 28.05
CA ILE D 430 16.22 26.60 29.01
C ILE D 430 16.17 26.04 30.44
N THR D 431 15.77 24.77 30.61
CA THR D 431 15.69 24.22 31.95
C THR D 431 17.00 23.58 32.40
N TYR D 432 17.95 23.36 31.48
CA TYR D 432 19.29 23.00 31.91
C TYR D 432 20.00 24.17 32.56
N ALA D 433 19.61 25.40 32.22
CA ALA D 433 20.31 26.58 32.70
C ALA D 433 20.03 26.90 34.16
N SER D 434 18.85 26.52 34.64
CA SER D 434 18.43 26.86 36.00
C SER D 434 18.83 25.89 37.09
N LEU D 435 19.10 24.64 36.74
CA LEU D 435 19.45 23.67 37.76
C LEU D 435 20.73 24.04 38.49
N VAL D 436 21.72 24.52 37.75
CA VAL D 436 23.00 24.88 38.37
C VAL D 436 22.81 25.98 39.40
N LEU D 437 21.99 26.98 39.08
CA LEU D 437 21.76 28.06 40.03
C LEU D 437 21.07 27.51 41.27
N LEU D 438 20.11 26.62 41.08
CA LEU D 438 19.38 26.00 42.18
C LEU D 438 20.32 25.20 43.06
N THR D 439 21.23 24.48 42.42
CA THR D 439 22.21 23.68 43.13
C THR D 439 22.97 24.58 44.09
N MET D 440 23.01 25.87 43.77
CA MET D 440 23.71 26.83 44.60
C MET D 440 22.84 27.49 45.67
N VAL D 441 21.53 27.37 45.55
CA VAL D 441 20.64 27.92 46.56
C VAL D 441 20.69 27.06 47.83
N MET D 442 21.09 25.80 47.69
CA MET D 442 21.20 24.90 48.83
C MET D 442 22.33 25.29 49.78
N ARG D 443 23.41 25.88 49.27
CA ARG D 443 24.61 26.08 50.06
C ARG D 443 24.72 27.48 50.63
N LEU D 444 23.58 28.15 50.84
CA LEU D 444 23.51 29.35 51.65
C LEU D 444 22.73 29.14 52.93
N THR D 445 21.83 28.16 52.96
CA THR D 445 21.05 27.86 54.15
C THR D 445 21.26 26.44 54.67
N ASN D 446 21.96 25.58 53.91
CA ASN D 446 22.34 24.22 54.29
C ASN D 446 21.11 23.35 54.61
N MET D 447 20.30 23.12 53.57
CA MET D 447 19.16 22.23 53.69
C MET D 447 19.58 20.81 53.32
N ASN D 448 18.91 19.83 53.93
CA ASN D 448 19.26 18.44 53.69
C ASN D 448 18.80 17.97 52.31
N GLY D 449 19.65 17.20 51.66
CA GLY D 449 19.31 16.60 50.36
C GLY D 449 19.81 17.44 49.20
N GLU D 450 18.87 17.88 48.36
CA GLU D 450 19.13 18.64 47.11
C GLU D 450 20.06 17.91 46.15
N VAL D 451 20.02 16.58 46.15
CA VAL D 451 20.51 15.78 45.03
C VAL D 451 19.37 15.15 44.25
N VAL D 452 18.14 15.27 44.75
CA VAL D 452 16.93 14.76 44.09
C VAL D 452 16.44 15.69 42.98
N PRO D 453 16.47 17.04 43.10
CA PRO D 453 16.31 17.85 41.88
C PRO D 453 17.43 17.65 40.87
N LEU D 454 18.65 17.36 41.32
CA LEU D 454 19.72 16.98 40.40
C LEU D 454 19.40 15.66 39.72
N SER D 455 18.77 14.74 40.45
CA SER D 455 18.35 13.45 39.89
C SER D 455 17.28 13.65 38.83
N PHE D 456 16.38 14.60 39.07
CA PHE D 456 15.30 14.89 38.14
C PHE D 456 15.74 15.78 36.97
N ALA D 457 16.91 16.40 37.10
CA ALA D 457 17.41 17.29 36.06
C ALA D 457 18.45 16.64 35.16
N LEU D 458 19.28 15.74 35.70
CA LEU D 458 20.45 15.27 34.98
C LEU D 458 20.09 14.39 33.78
N VAL D 459 18.96 13.68 33.85
CA VAL D 459 18.56 12.82 32.74
C VAL D 459 18.10 13.66 31.55
N LEU D 460 17.28 14.66 31.81
CA LEU D 460 16.82 15.52 30.75
C LEU D 460 18.04 16.26 30.21
N GLY D 461 18.91 16.72 31.11
CA GLY D 461 20.08 17.43 30.65
C GLY D 461 20.92 16.58 29.71
N TRP D 462 21.11 15.31 30.05
CA TRP D 462 21.87 14.37 29.22
C TRP D 462 21.16 14.08 27.91
N CYS D 463 19.84 14.19 27.87
CA CYS D 463 19.07 13.95 26.65
C CYS D 463 19.21 15.08 25.63
N SER D 464 19.87 16.19 25.98
CA SER D 464 19.90 17.38 25.14
C SER D 464 20.80 17.25 23.92
N VAL D 465 21.64 16.22 23.84
CA VAL D 465 22.72 16.20 22.87
C VAL D 465 22.25 15.89 21.46
N MET D 466 21.02 15.43 21.27
CA MET D 466 20.55 14.97 19.98
C MET D 466 19.97 16.07 19.10
N TYR D 467 20.24 17.34 19.36
CA TYR D 467 19.76 18.38 18.47
C TYR D 467 20.73 18.58 17.31
N PHE D 468 22.02 18.31 17.55
CA PHE D 468 23.02 18.25 16.50
C PHE D 468 23.16 16.86 15.89
N ALA D 469 22.17 15.98 16.10
CA ALA D 469 22.19 14.66 15.47
C ALA D 469 21.80 14.71 14.00
N ARG D 470 21.38 15.86 13.49
CA ARG D 470 21.00 15.97 12.09
C ARG D 470 22.19 16.11 11.15
N GLY D 471 23.33 16.57 11.63
CA GLY D 471 24.44 16.80 10.72
C GLY D 471 25.36 15.62 10.59
N PHE D 472 25.09 14.79 9.59
CA PHE D 472 25.86 13.60 9.27
C PHE D 472 25.64 13.31 7.79
N GLN D 473 26.01 12.10 7.38
CA GLN D 473 25.54 11.60 6.10
C GLN D 473 24.17 10.95 6.24
N MET D 474 23.72 10.73 7.48
CA MET D 474 22.54 9.94 7.76
C MET D 474 21.93 10.42 9.08
N LEU D 475 20.95 9.65 9.58
CA LEU D 475 20.36 9.69 10.92
C LEU D 475 19.50 10.94 11.14
N GLY D 476 19.36 11.76 10.09
CA GLY D 476 18.54 12.95 10.14
C GLY D 476 17.05 12.70 10.28
N PRO D 477 16.42 12.07 9.27
CA PRO D 477 14.96 11.86 9.34
C PRO D 477 14.50 10.85 10.38
N PHE D 478 15.41 10.17 11.08
CA PHE D 478 14.98 9.26 12.14
C PHE D 478 14.49 10.00 13.37
N THR D 479 15.08 11.14 13.69
CA THR D 479 14.69 11.92 14.86
C THR D 479 13.66 13.00 14.56
N ILE D 480 13.21 13.10 13.31
CA ILE D 480 12.21 14.08 12.92
C ILE D 480 10.79 13.52 13.08
N MET D 481 10.60 12.25 12.76
CA MET D 481 9.28 11.62 12.85
C MET D 481 8.81 11.52 14.30
N ILE D 482 9.74 11.24 15.23
CA ILE D 482 9.36 11.10 16.64
C ILE D 482 8.89 12.43 17.21
N GLN D 483 9.58 13.52 16.87
CA GLN D 483 9.17 14.84 17.32
C GLN D 483 7.94 15.32 16.57
N LYS D 484 7.75 14.83 15.33
CA LYS D 484 6.54 15.14 14.59
C LYS D 484 5.30 14.52 15.22
N MET D 485 5.41 13.30 15.76
CA MET D 485 4.21 12.60 16.21
C MET D 485 4.10 12.39 17.72
N ILE D 486 5.04 12.90 18.53
CA ILE D 486 4.75 13.10 19.96
C ILE D 486 3.54 14.02 20.13
N PHE D 487 3.54 15.14 19.41
CA PHE D 487 2.38 16.02 19.39
C PHE D 487 1.23 15.42 18.62
N GLY D 488 1.49 14.50 17.70
CA GLY D 488 0.44 13.97 16.85
C GLY D 488 -0.39 12.85 17.46
N ASP D 489 0.23 11.69 17.76
CA ASP D 489 -0.54 10.54 18.17
C ASP D 489 -0.07 9.90 19.47
N LEU D 490 0.94 10.47 20.12
CA LEU D 490 1.19 10.12 21.52
C LEU D 490 0.19 10.80 22.43
N MET D 491 -0.39 11.92 21.98
CA MET D 491 -1.35 12.67 22.77
C MET D 491 -2.67 11.92 22.95
N ARG D 492 -3.04 11.07 21.99
CA ARG D 492 -4.35 10.39 22.01
C ARG D 492 -4.50 9.46 23.20
N PHE D 493 -3.64 8.45 23.30
CA PHE D 493 -3.84 7.41 24.31
C PHE D 493 -3.38 7.86 25.70
N CYS D 494 -2.69 9.00 25.81
CA CYS D 494 -2.36 9.51 27.14
C CYS D 494 -3.57 10.13 27.83
N TRP D 495 -4.63 10.46 27.10
CA TRP D 495 -5.89 10.89 27.70
C TRP D 495 -6.86 9.73 27.93
N LEU D 496 -6.55 8.53 27.42
CA LEU D 496 -7.41 7.38 27.61
C LEU D 496 -6.78 6.29 28.46
N MET D 497 -5.48 6.36 28.73
CA MET D 497 -4.83 5.32 29.52
C MET D 497 -4.92 5.63 31.01
N ALA D 498 -4.85 6.91 31.38
CA ALA D 498 -4.99 7.30 32.78
C ALA D 498 -6.42 7.13 33.26
N VAL D 499 -7.39 7.32 32.36
CA VAL D 499 -8.79 7.25 32.75
C VAL D 499 -9.29 5.82 32.88
N VAL D 500 -8.55 4.83 32.40
CA VAL D 500 -9.03 3.45 32.46
C VAL D 500 -8.36 2.67 33.60
N ILE D 501 -7.21 3.11 34.08
CA ILE D 501 -6.45 2.31 35.04
C ILE D 501 -6.94 2.49 36.46
N LEU D 502 -7.51 3.64 36.82
CA LEU D 502 -7.84 3.86 38.23
C LEU D 502 -9.12 3.14 38.63
N GLY D 503 -10.03 2.85 37.70
CA GLY D 503 -11.16 1.99 38.01
C GLY D 503 -10.72 0.56 38.27
N PHE D 504 -9.78 0.05 37.46
CA PHE D 504 -9.10 -1.21 37.72
C PHE D 504 -8.43 -1.19 39.09
N ALA D 505 -7.81 -0.07 39.45
CA ALA D 505 -7.11 0.06 40.73
C ALA D 505 -8.07 0.05 41.90
N SER D 506 -9.21 0.74 41.76
CA SER D 506 -10.21 0.75 42.83
C SER D 506 -10.86 -0.60 42.98
N ALA D 507 -11.11 -1.30 41.87
CA ALA D 507 -11.67 -2.65 41.94
C ALA D 507 -10.68 -3.64 42.54
N PHE D 508 -9.39 -3.41 42.34
CA PHE D 508 -8.39 -4.28 42.97
C PHE D 508 -8.21 -3.93 44.43
N HIS D 509 -8.35 -2.66 44.80
CA HIS D 509 -8.15 -2.23 46.17
C HIS D 509 -9.32 -2.60 47.06
N ILE D 510 -10.54 -2.59 46.52
CA ILE D 510 -11.72 -2.89 47.33
C ILE D 510 -11.80 -4.38 47.70
N THR D 511 -11.09 -5.25 46.99
CA THR D 511 -11.19 -6.68 47.26
C THR D 511 -10.16 -7.13 48.30
N PHE D 512 -8.88 -6.77 48.10
CA PHE D 512 -7.81 -7.30 48.93
C PHE D 512 -7.74 -6.67 50.31
N GLN D 513 -8.53 -5.64 50.61
CA GLN D 513 -8.51 -5.09 51.95
C GLN D 513 -9.28 -5.94 52.95
N THR D 514 -10.06 -6.92 52.48
CA THR D 514 -10.70 -7.88 53.39
C THR D 514 -9.71 -8.90 53.92
N GLU D 515 -8.54 -9.04 53.30
CA GLU D 515 -7.49 -9.94 53.75
C GLU D 515 -6.32 -9.15 54.29
N ASP D 516 -5.26 -9.88 54.66
CA ASP D 516 -4.07 -9.30 55.28
C ASP D 516 -3.10 -8.77 54.22
N PRO D 517 -2.28 -7.77 54.59
CA PRO D 517 -1.22 -7.34 53.67
C PRO D 517 0.05 -8.19 53.77
N ASN D 518 -0.04 -9.35 54.42
CA ASN D 518 1.11 -10.21 54.64
C ASN D 518 1.20 -11.38 53.67
N ASN D 519 0.06 -11.91 53.23
CA ASN D 519 0.08 -13.07 52.34
C ASN D 519 0.53 -12.68 50.93
N LEU D 520 0.09 -11.53 50.43
CA LEU D 520 0.48 -11.06 49.10
C LEU D 520 1.31 -9.78 49.17
N GLY D 521 0.79 -8.73 49.81
CA GLY D 521 1.55 -7.50 49.99
C GLY D 521 1.74 -6.66 48.76
N GLU D 522 1.00 -6.92 47.68
CA GLU D 522 1.16 -6.13 46.47
C GLU D 522 0.21 -4.95 46.43
N PHE D 523 -1.05 -5.17 46.80
CA PHE D 523 -2.09 -4.15 46.76
C PHE D 523 -2.37 -3.74 48.20
N SER D 524 -1.62 -2.74 48.69
CA SER D 524 -1.71 -2.34 50.08
C SER D 524 -2.60 -1.12 50.28
N ASP D 525 -2.28 -0.02 49.61
CA ASP D 525 -2.94 1.24 49.86
C ASP D 525 -3.14 1.93 48.51
N TYR D 526 -4.01 2.93 48.49
CA TYR D 526 -4.41 3.76 47.35
C TYR D 526 -3.28 4.34 46.48
N PRO D 527 -2.15 4.92 47.03
CA PRO D 527 -1.15 5.50 46.10
C PRO D 527 -0.36 4.45 45.32
N THR D 528 -0.04 3.31 45.93
CA THR D 528 0.73 2.30 45.22
C THR D 528 -0.13 1.39 44.36
N ALA D 529 -1.46 1.38 44.55
CA ALA D 529 -2.31 0.50 43.77
C ALA D 529 -2.47 1.01 42.34
N LEU D 530 -2.69 2.32 42.18
CA LEU D 530 -2.79 2.91 40.84
C LEU D 530 -1.46 2.84 40.11
N PHE D 531 -0.36 3.08 40.83
CA PHE D 531 0.98 2.90 40.24
C PHE D 531 1.23 1.46 39.82
N SER D 532 0.81 0.50 40.65
CA SER D 532 1.04 -0.90 40.37
C SER D 532 0.25 -1.36 39.15
N THR D 533 -1.03 -0.98 39.06
CA THR D 533 -1.78 -1.36 37.87
C THR D 533 -1.38 -0.56 36.64
N PHE D 534 -0.85 0.67 36.83
CA PHE D 534 -0.40 1.47 35.70
C PHE D 534 0.83 0.87 35.05
N GLU D 535 1.77 0.37 35.87
CA GLU D 535 2.92 -0.30 35.28
C GLU D 535 2.64 -1.77 34.98
N LEU D 536 1.56 -2.33 35.54
CA LEU D 536 1.18 -3.71 35.26
C LEU D 536 0.44 -3.84 33.94
N PHE D 537 -0.15 -2.74 33.44
CA PHE D 537 -0.71 -2.75 32.10
C PHE D 537 0.35 -2.95 31.03
N LEU D 538 1.59 -2.54 31.29
CA LEU D 538 2.64 -2.52 30.28
C LEU D 538 3.43 -3.81 30.21
N THR D 539 2.90 -4.92 30.77
CA THR D 539 3.50 -6.27 30.87
C THR D 539 4.99 -6.26 31.24
N ILE D 540 5.36 -5.35 32.14
CA ILE D 540 6.74 -5.23 32.59
C ILE D 540 7.07 -6.24 33.67
N ILE D 541 6.29 -6.28 34.75
CA ILE D 541 6.48 -7.23 35.83
C ILE D 541 5.36 -8.25 35.78
N ASP D 542 5.65 -9.46 36.26
CA ASP D 542 4.64 -10.50 36.25
C ASP D 542 3.58 -10.26 37.33
N GLY D 543 2.37 -10.72 37.05
CA GLY D 543 1.25 -10.56 37.96
C GLY D 543 1.45 -11.35 39.24
N PRO D 544 0.88 -10.84 40.33
CA PRO D 544 1.12 -11.47 41.64
C PRO D 544 0.39 -12.79 41.78
N ALA D 545 1.03 -13.70 42.52
CA ALA D 545 0.50 -15.05 42.67
C ALA D 545 0.98 -15.63 43.99
N ASN D 546 0.11 -16.40 44.62
CA ASN D 546 0.42 -17.10 45.86
C ASN D 546 -0.48 -18.32 45.94
N TYR D 547 0.01 -19.36 46.60
CA TYR D 547 -0.70 -20.64 46.71
C TYR D 547 -0.68 -21.08 48.17
N SER D 548 -1.77 -20.79 48.88
CA SER D 548 -1.89 -21.12 50.29
C SER D 548 -3.36 -21.40 50.58
N VAL D 549 -3.73 -21.37 51.86
CA VAL D 549 -5.11 -21.67 52.26
C VAL D 549 -6.05 -20.50 51.96
N ASP D 550 -5.52 -19.31 51.73
CA ASP D 550 -6.33 -18.14 51.40
C ASP D 550 -6.25 -17.85 49.91
N LEU D 551 -7.41 -17.58 49.30
CA LEU D 551 -7.49 -17.37 47.86
C LEU D 551 -8.70 -16.50 47.55
N PRO D 552 -8.52 -15.35 46.90
CA PRO D 552 -9.65 -14.47 46.61
C PRO D 552 -10.52 -14.98 45.47
N PHE D 553 -11.80 -14.63 45.55
CA PHE D 553 -12.82 -15.14 44.63
C PHE D 553 -12.93 -14.31 43.35
N MET D 554 -13.00 -12.99 43.49
CA MET D 554 -13.37 -12.15 42.36
C MET D 554 -12.17 -11.83 41.47
N TYR D 555 -10.95 -12.04 41.97
CA TYR D 555 -9.75 -11.51 41.31
C TYR D 555 -9.45 -12.20 39.99
N CYS D 556 -9.85 -13.47 39.84
CA CYS D 556 -9.43 -14.26 38.68
C CYS D 556 -10.11 -13.79 37.40
N ILE D 557 -11.43 -13.64 37.41
CA ILE D 557 -12.13 -13.30 36.18
C ILE D 557 -11.93 -11.83 35.83
N THR D 558 -11.75 -10.96 36.83
CA THR D 558 -11.43 -9.57 36.49
C THR D 558 -9.98 -9.43 36.06
N TYR D 559 -9.11 -10.35 36.47
CA TYR D 559 -7.75 -10.39 35.93
C TYR D 559 -7.77 -10.84 34.48
N ALA D 560 -8.62 -11.81 34.16
CA ALA D 560 -8.79 -12.24 32.77
C ALA D 560 -9.43 -11.15 31.92
N ALA D 561 -10.35 -10.38 32.52
CA ALA D 561 -10.96 -9.26 31.80
C ALA D 561 -9.99 -8.11 31.62
N PHE D 562 -9.04 -7.94 32.53
CA PHE D 562 -7.97 -6.98 32.31
C PHE D 562 -7.02 -7.46 31.22
N ALA D 563 -6.75 -8.77 31.18
CA ALA D 563 -5.85 -9.31 30.16
C ALA D 563 -6.48 -9.27 28.77
N ILE D 564 -7.80 -9.44 28.68
CA ILE D 564 -8.47 -9.41 27.37
C ILE D 564 -8.55 -7.98 26.83
N ILE D 565 -8.35 -6.97 27.68
CA ILE D 565 -8.21 -5.59 27.21
C ILE D 565 -6.75 -5.24 26.95
N ALA D 566 -5.82 -5.74 27.76
CA ALA D 566 -4.39 -5.51 27.57
C ALA D 566 -3.83 -6.23 26.35
N THR D 567 -4.52 -7.25 25.84
CA THR D 567 -4.08 -7.94 24.64
C THR D 567 -4.52 -7.26 23.36
N LEU D 568 -5.36 -6.24 23.42
CA LEU D 568 -5.64 -5.56 22.16
C LEU D 568 -5.49 -4.05 22.23
N LEU D 569 -5.65 -3.44 23.40
CA LEU D 569 -5.67 -1.98 23.46
C LEU D 569 -4.27 -1.39 23.33
N MET D 570 -3.28 -2.02 23.98
CA MET D 570 -1.88 -1.66 23.81
C MET D 570 -1.40 -1.86 22.38
N LEU D 571 -2.00 -2.79 21.63
CA LEU D 571 -1.68 -3.00 20.23
C LEU D 571 -2.47 -2.08 19.29
N ASN D 572 -3.62 -1.59 19.73
CA ASN D 572 -4.32 -0.52 19.02
C ASN D 572 -3.65 0.84 19.19
N LEU D 573 -2.69 0.97 20.10
CA LEU D 573 -1.75 2.08 20.00
C LEU D 573 -0.86 1.97 18.77
N PHE D 574 -0.40 0.76 18.45
CA PHE D 574 0.50 0.51 17.32
C PHE D 574 -0.14 0.76 15.96
N ILE D 575 -1.45 0.64 15.83
CA ILE D 575 -2.04 0.92 14.52
C ILE D 575 -2.18 2.41 14.25
N ALA D 576 -2.55 3.19 15.28
CA ALA D 576 -2.47 4.65 15.16
C ALA D 576 -1.03 5.11 15.00
N MET D 577 -0.08 4.37 15.59
CA MET D 577 1.34 4.58 15.31
C MET D 577 1.67 4.31 13.85
N MET D 578 1.15 3.24 13.28
CA MET D 578 1.60 2.77 11.97
C MET D 578 0.96 3.57 10.84
N GLY D 579 -0.25 4.09 11.05
CA GLY D 579 -1.00 4.78 9.99
C GLY D 579 -0.37 6.08 9.51
N ASP D 580 0.65 6.58 10.18
CA ASP D 580 1.24 7.86 9.79
C ASP D 580 2.37 7.66 8.78
N THR D 581 3.24 6.67 9.03
CA THR D 581 4.45 6.55 8.24
C THR D 581 4.17 6.06 6.82
N HIS D 582 3.11 5.26 6.65
CA HIS D 582 2.85 4.62 5.37
C HIS D 582 2.44 5.63 4.30
N TRP D 583 1.33 6.32 4.53
CA TRP D 583 0.91 7.32 3.55
C TRP D 583 0.86 8.77 4.09
N ARG D 584 0.68 8.91 5.40
CA ARG D 584 0.55 10.24 6.00
C ARG D 584 1.73 11.23 5.99
N VAL D 585 2.92 10.77 6.33
CA VAL D 585 4.08 11.67 6.38
C VAL D 585 5.34 11.15 5.69
N ALA D 586 5.16 10.16 4.82
CA ALA D 586 6.30 9.50 4.18
C ALA D 586 7.12 10.48 3.35
N GLN D 587 6.50 11.56 2.88
CA GLN D 587 7.21 12.53 2.06
C GLN D 587 7.76 13.67 2.93
N GLU D 588 7.31 13.77 4.19
CA GLU D 588 7.61 14.94 5.00
C GLU D 588 9.02 14.90 5.58
N ARG D 589 9.59 13.72 5.82
CA ARG D 589 10.81 13.65 6.61
C ARG D 589 12.07 13.92 5.81
N ASP D 590 11.97 14.16 4.50
CA ASP D 590 13.16 14.46 3.72
C ASP D 590 13.28 15.94 3.36
N GLU D 591 12.15 16.58 3.05
CA GLU D 591 12.19 18.01 2.74
C GLU D 591 12.47 18.84 3.99
N LEU D 592 11.95 18.42 5.14
CA LEU D 592 12.34 19.03 6.40
C LEU D 592 13.81 18.78 6.71
N TRP D 593 14.33 17.62 6.32
CA TRP D 593 15.75 17.32 6.51
C TRP D 593 16.64 18.23 5.66
N ARG D 594 16.24 18.49 4.43
CA ARG D 594 17.00 19.43 3.60
C ARG D 594 16.64 20.89 3.87
N ALA D 595 15.69 21.17 4.78
CA ALA D 595 15.48 22.53 5.25
C ALA D 595 16.17 22.84 6.58
N GLN D 596 16.41 21.83 7.44
CA GLN D 596 17.15 22.10 8.68
C GLN D 596 18.59 22.51 8.40
N VAL D 597 19.16 22.12 7.26
CA VAL D 597 20.54 22.50 6.96
C VAL D 597 20.64 24.00 6.68
N VAL D 598 19.70 24.58 5.94
CA VAL D 598 19.74 26.02 5.72
C VAL D 598 19.33 26.76 6.98
N ALA D 599 18.46 26.16 7.80
CA ALA D 599 18.12 26.76 9.09
C ALA D 599 19.34 26.85 10.01
N THR D 600 20.08 25.75 10.16
CA THR D 600 21.22 25.76 11.07
C THR D 600 22.40 26.55 10.50
N THR D 601 22.57 26.65 9.18
CA THR D 601 23.68 27.48 8.71
C THR D 601 23.36 28.96 8.76
N VAL D 602 22.09 29.37 8.61
CA VAL D 602 21.77 30.77 8.78
C VAL D 602 21.79 31.14 10.25
N MET D 603 21.46 30.19 11.14
CA MET D 603 21.56 30.48 12.57
C MET D 603 23.02 30.50 13.04
N LEU D 604 23.89 29.73 12.37
CA LEU D 604 25.28 29.63 12.80
C LEU D 604 26.14 30.74 12.21
N GLU D 605 25.74 31.29 11.05
CA GLU D 605 26.54 32.35 10.44
C GLU D 605 26.43 33.66 11.21
N ARG D 606 25.27 33.92 11.81
CA ARG D 606 25.01 35.21 12.47
C ARG D 606 25.47 35.23 13.92
N LYS D 607 26.20 34.23 14.39
CA LYS D 607 26.75 34.21 15.73
C LYS D 607 28.26 34.06 15.77
N MET D 608 28.83 33.31 14.83
CA MET D 608 30.27 33.09 14.79
C MET D 608 30.97 34.33 14.21
N PRO D 609 32.25 34.47 14.55
CA PRO D 609 33.15 35.55 14.17
C PRO D 609 33.36 35.58 12.66
N ARG D 610 33.61 36.78 12.14
CA ARG D 610 33.83 37.01 10.73
C ARG D 610 35.05 36.30 10.15
N PHE D 611 36.07 36.10 10.97
CA PHE D 611 37.29 35.45 10.53
C PHE D 611 36.94 34.07 9.98
N LEU D 612 36.01 33.37 10.61
CA LEU D 612 35.66 32.04 10.08
C LEU D 612 34.65 32.01 8.91
N TRP D 613 34.18 33.16 8.45
CA TRP D 613 33.22 33.17 7.34
C TRP D 613 33.53 34.24 6.31
N PRO D 614 34.10 33.88 5.16
CA PRO D 614 33.98 34.73 3.97
C PRO D 614 32.72 34.34 3.21
N ARG D 615 32.35 35.20 2.25
CA ARG D 615 31.17 34.91 1.44
C ARG D 615 31.58 34.16 0.17
N SER D 616 30.73 33.23 -0.26
CA SER D 616 31.04 32.33 -1.35
C SER D 616 30.87 33.02 -2.70
N GLY D 617 31.21 32.30 -3.76
CA GLY D 617 31.18 32.84 -5.10
C GLY D 617 32.57 33.19 -5.61
N ILE D 618 32.64 34.13 -6.56
CA ILE D 618 33.90 34.66 -7.05
C ILE D 618 33.99 36.13 -6.68
N CYS D 619 35.18 36.71 -6.89
CA CYS D 619 35.44 38.06 -6.40
C CYS D 619 34.75 39.12 -7.24
N GLY D 620 34.92 39.09 -8.55
CA GLY D 620 34.37 40.13 -9.41
C GLY D 620 35.31 41.29 -9.65
N TYR D 621 36.06 41.69 -8.63
CA TYR D 621 37.06 42.73 -8.80
C TYR D 621 38.26 42.18 -9.58
N GLU D 622 39.09 43.12 -10.03
CA GLU D 622 40.12 43.11 -11.11
C GLU D 622 39.41 43.19 -12.47
N TYR D 623 38.07 43.10 -12.49
CA TYR D 623 37.28 43.12 -13.71
C TYR D 623 36.30 44.28 -13.60
N GLY D 624 36.10 45.01 -14.69
CA GLY D 624 35.24 46.17 -14.68
C GLY D 624 33.76 45.85 -14.73
N LEU D 625 33.27 45.08 -13.76
CA LEU D 625 31.86 44.68 -13.74
C LEU D 625 31.08 45.31 -12.59
N GLY D 626 31.77 45.90 -11.62
CA GLY D 626 31.12 46.47 -10.46
C GLY D 626 31.01 45.47 -9.32
N ASP D 627 30.46 45.96 -8.20
CA ASP D 627 30.30 45.16 -6.98
C ASP D 627 29.04 44.28 -7.08
N ARG D 628 29.15 43.20 -7.86
CA ARG D 628 28.02 42.32 -8.10
C ARG D 628 28.26 40.85 -7.76
N TRP D 629 29.51 40.36 -7.81
CA TRP D 629 29.95 39.13 -7.15
C TRP D 629 29.21 37.87 -7.65
N PHE D 630 29.44 37.56 -8.92
CA PHE D 630 28.68 36.54 -9.65
C PHE D 630 28.98 35.12 -9.14
N LEU D 631 28.27 34.14 -9.68
CA LEU D 631 28.45 32.74 -9.30
C LEU D 631 28.11 31.87 -10.50
N ARG D 632 28.79 30.74 -10.67
CA ARG D 632 28.47 29.83 -11.75
C ARG D 632 28.03 28.47 -11.23
N VAL D 633 26.95 27.94 -11.81
CA VAL D 633 26.69 26.51 -11.84
C VAL D 633 26.57 26.13 -13.32
N GLU D 634 26.85 24.87 -13.63
CA GLU D 634 26.85 24.38 -15.00
C GLU D 634 25.67 23.45 -15.20
N ASN D 635 24.97 23.60 -16.33
CA ASN D 635 23.73 22.88 -16.61
C ASN D 635 23.93 21.98 -17.83
N HIS D 636 23.19 20.87 -17.85
CA HIS D 636 23.27 19.91 -18.93
C HIS D 636 21.88 19.52 -19.38
N HIS D 637 21.71 19.34 -20.69
CA HIS D 637 20.42 18.94 -21.25
C HIS D 637 20.47 17.46 -21.65
C1 ECL E . -15.86 -5.45 29.91
N1 ECL E . -19.31 -4.68 27.48
C2 ECL E . -17.08 -5.39 30.42
CL2 ECL E . -17.43 -8.88 32.58
C3 ECL E . -20.10 -5.58 28.18
CL4 ECL E . -16.04 0.65 23.35
C5 ECL E . -17.43 -1.30 24.57
C6 ECL E . -20.18 -6.22 26.08
C7 ECL E . -19.36 -5.07 26.15
C8 ECL E . -15.36 -4.32 29.03
CL8 ECL E . -14.31 -1.87 27.92
C9 ECL E . -15.42 -7.63 30.96
C10 ECL E . -14.98 -6.66 30.20
C11 ECL E . -16.82 -7.56 31.56
C13 ECL E . -17.59 -6.52 31.31
C14 ECL E . -16.35 -0.58 24.60
C15 ECL E . -15.33 -0.78 25.72
C16 ECL E . -15.55 -1.68 26.65
C17 ECL E . -16.81 -2.54 26.62
C19 ECL E . -18.60 -3.54 28.03
N19 ECL E . -20.62 -6.52 27.37
C20 ECL E . -17.12 -3.61 27.67
O20 ECL E . -16.38 -3.39 28.84
C21 ECL E . -17.69 -2.35 25.65
H2 ECL E . -17.62 -4.65 30.25
H3 ECL E . -20.24 -5.55 29.10
H5 ECL E . -18.07 -1.19 23.89
H6 ECL E . -20.38 -6.70 25.31
H7 ECL E . -18.93 -4.65 25.43
H8 ECL E . -15.07 -4.68 28.18
H8A ECL E . -14.61 -3.88 29.47
H9 ECL E . -14.87 -8.37 31.13
H10 ECL E . -14.12 -6.69 29.83
H13 ECL E . -18.45 -6.49 31.67
H15 ECL E . -14.55 -0.27 25.74
H19 ECL E . -18.69 -3.54 29.00
H19A ECL E . -18.99 -2.72 27.68
H20 ECL E . -16.91 -4.48 27.31
H21 ECL E . -18.46 -2.86 25.63
CA CA F . 9.19 -12.47 35.53
C1 ECL G . 1.35 -29.86 16.88
N1 ECL G . 0.63 -31.39 12.94
C2 ECL G . 1.15 -31.14 16.65
CL2 ECL G . 4.39 -32.95 18.48
C3 ECL G . 1.40 -32.51 13.16
CL4 ECL G . -4.03 -25.88 10.92
C5 ECL G . -2.30 -27.91 11.31
C6 ECL G . 2.26 -31.53 11.38
C7 ECL G . 1.15 -30.76 11.81
C8 ECL G . 0.34 -28.85 16.35
CL8 ECL G . -1.91 -27.11 15.84
C9 ECL G . 3.43 -30.27 18.13
C10 ECL G . 2.57 -29.39 17.66
C11 ECL G . 3.22 -31.76 17.87
C13 ECL G . 2.16 -32.16 17.18
C14 ECL G . -2.97 -26.93 11.88
C15 ECL G . -2.82 -26.69 13.38
C16 ECL G . -2.03 -27.46 14.10
C17 ECL G . -1.26 -28.60 13.44
C19 ECL G . -0.51 -30.96 13.72
N19 ECL G . 2.38 -32.63 12.25
C20 ECL G . -0.33 -29.53 14.21
O20 ECL G . -0.62 -29.51 15.58
C21 ECL G . -1.39 -28.80 12.14
H2 ECL G . 0.41 -31.43 16.18
H3 ECL G . 1.26 -33.11 13.85
H5 ECL G . -2.40 -28.06 10.40
H6 ECL G . 2.80 -31.34 10.65
H7 ECL G . 0.84 -29.97 11.42
H8 ECL G . 0.81 -28.19 15.80
H8A ECL G . -0.09 -28.40 17.10
H9 ECL G . 4.17 -29.99 18.60
H10 ECL G . 2.70 -28.49 17.82
H13 ECL G . 2.04 -33.07 17.03
H15 ECL G . -3.29 -25.99 13.78
H19 ECL G . -0.62 -31.55 14.48
H19A ECL G . -1.32 -31.01 13.17
H20 ECL G . 0.59 -29.25 14.08
H21 ECL G . -0.93 -29.50 11.74
C1 ECL H . 27.94 -10.82 16.67
N1 ECL H . 29.84 -9.48 13.06
C2 ECL H . 29.23 -10.99 16.46
CL2 ECL H . 31.01 -9.43 19.84
C3 ECL H . 30.97 -9.07 13.73
CL4 ECL H . 24.32 -11.76 8.53
C5 ECL H . 26.38 -10.73 9.91
C6 ECL H . 30.23 -7.30 12.63
C7 ECL H . 29.35 -8.38 12.36
C8 ECL H . 26.94 -11.28 15.62
CL8 ECL H . 25.14 -12.72 13.88
C9 ECL H . 28.33 -9.77 18.86
C10 ECL H . 27.46 -10.16 17.96
C11 ECL H . 29.82 -9.97 18.62
C13 ECL H . 30.24 -10.54 17.50
C14 ECL H . 25.32 -11.48 9.98
C15 ECL H . 24.92 -12.13 11.30
C16 ECL H . 25.66 -11.94 12.37
C17 ECL H . 26.90 -11.05 12.30
C19 ECL H . 29.26 -10.83 13.08
N19 ECL H . 31.23 -7.77 13.49
C20 ECL H . 27.80 -10.78 13.51
O20 ECL H . 27.62 -11.74 14.50
C21 ECL H . 27.23 -10.49 11.15
H2 ECL H . 29.52 -11.39 15.67
H3 ECL H . 31.49 -9.62 14.27
H5 ECL H . 26.62 -10.33 9.10
H6 ECL H . 30.16 -6.44 12.30
H7 ECL H . 28.61 -8.36 11.82
H8 ECL H . 26.37 -10.53 15.38
H8A ECL H . 26.39 -11.99 15.99
H9 ECL H . 28.04 -9.37 19.65
H10 ECL H . 26.55 -10.04 18.11
H13 ECL H . 31.15 -10.66 17.36
H15 ECL H . 24.17 -12.67 11.35
H19 ECL H . 29.76 -11.37 13.70
H19A ECL H . 29.32 -11.21 12.18
H20 ECL H . 27.59 -9.90 13.87
H21 ECL H . 27.99 -9.96 11.10
C1 ECL I . 10.66 13.53 29.69
N1 ECL I . 9.81 17.17 27.60
C2 ECL I . 10.92 14.70 30.21
CL2 ECL I . 9.13 14.57 33.92
C3 ECL I . 9.39 17.81 28.75
CL4 ECL I . 12.23 14.70 20.94
C5 ECL I . 11.17 15.82 23.16
C6 ECL I . 7.70 17.96 27.33
C7 ECL I . 8.76 17.25 26.69
C8 ECL I . 11.16 13.18 28.29
CL8 ECL I . 12.67 12.45 25.93
C9 ECL I . 9.42 12.80 31.68
C10 ECL I . 9.84 12.50 30.48
C11 ECL I . 9.72 14.16 32.29
C13 ECL I . 10.42 15.04 31.61
C14 ECL I . 11.86 14.81 22.68
C15 ECL I . 12.34 13.71 23.62
C16 ECL I . 12.08 13.77 24.90
C17 ECL I . 11.28 14.95 25.46
C19 ECL I . 11.10 16.54 27.37
N19 ECL I . 8.14 18.29 28.62
C20 ECL I . 10.93 15.09 26.95
O20 ECL I . 11.78 14.31 27.74
C21 ECL I . 10.86 15.90 24.65
H2 ECL I . 11.43 15.33 29.73
H3 ECL I . 9.90 17.90 29.51
H5 ECL I . 10.88 16.49 22.59
H6 ECL I . 6.87 18.15 26.96
H7 ECL I . 8.76 16.91 25.82
H8 ECL I . 10.42 12.92 27.74
H8A ECL I . 11.81 12.46 28.34
H9 ECL I . 8.92 12.17 32.16
H10 ECL I . 9.67 11.67 30.10
H13 ECL I . 10.60 15.88 31.98
H15 ECL I . 12.83 12.99 23.28
H19 ECL I . 11.62 16.58 28.20
H19A ECL I . 11.58 17.03 26.68
H20 ECL I . 10.02 14.81 27.09
H21 ECL I . 10.38 16.61 24.98
#